data_3CSQ
#
_entry.id   3CSQ
#
_cell.length_a   53.842
_cell.length_b   133.963
_cell.length_c   85.725
_cell.angle_alpha   90.00
_cell.angle_beta   89.99
_cell.angle_gamma   90.00
#
_symmetry.space_group_name_H-M   'P 1 21 1'
#
loop_
_entity.id
_entity.type
_entity.pdbx_description
1 polymer 'Morphogenesis protein 1'
2 non-polymer 'ZINC ION'
3 water water
#
_entity_poly.entity_id   1
_entity_poly.type   'polypeptide(L)'
_entity_poly.pdbx_seq_one_letter_code
;MVYVSNKYLTMSEMKVNAQYILNYLSSNGWTKQAICGMLGNMQSESTINPGLWQNLDEGNTSLGFGLVQWTPASNYINWA
NSQGLPYKNMDSELKRIIWEVNNNAQWINLRDMTFKEYIKSTKTPRELAMIFLASYERPANPNQPERGDQAEYWYKNLSG
GGGGGLQLAQFPMDIINISQGENGSFSHKGTLCIDFVGKTEKYPYYAPCDCTCVWRGDASAYLAWTSDKEVMCADGSVRY
ITWVNVHESPLPFDVGKKLKKGDLMGHTGIGGNVTGDHWHFNVIDGKEYQGWTKKPDSCLAGTELHIYDVFAVNNVEIIN
GNGYDWKTSDWQDG
;
_entity_poly.pdbx_strand_id   A,B,C,D
#
loop_
_chem_comp.id
_chem_comp.type
_chem_comp.name
_chem_comp.formula
ZN non-polymer 'ZINC ION' 'Zn 2'
#
# COMPACT_ATOMS: atom_id res chain seq x y z
N MET A 1 -26.61 7.90 -9.09
CA MET A 1 -27.41 9.05 -8.60
C MET A 1 -28.21 8.68 -7.38
N VAL A 2 -27.95 9.38 -6.28
CA VAL A 2 -28.83 9.33 -5.13
C VAL A 2 -29.05 10.77 -4.59
N TYR A 3 -30.21 11.00 -3.97
CA TYR A 3 -30.50 12.26 -3.28
C TYR A 3 -30.09 12.09 -1.81
N VAL A 4 -29.15 12.92 -1.37
CA VAL A 4 -28.65 12.90 0.02
C VAL A 4 -28.57 14.31 0.56
N SER A 5 -29.35 14.59 1.60
CA SER A 5 -29.48 15.96 2.11
C SER A 5 -30.20 15.95 3.45
N ASN A 6 -30.09 17.05 4.20
CA ASN A 6 -30.85 17.25 5.41
C ASN A 6 -32.17 17.97 5.12
N LYS A 7 -32.95 17.42 4.21
CA LYS A 7 -34.22 18.04 3.80
CA LYS A 7 -34.21 18.04 3.78
C LYS A 7 -35.19 16.94 3.35
N TYR A 8 -36.50 17.15 3.56
CA TYR A 8 -37.52 16.13 3.14
C TYR A 8 -37.63 16.01 1.62
N LEU A 9 -37.53 14.79 1.13
CA LEU A 9 -37.55 14.56 -0.29
C LEU A 9 -38.96 14.54 -0.83
N THR A 10 -39.12 14.99 -2.09
CA THR A 10 -40.39 14.86 -2.80
C THR A 10 -40.53 13.40 -3.25
N MET A 11 -41.71 13.00 -3.74
CA MET A 11 -41.90 11.66 -4.27
C MET A 11 -40.97 11.34 -5.43
N SER A 12 -40.72 12.34 -6.28
CA SER A 12 -39.77 12.16 -7.40
C SER A 12 -38.38 11.79 -6.90
N GLU A 13 -37.87 12.56 -5.95
CA GLU A 13 -36.53 12.27 -5.36
C GLU A 13 -36.50 10.91 -4.61
N MET A 14 -37.53 10.63 -3.79
CA MET A 14 -37.64 9.33 -3.10
C MET A 14 -37.66 8.16 -4.06
N LYS A 15 -38.38 8.32 -5.18
CA LYS A 15 -38.46 7.24 -6.21
C LYS A 15 -37.07 6.84 -6.76
N VAL A 16 -36.23 7.85 -6.95
CA VAL A 16 -34.84 7.62 -7.37
C VAL A 16 -34.10 6.82 -6.28
N ASN A 17 -34.22 7.27 -5.03
CA ASN A 17 -33.59 6.55 -3.92
C ASN A 17 -34.11 5.15 -3.74
N ALA A 18 -35.42 5.01 -3.84
CA ALA A 18 -36.12 3.71 -3.66
C ALA A 18 -35.72 2.69 -4.70
N GLN A 19 -35.62 3.14 -5.96
CA GLN A 19 -35.08 2.30 -7.05
C GLN A 19 -33.64 1.85 -6.75
N TYR A 20 -32.77 2.78 -6.35
CA TYR A 20 -31.37 2.48 -6.05
C TYR A 20 -31.24 1.41 -4.98
N ILE A 21 -31.92 1.60 -3.86
CA ILE A 21 -32.00 0.62 -2.77
C ILE A 21 -32.53 -0.74 -3.23
N LEU A 22 -33.58 -0.74 -4.05
CA LEU A 22 -34.04 -2.00 -4.62
C LEU A 22 -32.93 -2.73 -5.39
N ASN A 23 -32.32 -2.03 -6.34
CA ASN A 23 -31.22 -2.60 -7.13
C ASN A 23 -30.08 -3.16 -6.26
N TYR A 24 -29.62 -2.36 -5.31
CA TYR A 24 -28.56 -2.75 -4.39
C TYR A 24 -28.88 -3.99 -3.54
N LEU A 25 -30.02 -4.00 -2.88
CA LEU A 25 -30.32 -5.10 -1.97
C LEU A 25 -30.78 -6.33 -2.72
N SER A 26 -31.37 -6.14 -3.91
CA SER A 26 -31.68 -7.26 -4.82
C SER A 26 -30.46 -8.12 -5.16
N SER A 27 -29.34 -7.45 -5.46
CA SER A 27 -28.04 -8.08 -5.71
C SER A 27 -27.47 -8.70 -4.45
N ASN A 28 -27.98 -8.28 -3.31
CA ASN A 28 -27.54 -8.84 -2.05
C ASN A 28 -28.45 -9.97 -1.59
N GLY A 29 -29.44 -10.32 -2.40
CA GLY A 29 -30.29 -11.48 -2.11
C GLY A 29 -31.57 -11.22 -1.31
N TRP A 30 -31.91 -9.95 -1.06
CA TRP A 30 -33.21 -9.64 -0.45
C TRP A 30 -34.33 -9.78 -1.47
N THR A 31 -35.57 -10.10 -1.03
CA THR A 31 -36.71 -10.22 -1.94
C THR A 31 -37.27 -8.85 -2.24
N LYS A 32 -38.03 -8.70 -3.32
CA LYS A 32 -38.59 -7.39 -3.65
C LYS A 32 -39.61 -6.98 -2.59
N GLN A 33 -40.30 -7.98 -2.05
CA GLN A 33 -41.29 -7.74 -0.99
C GLN A 33 -40.68 -7.16 0.28
N ALA A 34 -39.58 -7.72 0.72
CA ALA A 34 -38.99 -7.33 2.00
C ALA A 34 -38.34 -5.94 1.85
N ILE A 35 -37.75 -5.69 0.69
CA ILE A 35 -37.11 -4.40 0.41
C ILE A 35 -38.17 -3.33 0.44
N CYS A 36 -39.27 -3.58 -0.27
CA CYS A 36 -40.43 -2.65 -0.26
C CYS A 36 -41.07 -2.49 1.10
N GLY A 37 -41.13 -3.57 1.88
CA GLY A 37 -41.63 -3.44 3.24
C GLY A 37 -40.77 -2.51 4.06
N MET A 38 -39.45 -2.57 3.85
CA MET A 38 -38.49 -1.64 4.48
C MET A 38 -38.57 -0.23 3.97
N LEU A 39 -38.73 -0.11 2.67
CA LEU A 39 -38.95 1.19 2.03
C LEU A 39 -40.17 1.95 2.57
N GLY A 40 -41.25 1.23 2.81
CA GLY A 40 -42.48 1.82 3.39
C GLY A 40 -42.18 2.47 4.72
N ASN A 41 -41.40 1.75 5.50
CA ASN A 41 -40.83 2.24 6.75
C ASN A 41 -39.87 3.42 6.56
N MET A 42 -38.93 3.30 5.62
CA MET A 42 -37.95 4.40 5.49
C MET A 42 -38.63 5.66 4.92
N GLN A 43 -39.71 5.48 4.15
CA GLN A 43 -40.48 6.64 3.69
C GLN A 43 -41.04 7.42 4.86
N SER A 44 -41.58 6.72 5.85
CA SER A 44 -42.10 7.37 7.05
C SER A 44 -40.96 7.92 7.95
N GLU A 45 -39.83 7.24 8.03
CA GLU A 45 -38.78 7.67 8.97
C GLU A 45 -38.07 8.91 8.44
N SER A 46 -37.88 8.94 7.13
CA SER A 46 -36.84 9.78 6.55
C SER A 46 -37.12 10.36 5.16
N THR A 47 -38.30 10.07 4.61
CA THR A 47 -38.56 10.24 3.16
C THR A 47 -37.43 9.59 2.33
N ILE A 48 -37.02 8.41 2.79
CA ILE A 48 -35.91 7.65 2.14
C ILE A 48 -34.68 8.56 1.83
N ASN A 49 -34.27 9.31 2.83
CA ASN A 49 -33.15 10.19 2.68
C ASN A 49 -31.98 9.81 3.60
N PRO A 50 -30.91 9.26 3.03
CA PRO A 50 -29.69 8.94 3.82
C PRO A 50 -28.97 10.14 4.48
N GLY A 51 -29.31 11.37 4.13
CA GLY A 51 -28.62 12.47 4.79
C GLY A 51 -29.46 13.16 5.84
N LEU A 52 -30.62 12.59 6.17
CA LEU A 52 -31.60 13.33 7.00
C LEU A 52 -31.40 13.13 8.47
N TRP A 53 -31.33 14.25 9.18
CA TRP A 53 -31.24 14.29 10.65
C TRP A 53 -32.66 14.48 11.19
N GLN A 54 -32.98 13.83 12.30
CA GLN A 54 -34.31 13.89 12.87
C GLN A 54 -34.65 15.36 13.13
N ASN A 55 -35.86 15.77 12.71
CA ASN A 55 -36.38 17.14 12.92
C ASN A 55 -35.51 18.16 12.20
N LEU A 56 -34.72 17.67 11.21
CA LEU A 56 -33.74 18.49 10.50
C LEU A 56 -32.62 19.04 11.40
N ASP A 57 -32.50 18.47 12.62
CA ASP A 57 -31.47 18.89 13.59
C ASP A 57 -30.07 18.41 13.23
N GLU A 58 -29.46 19.02 12.22
CA GLU A 58 -28.11 18.65 11.79
C GLU A 58 -27.09 18.55 12.93
N GLY A 59 -26.30 17.48 12.91
CA GLY A 59 -25.21 17.30 13.87
C GLY A 59 -25.60 16.79 15.26
N ASN A 60 -26.89 16.72 15.55
CA ASN A 60 -27.31 16.18 16.83
C ASN A 60 -27.27 14.66 16.83
N THR A 61 -26.20 14.11 17.39
CA THR A 61 -25.96 12.67 17.32
C THR A 61 -26.72 11.85 18.36
N SER A 62 -27.54 12.52 19.18
CA SER A 62 -28.37 11.84 20.18
C SER A 62 -29.71 11.48 19.57
N LEU A 63 -30.01 12.12 18.44
CA LEU A 63 -31.26 11.91 17.75
C LEU A 63 -31.06 11.08 16.50
N GLY A 64 -32.14 10.88 15.73
CA GLY A 64 -32.05 9.95 14.59
C GLY A 64 -31.30 10.51 13.42
N PHE A 65 -30.68 9.63 12.64
CA PHE A 65 -30.09 10.01 11.37
C PHE A 65 -30.24 8.93 10.30
N GLY A 66 -30.45 9.39 9.07
CA GLY A 66 -30.37 8.55 7.86
C GLY A 66 -31.62 7.78 7.56
N LEU A 67 -31.49 6.77 6.68
CA LEU A 67 -32.67 6.10 6.11
C LEU A 67 -33.68 5.53 7.11
N VAL A 68 -33.19 4.85 8.16
CA VAL A 68 -34.06 4.28 9.19
C VAL A 68 -34.01 5.07 10.48
N GLN A 69 -33.38 6.24 10.44
CA GLN A 69 -33.25 7.11 11.60
C GLN A 69 -32.62 6.34 12.78
N TRP A 70 -31.38 5.92 12.57
CA TRP A 70 -30.55 5.31 13.62
C TRP A 70 -30.55 6.24 14.82
N THR A 71 -31.03 5.76 15.98
CA THR A 71 -31.11 6.58 17.20
C THR A 71 -30.49 5.84 18.39
N PRO A 72 -29.43 6.41 19.01
CA PRO A 72 -28.76 7.64 18.68
C PRO A 72 -27.96 7.46 17.41
N ALA A 73 -27.82 8.55 16.67
CA ALA A 73 -27.15 8.51 15.36
C ALA A 73 -25.72 8.00 15.49
N SER A 74 -25.13 8.22 16.67
CA SER A 74 -23.74 7.92 16.87
C SER A 74 -23.46 6.44 16.79
N ASN A 75 -24.45 5.58 17.03
CA ASN A 75 -24.24 4.14 16.92
C ASN A 75 -23.90 3.77 15.49
N TYR A 76 -24.66 4.33 14.54
CA TYR A 76 -24.35 4.14 13.12
C TYR A 76 -23.07 4.90 12.72
N ILE A 77 -23.00 6.17 13.09
CA ILE A 77 -21.93 7.01 12.61
C ILE A 77 -20.60 6.44 13.09
N ASN A 78 -20.58 5.94 14.31
CA ASN A 78 -19.39 5.29 14.86
C ASN A 78 -19.06 3.98 14.18
N TRP A 79 -20.08 3.19 13.85
CA TRP A 79 -19.88 1.97 13.08
C TRP A 79 -19.23 2.32 11.72
N ALA A 80 -19.76 3.35 11.07
CA ALA A 80 -19.24 3.78 9.80
C ALA A 80 -17.76 4.12 9.94
N ASN A 81 -17.39 4.91 10.96
CA ASN A 81 -15.98 5.31 11.12
C ASN A 81 -15.09 4.10 11.30
N SER A 82 -15.53 3.15 12.14
CA SER A 82 -14.75 1.94 12.38
C SER A 82 -14.60 1.10 11.12
N GLN A 83 -15.57 1.20 10.21
CA GLN A 83 -15.55 0.44 8.95
C GLN A 83 -14.84 1.16 7.80
N GLY A 84 -14.34 2.36 8.05
CA GLY A 84 -13.67 3.16 7.02
C GLY A 84 -14.61 3.64 5.93
N LEU A 85 -15.89 3.78 6.29
CA LEU A 85 -16.92 4.26 5.37
C LEU A 85 -17.37 5.67 5.73
N PRO A 86 -17.64 6.50 4.71
CA PRO A 86 -18.18 7.84 4.94
C PRO A 86 -19.64 7.71 5.41
N TYR A 87 -19.99 8.36 6.52
CA TYR A 87 -21.26 8.06 7.19
C TYR A 87 -22.50 8.57 6.45
N LYS A 88 -22.38 9.70 5.77
CA LYS A 88 -23.52 10.35 5.15
C LYS A 88 -23.51 9.93 3.70
N ASN A 89 -24.07 8.75 3.44
CA ASN A 89 -23.81 8.07 2.19
C ASN A 89 -24.76 6.92 2.09
N MET A 90 -25.41 6.80 0.93
CA MET A 90 -26.40 5.76 0.70
C MET A 90 -25.81 4.37 0.93
N ASP A 91 -24.71 4.11 0.26
CA ASP A 91 -24.17 2.76 0.27
C ASP A 91 -23.71 2.40 1.66
N SER A 92 -23.12 3.36 2.36
CA SER A 92 -22.68 3.10 3.75
C SER A 92 -23.85 2.70 4.62
N GLU A 93 -24.99 3.38 4.44
CA GLU A 93 -26.17 3.03 5.24
C GLU A 93 -26.78 1.69 4.92
N LEU A 94 -26.84 1.36 3.63
CA LEU A 94 -27.28 0.04 3.22
C LEU A 94 -26.35 -1.04 3.78
N LYS A 95 -25.03 -0.76 3.77
CA LYS A 95 -23.99 -1.65 4.34
C LYS A 95 -24.21 -1.85 5.86
N ARG A 96 -24.62 -0.81 6.54
CA ARG A 96 -25.02 -0.96 7.94
C ARG A 96 -26.19 -1.91 8.14
N ILE A 97 -27.22 -1.84 7.30
CA ILE A 97 -28.41 -2.71 7.46
C ILE A 97 -28.05 -4.20 7.20
N ILE A 98 -27.34 -4.41 6.10
CA ILE A 98 -26.78 -5.75 5.77
C ILE A 98 -25.99 -6.29 6.95
N TRP A 99 -25.11 -5.46 7.52
CA TRP A 99 -24.36 -5.83 8.73
C TRP A 99 -25.26 -6.25 9.88
N GLU A 100 -26.35 -5.51 10.14
CA GLU A 100 -27.31 -5.85 11.20
C GLU A 100 -27.95 -7.24 10.98
N VAL A 101 -28.30 -7.53 9.74
CA VAL A 101 -28.82 -8.83 9.40
C VAL A 101 -27.74 -9.84 9.67
N ASN A 102 -26.49 -9.57 9.26
CA ASN A 102 -25.41 -10.55 9.40
C ASN A 102 -24.86 -10.76 10.83
N ASN A 103 -25.24 -9.87 11.74
CA ASN A 103 -24.64 -9.84 13.06
C ASN A 103 -25.63 -9.79 14.17
N ASN A 104 -26.85 -10.24 13.86
CA ASN A 104 -27.90 -10.37 14.87
CA ASN A 104 -27.93 -10.36 14.83
C ASN A 104 -28.03 -9.05 15.61
N ALA A 105 -28.19 -7.97 14.86
CA ALA A 105 -28.24 -6.67 15.45
C ALA A 105 -29.55 -5.96 15.12
N GLN A 106 -29.92 -5.04 16.00
CA GLN A 106 -31.12 -4.20 15.91
C GLN A 106 -32.46 -4.92 16.08
N TRP A 107 -32.69 -5.93 15.26
CA TRP A 107 -33.94 -6.71 15.20
C TRP A 107 -34.26 -7.45 16.50
N ILE A 108 -35.52 -7.35 16.91
CA ILE A 108 -36.10 -8.21 17.96
C ILE A 108 -37.29 -8.97 17.40
N ASN A 109 -37.25 -10.29 17.57
CA ASN A 109 -38.24 -11.15 16.99
C ASN A 109 -39.53 -11.09 17.82
N LEU A 110 -40.43 -10.21 17.39
CA LEU A 110 -41.73 -10.08 18.04
C LEU A 110 -42.85 -10.57 17.13
N ARG A 111 -42.53 -10.92 15.87
CA ARG A 111 -43.57 -11.43 14.98
C ARG A 111 -43.29 -12.83 14.44
N ASP A 112 -42.55 -13.64 15.21
CA ASP A 112 -42.18 -14.99 14.77
C ASP A 112 -41.45 -15.00 13.41
N MET A 113 -40.43 -14.14 13.33
CA MET A 113 -39.60 -13.99 12.16
C MET A 113 -38.30 -13.33 12.57
N THR A 114 -37.19 -13.94 12.13
CA THR A 114 -35.87 -13.41 12.41
C THR A 114 -35.54 -12.44 11.28
N PHE A 115 -34.56 -11.56 11.50
CA PHE A 115 -34.11 -10.66 10.41
C PHE A 115 -33.67 -11.44 9.16
N LYS A 116 -32.95 -12.54 9.34
CA LYS A 116 -32.53 -13.34 8.18
C LYS A 116 -33.71 -13.95 7.43
N GLU A 117 -34.79 -14.22 8.19
CA GLU A 117 -35.97 -14.76 7.59
C GLU A 117 -36.67 -13.65 6.79
N TYR A 118 -36.62 -12.45 7.36
CA TYR A 118 -37.33 -11.32 6.83
C TYR A 118 -36.84 -11.04 5.41
N ILE A 119 -35.54 -11.00 5.22
CA ILE A 119 -35.01 -10.56 3.93
C ILE A 119 -35.24 -11.52 2.77
N LYS A 120 -35.49 -12.79 3.12
CA LYS A 120 -35.90 -13.83 2.16
C LYS A 120 -37.42 -14.04 2.07
N SER A 121 -38.22 -13.23 2.77
CA SER A 121 -39.68 -13.47 2.77
C SER A 121 -40.37 -13.03 1.49
N THR A 122 -41.41 -13.75 1.10
CA THR A 122 -42.26 -13.34 0.01
C THR A 122 -43.74 -13.13 0.44
N LYS A 123 -43.94 -12.84 1.73
CA LYS A 123 -45.21 -12.27 2.23
C LYS A 123 -45.46 -10.95 1.49
N THR A 124 -46.65 -10.39 1.63
CA THR A 124 -46.99 -9.17 0.91
C THR A 124 -46.08 -8.07 1.43
N PRO A 125 -45.75 -7.06 0.58
CA PRO A 125 -45.05 -5.89 1.11
C PRO A 125 -45.78 -5.20 2.24
N ARG A 126 -47.12 -5.22 2.26
CA ARG A 126 -47.90 -4.72 3.44
C ARG A 126 -47.54 -5.47 4.74
N GLU A 127 -47.68 -6.79 4.69
CA GLU A 127 -47.39 -7.68 5.83
C GLU A 127 -46.02 -7.41 6.41
N LEU A 128 -45.03 -7.42 5.51
CA LEU A 128 -43.65 -7.22 5.90
C LEU A 128 -43.32 -5.82 6.40
N ALA A 129 -43.98 -4.78 5.86
CA ALA A 129 -43.77 -3.42 6.41
C ALA A 129 -44.14 -3.40 7.90
N MET A 130 -45.28 -4.01 8.20
CA MET A 130 -45.73 -4.07 9.58
C MET A 130 -44.88 -4.98 10.46
N ILE A 131 -44.29 -6.02 9.87
CA ILE A 131 -43.38 -6.86 10.64
C ILE A 131 -42.11 -6.06 10.98
N PHE A 132 -41.60 -5.32 9.99
CA PHE A 132 -40.41 -4.50 10.12
C PHE A 132 -40.61 -3.44 11.19
N LEU A 133 -41.77 -2.79 11.14
CA LEU A 133 -42.16 -1.77 12.10
C LEU A 133 -42.07 -2.35 13.48
N ALA A 134 -42.76 -3.47 13.71
CA ALA A 134 -42.82 -4.00 15.08
C ALA A 134 -41.48 -4.48 15.60
N SER A 135 -40.63 -4.99 14.68
CA SER A 135 -39.45 -5.75 15.07
C SER A 135 -38.14 -4.96 15.04
N TYR A 136 -37.99 -4.10 14.02
CA TYR A 136 -36.76 -3.33 13.82
C TYR A 136 -36.87 -1.93 14.46
N GLU A 137 -37.93 -1.21 14.10
CA GLU A 137 -38.16 0.17 14.55
C GLU A 137 -38.70 0.24 15.97
N ARG A 138 -39.69 -0.61 16.26
CA ARG A 138 -40.26 -0.64 17.61
C ARG A 138 -40.73 0.76 18.07
N PRO A 139 -41.66 1.37 17.32
CA PRO A 139 -41.96 2.75 17.66
C PRO A 139 -42.90 2.79 18.87
N ALA A 140 -42.85 3.90 19.61
CA ALA A 140 -43.82 4.18 20.68
C ALA A 140 -45.29 4.24 20.18
N ASN A 141 -45.51 4.68 18.94
CA ASN A 141 -46.85 4.67 18.33
C ASN A 141 -46.89 3.56 17.27
N PRO A 142 -47.54 2.44 17.56
CA PRO A 142 -47.39 1.27 16.67
C PRO A 142 -48.38 1.25 15.50
N ASN A 143 -49.31 2.21 15.52
CA ASN A 143 -50.45 2.17 14.63
C ASN A 143 -50.16 3.07 13.44
N GLN A 144 -49.37 2.54 12.52
CA GLN A 144 -48.94 3.32 11.35
C GLN A 144 -49.16 2.54 10.03
N PRO A 145 -50.43 2.25 9.66
CA PRO A 145 -50.71 1.42 8.47
C PRO A 145 -50.23 2.06 7.18
N GLU A 146 -49.94 3.37 7.20
CA GLU A 146 -49.42 4.05 6.03
C GLU A 146 -48.09 3.44 5.58
N ARG A 147 -47.34 2.85 6.51
CA ARG A 147 -46.04 2.24 6.15
C ARG A 147 -46.28 1.06 5.23
N GLY A 148 -47.45 0.43 5.43
CA GLY A 148 -47.88 -0.71 4.62
C GLY A 148 -48.32 -0.24 3.25
N ASP A 149 -49.13 0.81 3.23
CA ASP A 149 -49.64 1.36 1.96
C ASP A 149 -48.49 1.80 1.08
N GLN A 150 -47.54 2.50 1.69
CA GLN A 150 -46.29 2.94 1.04
C GLN A 150 -45.47 1.76 0.53
N ALA A 151 -45.35 0.70 1.33
CA ALA A 151 -44.67 -0.50 0.88
C ALA A 151 -45.28 -1.05 -0.42
N GLU A 152 -46.58 -1.32 -0.37
CA GLU A 152 -47.29 -1.81 -1.54
C GLU A 152 -47.18 -0.84 -2.72
N TYR A 153 -47.09 0.47 -2.46
CA TYR A 153 -46.93 1.41 -3.58
C TYR A 153 -45.55 1.29 -4.22
N TRP A 154 -44.50 1.07 -3.43
CA TRP A 154 -43.17 0.93 -4.01
C TRP A 154 -43.01 -0.39 -4.76
N TYR A 155 -43.71 -1.43 -4.29
CA TYR A 155 -43.78 -2.72 -4.98
C TYR A 155 -44.31 -2.63 -6.42
N LYS A 156 -45.32 -1.80 -6.62
CA LYS A 156 -45.96 -1.63 -7.89
C LYS A 156 -45.22 -0.66 -8.80
N ASN A 157 -44.57 0.34 -8.19
CA ASN A 157 -44.03 1.45 -8.95
C ASN A 157 -42.53 1.40 -9.27
N LEU A 158 -41.82 0.44 -8.67
CA LEU A 158 -40.40 0.27 -8.98
C LEU A 158 -40.17 -0.89 -9.93
N SER A 159 -39.15 -0.73 -10.79
CA SER A 159 -38.38 -1.84 -11.40
C SER A 159 -39.11 -2.94 -12.20
N LEU A 166 -39.70 -9.80 -15.89
CA LEU A 166 -38.97 -10.80 -16.70
C LEU A 166 -38.89 -10.40 -18.18
N GLN A 167 -37.74 -10.69 -18.82
CA GLN A 167 -37.63 -10.65 -20.28
C GLN A 167 -38.08 -11.97 -20.89
N LEU A 168 -38.79 -11.89 -22.00
CA LEU A 168 -39.14 -13.11 -22.73
C LEU A 168 -37.91 -13.49 -23.55
N ALA A 169 -37.46 -14.73 -23.49
CA ALA A 169 -36.35 -15.18 -24.38
C ALA A 169 -36.86 -15.20 -25.83
N GLN A 170 -36.31 -14.36 -26.69
CA GLN A 170 -36.69 -14.27 -28.09
C GLN A 170 -35.74 -15.10 -28.96
N PHE A 171 -36.30 -15.87 -29.89
CA PHE A 171 -35.42 -16.61 -30.81
C PHE A 171 -34.45 -15.64 -31.51
N PRO A 172 -33.12 -15.91 -31.43
CA PRO A 172 -32.11 -15.02 -32.02
C PRO A 172 -32.30 -14.58 -33.49
N MET A 173 -32.86 -15.43 -34.34
CA MET A 173 -32.77 -15.13 -35.77
C MET A 173 -34.17 -14.87 -36.36
N ASP A 174 -34.17 -14.14 -37.48
CA ASP A 174 -35.35 -13.73 -38.26
C ASP A 174 -36.12 -14.83 -38.93
N ILE A 175 -35.45 -15.96 -39.10
CA ILE A 175 -35.97 -17.07 -39.88
C ILE A 175 -35.58 -18.33 -39.13
N ILE A 176 -36.43 -19.32 -39.24
CA ILE A 176 -36.05 -20.69 -38.89
C ILE A 176 -36.01 -21.58 -40.12
N ASN A 177 -34.79 -22.02 -40.44
CA ASN A 177 -34.54 -22.93 -41.53
C ASN A 177 -33.44 -23.92 -41.12
N ILE A 178 -33.90 -25.10 -40.76
CA ILE A 178 -33.12 -26.11 -40.09
C ILE A 178 -32.49 -27.04 -41.10
N SER A 179 -31.16 -27.12 -41.07
CA SER A 179 -30.43 -28.06 -41.90
C SER A 179 -30.18 -29.37 -41.17
N GLN A 180 -30.20 -29.37 -39.84
CA GLN A 180 -30.06 -30.60 -39.05
C GLN A 180 -30.66 -30.38 -37.69
N GLY A 181 -31.66 -31.18 -37.32
CA GLY A 181 -32.37 -30.98 -36.05
C GLY A 181 -31.81 -31.78 -34.88
N GLU A 182 -32.59 -31.83 -33.79
CA GLU A 182 -32.29 -32.64 -32.65
C GLU A 182 -32.15 -34.09 -33.08
N ASN A 183 -31.18 -34.78 -32.49
CA ASN A 183 -30.84 -36.14 -32.88
C ASN A 183 -30.54 -36.38 -34.37
N GLY A 184 -30.16 -35.32 -35.07
CA GLY A 184 -29.75 -35.39 -36.47
C GLY A 184 -28.63 -36.43 -36.66
N SER A 185 -28.71 -37.16 -37.77
CA SER A 185 -27.84 -38.31 -38.01
C SER A 185 -26.37 -37.96 -38.17
N PHE A 186 -26.08 -36.86 -38.86
CA PHE A 186 -24.68 -36.52 -39.10
C PHE A 186 -23.85 -36.22 -37.85
N SER A 187 -24.32 -35.32 -37.00
CA SER A 187 -23.52 -34.88 -35.85
C SER A 187 -24.31 -34.46 -34.60
N HIS A 188 -25.62 -34.71 -34.59
CA HIS A 188 -26.43 -34.40 -33.41
C HIS A 188 -27.02 -35.58 -32.65
N LYS A 189 -26.55 -36.81 -32.92
CA LYS A 189 -27.20 -37.95 -32.28
C LYS A 189 -27.08 -37.78 -30.76
N GLY A 190 -28.17 -37.97 -30.02
CA GLY A 190 -28.11 -37.86 -28.56
C GLY A 190 -28.31 -36.44 -28.01
N THR A 191 -28.40 -35.46 -28.89
CA THR A 191 -28.41 -34.05 -28.51
C THR A 191 -29.70 -33.31 -28.88
N LEU A 192 -29.91 -32.15 -28.27
CA LEU A 192 -31.00 -31.26 -28.67
C LEU A 192 -30.43 -30.05 -29.46
N CYS A 193 -29.30 -30.26 -30.15
CA CYS A 193 -28.73 -29.19 -31.00
C CYS A 193 -29.52 -29.02 -32.27
N ILE A 194 -29.46 -27.82 -32.82
CA ILE A 194 -30.05 -27.57 -34.11
C ILE A 194 -29.11 -26.65 -34.89
N ASP A 195 -28.86 -27.04 -36.14
CA ASP A 195 -28.14 -26.21 -37.11
C ASP A 195 -29.17 -25.42 -37.91
N PHE A 196 -28.97 -24.10 -37.96
CA PHE A 196 -29.87 -23.21 -38.67
C PHE A 196 -29.11 -22.48 -39.76
N VAL A 197 -29.74 -22.29 -40.90
CA VAL A 197 -29.11 -21.46 -41.91
C VAL A 197 -29.93 -20.18 -42.08
N GLY A 198 -29.24 -19.13 -42.53
CA GLY A 198 -29.85 -17.82 -42.72
C GLY A 198 -30.45 -17.71 -44.12
N LYS A 199 -30.86 -16.50 -44.48
CA LYS A 199 -31.31 -16.20 -45.84
C LYS A 199 -30.14 -16.18 -46.81
N THR A 200 -28.96 -15.89 -46.28
CA THR A 200 -27.71 -15.85 -47.03
C THR A 200 -26.60 -16.40 -46.12
N GLU A 201 -25.40 -16.54 -46.66
CA GLU A 201 -24.22 -16.83 -45.85
C GLU A 201 -23.97 -15.66 -44.88
N LYS A 202 -23.34 -15.95 -43.75
CA LYS A 202 -23.05 -14.90 -42.74
C LYS A 202 -24.29 -14.07 -42.40
N TYR A 203 -25.30 -14.71 -41.87
CA TYR A 203 -26.61 -14.11 -41.59
C TYR A 203 -26.65 -13.81 -40.10
N PRO A 204 -27.11 -12.59 -39.72
CA PRO A 204 -27.05 -12.09 -38.35
C PRO A 204 -28.07 -12.72 -37.40
N TYR A 205 -27.69 -12.88 -36.13
CA TYR A 205 -28.68 -13.24 -35.13
C TYR A 205 -28.39 -12.45 -33.87
N TYR A 206 -29.38 -12.37 -32.99
CA TYR A 206 -29.40 -11.35 -31.94
C TYR A 206 -29.65 -11.94 -30.57
N ALA A 207 -29.29 -11.18 -29.55
CA ALA A 207 -29.40 -11.60 -28.14
C ALA A 207 -30.83 -11.90 -27.76
N PRO A 208 -31.05 -13.10 -27.19
CA PRO A 208 -32.42 -13.47 -26.85
C PRO A 208 -32.91 -12.74 -25.58
N CYS A 209 -31.98 -12.13 -24.85
CA CYS A 209 -32.25 -11.51 -23.54
C CYS A 209 -30.93 -10.90 -23.07
N ASP A 210 -30.92 -10.18 -21.94
CA ASP A 210 -29.67 -9.64 -21.44
C ASP A 210 -28.83 -10.80 -21.07
N CYS A 211 -27.60 -10.80 -21.57
CA CYS A 211 -26.73 -11.93 -21.35
C CYS A 211 -25.29 -11.51 -21.30
N THR A 212 -24.42 -12.46 -20.94
CA THR A 212 -22.98 -12.21 -20.84
C THR A 212 -22.18 -13.38 -21.39
N CYS A 213 -21.05 -13.09 -22.04
CA CYS A 213 -20.24 -14.13 -22.62
C CYS A 213 -19.36 -14.76 -21.53
N VAL A 214 -19.47 -16.07 -21.37
CA VAL A 214 -18.90 -16.78 -20.25
C VAL A 214 -17.79 -17.74 -20.63
N TRP A 215 -17.70 -18.09 -21.92
CA TRP A 215 -16.59 -18.91 -22.44
C TRP A 215 -16.34 -18.66 -23.91
N ARG A 216 -15.10 -18.83 -24.31
CA ARG A 216 -14.78 -18.73 -25.73
C ARG A 216 -13.92 -19.91 -26.10
N GLY A 217 -14.36 -20.67 -27.10
CA GLY A 217 -13.57 -21.75 -27.60
C GLY A 217 -13.11 -21.35 -28.97
N ASP A 218 -11.82 -21.00 -29.08
CA ASP A 218 -11.24 -20.59 -30.36
C ASP A 218 -11.05 -21.82 -31.24
N ALA A 219 -10.66 -22.92 -30.63
CA ALA A 219 -10.40 -24.14 -31.39
C ALA A 219 -11.65 -24.53 -32.20
N SER A 220 -12.78 -24.60 -31.51
CA SER A 220 -14.04 -25.14 -32.06
C SER A 220 -15.00 -24.05 -32.53
N ALA A 221 -14.55 -22.80 -32.46
CA ALA A 221 -15.33 -21.66 -32.95
C ALA A 221 -16.69 -21.52 -32.28
N TYR A 222 -16.71 -21.54 -30.93
CA TYR A 222 -17.92 -21.23 -30.19
C TYR A 222 -17.78 -20.12 -29.14
N LEU A 223 -18.84 -19.35 -28.93
CA LEU A 223 -18.96 -18.52 -27.74
C LEU A 223 -20.09 -19.06 -26.89
N ALA A 224 -19.90 -19.03 -25.56
CA ALA A 224 -20.95 -19.44 -24.65
C ALA A 224 -21.46 -18.24 -23.86
N TRP A 225 -22.77 -18.23 -23.64
CA TRP A 225 -23.47 -17.10 -23.06
C TRP A 225 -24.42 -17.58 -21.98
N THR A 226 -24.63 -16.72 -20.97
CA THR A 226 -25.56 -17.04 -19.84
C THR A 226 -26.46 -15.84 -19.65
N SER A 227 -27.76 -16.07 -19.51
CA SER A 227 -28.67 -14.97 -19.26
C SER A 227 -28.29 -14.31 -17.93
N ASP A 228 -28.35 -12.98 -17.85
CA ASP A 228 -28.03 -12.23 -16.62
C ASP A 228 -28.99 -12.48 -15.48
N LYS A 229 -30.27 -12.63 -15.86
CA LYS A 229 -31.35 -12.85 -14.93
C LYS A 229 -32.08 -14.13 -15.35
N GLU A 230 -33.07 -14.50 -14.56
CA GLU A 230 -33.99 -15.55 -14.95
C GLU A 230 -34.85 -14.97 -16.08
N VAL A 231 -35.15 -15.78 -17.09
CA VAL A 231 -35.97 -15.27 -18.19
C VAL A 231 -37.31 -16.01 -18.24
N MET A 232 -38.29 -15.40 -18.92
CA MET A 232 -39.52 -16.10 -19.28
C MET A 232 -39.36 -16.85 -20.60
N CYS A 233 -39.62 -18.15 -20.56
CA CYS A 233 -39.47 -19.02 -21.75
C CYS A 233 -40.77 -19.10 -22.53
N ALA A 234 -40.65 -19.46 -23.82
CA ALA A 234 -41.82 -19.74 -24.68
C ALA A 234 -42.77 -20.78 -24.12
N ASP A 235 -42.28 -21.69 -23.28
CA ASP A 235 -43.20 -22.67 -22.67
C ASP A 235 -43.81 -22.20 -21.33
N GLY A 236 -43.60 -20.93 -20.98
CA GLY A 236 -44.14 -20.36 -19.76
C GLY A 236 -43.28 -20.64 -18.54
N SER A 237 -42.16 -21.35 -18.74
CA SER A 237 -41.14 -21.62 -17.68
C SER A 237 -40.31 -20.39 -17.36
N VAL A 238 -40.01 -20.23 -16.08
CA VAL A 238 -39.05 -19.20 -15.64
C VAL A 238 -37.78 -19.84 -15.12
N ARG A 239 -36.66 -19.44 -15.71
CA ARG A 239 -35.40 -20.08 -15.44
C ARG A 239 -34.25 -19.22 -16.00
N TYR A 240 -33.05 -19.40 -15.43
CA TYR A 240 -31.82 -18.95 -16.09
C TYR A 240 -31.51 -19.86 -17.26
N ILE A 241 -30.90 -19.34 -18.31
CA ILE A 241 -30.48 -20.21 -19.41
C ILE A 241 -29.05 -19.92 -19.79
N THR A 242 -28.42 -20.92 -20.39
CA THR A 242 -27.05 -20.84 -20.90
C THR A 242 -27.01 -21.53 -22.26
N TRP A 243 -26.36 -20.90 -23.24
CA TRP A 243 -26.30 -21.51 -24.56
C TRP A 243 -24.95 -21.32 -25.24
N VAL A 244 -24.75 -22.03 -26.35
CA VAL A 244 -23.57 -21.87 -27.18
C VAL A 244 -23.95 -21.56 -28.64
N ASN A 245 -23.23 -20.61 -29.23
CA ASN A 245 -23.30 -20.36 -30.66
C ASN A 245 -22.00 -20.85 -31.27
N VAL A 246 -22.10 -21.76 -32.22
CA VAL A 246 -20.93 -22.28 -32.92
C VAL A 246 -20.94 -21.95 -34.42
N HIS A 247 -19.74 -21.79 -34.98
CA HIS A 247 -19.44 -21.66 -36.43
C HIS A 247 -19.19 -20.24 -36.93
N GLU A 248 -19.39 -19.23 -36.08
CA GLU A 248 -19.04 -17.91 -36.52
C GLU A 248 -17.53 -17.81 -36.73
N SER A 249 -17.13 -17.03 -37.72
CA SER A 249 -15.72 -16.78 -38.01
C SER A 249 -15.61 -15.39 -38.61
N PRO A 250 -14.81 -14.51 -38.00
CA PRO A 250 -14.08 -14.72 -36.74
C PRO A 250 -15.01 -14.57 -35.54
N LEU A 251 -14.59 -15.02 -34.37
CA LEU A 251 -15.46 -14.89 -33.20
C LEU A 251 -15.61 -13.42 -32.83
N PRO A 252 -16.85 -12.98 -32.57
CA PRO A 252 -17.17 -11.56 -32.42
C PRO A 252 -16.68 -10.92 -31.14
N PHE A 253 -16.72 -11.66 -30.03
CA PHE A 253 -16.56 -11.08 -28.70
C PHE A 253 -15.60 -11.88 -27.82
N ASP A 254 -15.36 -11.33 -26.63
CA ASP A 254 -14.53 -11.98 -25.64
C ASP A 254 -15.32 -12.27 -24.38
N VAL A 255 -14.83 -13.25 -23.63
CA VAL A 255 -15.35 -13.53 -22.31
C VAL A 255 -15.57 -12.24 -21.49
N GLY A 256 -16.77 -12.13 -20.92
CA GLY A 256 -17.14 -10.96 -20.15
C GLY A 256 -18.05 -10.01 -20.90
N LYS A 257 -18.04 -10.11 -22.22
CA LYS A 257 -18.85 -9.22 -23.03
C LYS A 257 -20.33 -9.26 -22.59
N LYS A 258 -20.92 -8.07 -22.47
CA LYS A 258 -22.31 -7.95 -22.09
C LYS A 258 -23.17 -7.47 -23.26
N LEU A 259 -24.28 -8.19 -23.50
CA LEU A 259 -25.23 -7.79 -24.53
C LEU A 259 -26.60 -7.54 -23.91
N LYS A 260 -27.30 -6.51 -24.38
CA LYS A 260 -28.71 -6.36 -24.01
C LYS A 260 -29.61 -7.10 -25.01
N LYS A 261 -30.80 -7.49 -24.57
CA LYS A 261 -31.78 -8.11 -25.48
C LYS A 261 -31.87 -7.37 -26.81
N GLY A 262 -31.73 -8.12 -27.92
CA GLY A 262 -31.79 -7.55 -29.26
C GLY A 262 -30.47 -7.09 -29.86
N ASP A 263 -29.41 -7.04 -29.07
CA ASP A 263 -28.11 -6.66 -29.64
C ASP A 263 -27.63 -7.76 -30.59
N LEU A 264 -26.90 -7.36 -31.64
CA LEU A 264 -26.18 -8.34 -32.44
C LEU A 264 -25.30 -9.29 -31.61
N MET A 265 -25.53 -10.60 -31.79
CA MET A 265 -24.86 -11.64 -31.00
C MET A 265 -23.90 -12.47 -31.83
N GLY A 266 -24.19 -12.60 -33.12
CA GLY A 266 -23.32 -13.34 -34.01
C GLY A 266 -23.88 -13.44 -35.41
N HIS A 267 -23.13 -14.15 -36.26
CA HIS A 267 -23.49 -14.47 -37.63
C HIS A 267 -23.29 -15.98 -37.93
N THR A 268 -24.09 -16.53 -38.84
CA THR A 268 -23.81 -17.87 -39.35
C THR A 268 -22.40 -17.92 -39.92
N GLY A 269 -21.87 -19.10 -40.13
CA GLY A 269 -20.54 -19.16 -40.72
C GLY A 269 -20.03 -20.53 -41.01
N ILE A 270 -18.73 -20.58 -41.26
CA ILE A 270 -18.01 -21.80 -41.61
C ILE A 270 -16.88 -22.04 -40.61
N GLY A 271 -17.03 -21.47 -39.41
CA GLY A 271 -15.96 -21.48 -38.41
C GLY A 271 -15.62 -22.86 -37.89
N GLY A 276 -20.51 -26.14 -44.82
CA GLY A 276 -21.63 -25.28 -45.23
C GLY A 276 -21.92 -24.22 -44.17
N ASP A 277 -22.22 -22.99 -44.61
CA ASP A 277 -22.47 -21.85 -43.71
C ASP A 277 -23.71 -22.09 -42.84
N HIS A 278 -23.55 -22.01 -41.52
CA HIS A 278 -24.70 -22.13 -40.62
C HIS A 278 -24.42 -21.70 -39.21
N TRP A 279 -25.43 -21.87 -38.34
CA TRP A 279 -25.30 -21.54 -36.94
C TRP A 279 -25.73 -22.78 -36.17
N HIS A 280 -24.80 -23.42 -35.43
CA HIS A 280 -25.14 -24.50 -34.44
C HIS A 280 -25.51 -23.88 -33.10
N PHE A 281 -26.66 -24.25 -32.60
CA PHE A 281 -27.19 -23.65 -31.40
C PHE A 281 -27.55 -24.78 -30.44
N ASN A 282 -27.34 -24.54 -29.16
CA ASN A 282 -27.63 -25.51 -28.13
C ASN A 282 -27.81 -24.75 -26.81
N VAL A 283 -28.90 -25.05 -26.12
CA VAL A 283 -29.24 -24.37 -24.84
C VAL A 283 -29.46 -25.42 -23.74
N ILE A 284 -29.02 -25.07 -22.55
CA ILE A 284 -29.15 -25.86 -21.35
C ILE A 284 -29.86 -25.03 -20.28
N ASP A 285 -30.42 -25.72 -19.27
CA ASP A 285 -30.96 -25.10 -18.05
C ASP A 285 -29.88 -24.58 -17.13
N GLY A 286 -30.15 -23.42 -16.54
CA GLY A 286 -29.35 -22.89 -15.44
C GLY A 286 -28.33 -21.83 -15.84
N LYS A 287 -27.61 -21.34 -14.85
CA LYS A 287 -26.68 -20.22 -15.06
C LYS A 287 -25.22 -20.68 -15.00
N GLU A 288 -25.00 -21.97 -15.24
CA GLU A 288 -23.68 -22.57 -15.10
CA GLU A 288 -23.68 -22.55 -15.12
C GLU A 288 -23.24 -23.25 -16.40
N TYR A 289 -22.21 -22.69 -17.03
CA TYR A 289 -21.63 -23.34 -18.21
C TYR A 289 -20.70 -24.45 -17.72
N GLN A 290 -20.81 -25.63 -18.34
CA GLN A 290 -20.17 -26.83 -17.83
C GLN A 290 -19.34 -27.55 -18.88
N GLY A 291 -18.85 -26.80 -19.86
CA GLY A 291 -18.22 -27.41 -21.02
C GLY A 291 -19.10 -28.43 -21.73
N TRP A 292 -18.45 -29.43 -22.33
CA TRP A 292 -19.10 -30.28 -23.33
C TRP A 292 -19.11 -31.75 -22.95
N THR A 293 -19.81 -32.52 -23.80
CA THR A 293 -19.86 -33.99 -23.74
C THR A 293 -20.19 -34.56 -25.13
N LYS A 294 -20.03 -35.87 -25.30
CA LYS A 294 -20.43 -36.57 -26.54
C LYS A 294 -21.32 -37.74 -26.15
N LYS A 295 -22.47 -37.92 -26.81
CA LYS A 295 -23.41 -38.94 -26.33
C LYS A 295 -24.33 -39.65 -27.34
N PRO A 296 -23.79 -40.13 -28.47
CA PRO A 296 -22.38 -40.17 -28.94
C PRO A 296 -21.87 -38.89 -29.60
N ASP A 297 -22.77 -37.96 -29.92
CA ASP A 297 -22.34 -36.71 -30.56
C ASP A 297 -22.21 -35.54 -29.59
N SER A 298 -21.44 -34.54 -29.99
CA SER A 298 -21.05 -33.42 -29.14
C SER A 298 -22.17 -32.45 -28.84
N CYS A 299 -22.32 -32.10 -27.58
CA CYS A 299 -23.23 -31.05 -27.14
C CYS A 299 -22.75 -30.56 -25.78
N LEU A 300 -23.42 -29.52 -25.27
CA LEU A 300 -23.14 -28.98 -23.96
C LEU A 300 -23.45 -30.00 -22.87
N ALA A 301 -22.61 -30.03 -21.86
CA ALA A 301 -22.87 -30.83 -20.69
C ALA A 301 -23.90 -30.03 -19.90
N GLY A 302 -24.66 -30.71 -19.05
CA GLY A 302 -25.72 -30.06 -18.30
C GLY A 302 -27.06 -30.51 -18.82
N THR A 303 -28.14 -29.85 -18.41
CA THR A 303 -29.46 -30.25 -18.88
C THR A 303 -29.88 -29.51 -20.15
N GLU A 304 -29.83 -30.23 -21.27
CA GLU A 304 -30.29 -29.67 -22.54
C GLU A 304 -31.80 -29.45 -22.51
N LEU A 305 -32.22 -28.32 -23.08
CA LEU A 305 -33.62 -27.96 -23.19
C LEU A 305 -33.89 -27.86 -24.67
N HIS A 306 -35.14 -28.07 -25.04
CA HIS A 306 -35.57 -27.85 -26.42
C HIS A 306 -35.55 -26.35 -26.75
N ILE A 307 -34.84 -25.99 -27.82
CA ILE A 307 -34.75 -24.61 -28.28
C ILE A 307 -36.16 -24.00 -28.44
N TYR A 308 -37.10 -24.82 -28.92
CA TYR A 308 -38.50 -24.39 -29.22
C TYR A 308 -39.40 -24.24 -28.02
N ASP A 309 -38.97 -24.80 -26.90
CA ASP A 309 -39.62 -24.54 -25.60
C ASP A 309 -39.00 -23.35 -24.88
N VAL A 310 -37.76 -23.02 -25.19
CA VAL A 310 -37.11 -21.90 -24.48
C VAL A 310 -37.43 -20.58 -25.17
N PHE A 311 -37.15 -20.52 -26.48
CA PHE A 311 -37.21 -19.23 -27.21
C PHE A 311 -38.51 -19.02 -27.99
N ALA A 312 -39.13 -17.84 -27.87
CA ALA A 312 -40.39 -17.57 -28.58
C ALA A 312 -40.10 -17.12 -30.03
N VAL A 313 -41.06 -17.38 -30.92
CA VAL A 313 -40.84 -17.17 -32.34
C VAL A 313 -41.73 -16.01 -32.89
N ASN A 314 -42.13 -15.12 -31.99
CA ASN A 314 -42.82 -13.89 -32.41
C ASN A 314 -42.06 -13.24 -33.56
N ASN A 315 -42.77 -12.84 -34.60
CA ASN A 315 -42.14 -12.20 -35.76
C ASN A 315 -40.99 -12.97 -36.45
N VAL A 316 -41.02 -14.31 -36.42
CA VAL A 316 -40.05 -15.18 -37.13
C VAL A 316 -40.77 -15.89 -38.31
N GLU A 317 -40.12 -15.88 -39.46
CA GLU A 317 -40.54 -16.58 -40.64
C GLU A 317 -40.05 -18.03 -40.58
N ILE A 318 -40.98 -18.98 -40.49
CA ILE A 318 -40.60 -20.36 -40.38
C ILE A 318 -40.58 -20.97 -41.77
N ILE A 319 -39.40 -21.31 -42.26
CA ILE A 319 -39.33 -21.97 -43.54
C ILE A 319 -39.12 -23.51 -43.48
N ASN A 320 -38.36 -23.98 -42.50
CA ASN A 320 -38.21 -25.41 -42.14
C ASN A 320 -37.62 -25.41 -40.71
N GLY A 321 -38.32 -25.64 -39.61
CA GLY A 321 -39.62 -26.10 -39.41
C GLY A 321 -39.28 -27.32 -38.57
N ASN A 322 -39.05 -28.40 -39.29
CA ASN A 322 -38.76 -29.72 -38.75
C ASN A 322 -39.88 -30.23 -37.88
N GLY A 323 -41.06 -29.61 -37.98
CA GLY A 323 -42.25 -30.07 -37.25
C GLY A 323 -42.20 -29.91 -35.74
N TYR A 324 -41.24 -29.13 -35.24
CA TYR A 324 -41.17 -28.78 -33.80
C TYR A 324 -42.33 -27.86 -33.38
N ASP A 325 -42.66 -27.91 -32.09
CA ASP A 325 -43.68 -27.02 -31.47
C ASP A 325 -43.14 -25.59 -31.30
N TRP A 326 -42.83 -24.90 -32.40
CA TRP A 326 -42.46 -23.50 -32.29
C TRP A 326 -43.67 -22.68 -31.83
N LYS A 327 -43.43 -21.81 -30.85
CA LYS A 327 -44.48 -21.10 -30.14
C LYS A 327 -44.14 -19.65 -30.10
N THR A 328 -45.17 -18.84 -30.25
CA THR A 328 -45.13 -17.42 -30.06
C THR A 328 -45.53 -17.20 -28.56
N SER A 329 -45.24 -16.04 -27.99
CA SER A 329 -45.69 -15.79 -26.62
C SER A 329 -46.18 -14.36 -26.46
N ASP A 330 -47.22 -14.17 -25.67
CA ASP A 330 -47.72 -12.82 -25.44
C ASP A 330 -47.07 -12.13 -24.22
N TRP A 331 -45.98 -12.70 -23.70
CA TRP A 331 -45.34 -12.10 -22.52
C TRP A 331 -44.79 -10.72 -22.86
N GLN A 332 -45.03 -9.75 -21.98
CA GLN A 332 -44.54 -8.41 -22.21
C GLN A 332 -43.32 -8.20 -21.31
N ASP A 333 -42.24 -7.70 -21.89
CA ASP A 333 -40.99 -7.57 -21.15
C ASP A 333 -41.07 -6.48 -20.09
N GLY A 334 -40.61 -6.80 -18.88
CA GLY A 334 -40.23 -5.75 -17.94
C GLY A 334 -38.87 -5.21 -18.39
N MET B 1 10.03 22.70 -13.46
CA MET B 1 10.20 23.66 -12.34
C MET B 1 9.76 23.09 -10.99
N VAL B 2 10.20 23.75 -9.92
CA VAL B 2 9.60 23.57 -8.59
C VAL B 2 9.40 24.95 -7.96
N TYR B 3 8.35 25.10 -7.16
CA TYR B 3 8.09 26.35 -6.45
C TYR B 3 8.62 26.30 -5.05
N VAL B 4 9.53 27.23 -4.69
CA VAL B 4 10.14 27.22 -3.35
C VAL B 4 10.19 28.64 -2.79
N SER B 5 9.30 28.94 -1.85
CA SER B 5 9.02 30.33 -1.46
C SER B 5 8.30 30.46 -0.15
N ASN B 6 8.33 31.69 0.39
CA ASN B 6 7.66 32.02 1.66
C ASN B 6 6.29 32.68 1.41
N LYS B 7 5.48 32.01 0.61
CA LYS B 7 4.09 32.40 0.35
C LYS B 7 3.32 31.11 0.16
N TYR B 8 2.01 31.20 0.27
CA TYR B 8 1.12 30.06 0.07
C TYR B 8 0.94 29.84 -1.42
N LEU B 9 0.97 28.57 -1.79
CA LEU B 9 0.80 28.22 -3.20
C LEU B 9 -0.62 28.03 -3.62
N THR B 10 -0.83 28.41 -4.87
CA THR B 10 -2.03 28.15 -5.60
C THR B 10 -2.15 26.64 -5.98
N MET B 11 -3.38 26.22 -6.27
CA MET B 11 -3.70 24.84 -6.70
C MET B 11 -2.80 24.34 -7.84
N SER B 12 -2.60 25.20 -8.83
CA SER B 12 -1.67 24.98 -9.94
C SER B 12 -0.21 24.80 -9.52
N GLU B 13 0.28 25.65 -8.62
CA GLU B 13 1.67 25.51 -8.17
C GLU B 13 1.77 24.26 -7.26
N MET B 14 0.75 24.03 -6.45
CA MET B 14 0.78 22.85 -5.60
C MET B 14 0.89 21.59 -6.43
N LYS B 15 0.16 21.50 -7.54
CA LYS B 15 0.13 20.28 -8.33
C LYS B 15 1.50 20.00 -8.94
N VAL B 16 2.23 21.06 -9.27
CA VAL B 16 3.61 20.92 -9.77
C VAL B 16 4.56 20.34 -8.71
N ASN B 17 4.52 20.91 -7.53
CA ASN B 17 5.32 20.37 -6.43
C ASN B 17 4.89 18.98 -6.00
N ALA B 18 3.58 18.76 -5.91
CA ALA B 18 3.08 17.42 -5.54
C ALA B 18 3.52 16.35 -6.53
N GLN B 19 3.45 16.67 -7.83
CA GLN B 19 4.00 15.71 -8.85
C GLN B 19 5.47 15.43 -8.70
N TYR B 20 6.27 16.49 -8.54
CA TYR B 20 7.70 16.34 -8.31
C TYR B 20 8.01 15.38 -7.13
N ILE B 21 7.29 15.53 -6.04
CA ILE B 21 7.49 14.73 -4.83
C ILE B 21 7.07 13.28 -5.06
N LEU B 22 5.96 13.08 -5.78
CA LEU B 22 5.55 11.73 -6.16
C LEU B 22 6.63 11.04 -6.98
N ASN B 23 7.21 11.77 -7.93
CA ASN B 23 8.25 11.22 -8.81
C ASN B 23 9.49 10.84 -7.99
N TYR B 24 9.90 11.74 -7.10
CA TYR B 24 11.12 11.56 -6.30
C TYR B 24 10.99 10.39 -5.33
N LEU B 25 9.93 10.38 -4.54
CA LEU B 25 9.74 9.31 -3.56
C LEU B 25 9.38 7.96 -4.18
N SER B 26 8.70 8.00 -5.32
CA SER B 26 8.31 6.81 -6.04
C SER B 26 9.58 6.06 -6.44
N SER B 27 10.60 6.80 -6.84
CA SER B 27 11.92 6.24 -7.20
C SER B 27 12.70 5.71 -5.97
N ASN B 28 12.33 6.22 -4.81
CA ASN B 28 12.89 5.85 -3.54
C ASN B 28 12.04 4.82 -2.78
N GLY B 29 11.21 4.09 -3.52
CA GLY B 29 10.50 2.95 -2.96
C GLY B 29 9.14 3.17 -2.30
N TRP B 30 8.72 4.42 -2.10
CA TRP B 30 7.39 4.71 -1.52
C TRP B 30 6.26 4.28 -2.44
N THR B 31 5.16 3.81 -1.84
CA THR B 31 3.96 3.50 -2.65
C THR B 31 3.24 4.80 -2.92
N LYS B 32 2.54 4.87 -4.05
CA LYS B 32 1.72 6.04 -4.38
C LYS B 32 0.75 6.39 -3.25
N GLN B 33 0.11 5.38 -2.65
CA GLN B 33 -0.79 5.61 -1.54
C GLN B 33 -0.11 6.29 -0.36
N ALA B 34 1.06 5.78 0.05
CA ALA B 34 1.80 6.41 1.18
C ALA B 34 2.32 7.83 0.85
N ILE B 35 2.81 8.02 -0.35
CA ILE B 35 3.16 9.39 -0.80
C ILE B 35 1.97 10.37 -0.69
N CYS B 36 0.83 10.00 -1.27
CA CYS B 36 -0.34 10.87 -1.25
C CYS B 36 -0.85 11.07 0.17
N GLY B 37 -0.70 10.06 1.03
CA GLY B 37 -1.03 10.24 2.45
C GLY B 37 -0.23 11.43 2.98
N MET B 38 1.06 11.44 2.66
CA MET B 38 1.90 12.56 3.09
C MET B 38 1.58 13.86 2.37
N LEU B 39 1.30 13.78 1.07
CA LEU B 39 0.92 14.99 0.30
C LEU B 39 -0.35 15.63 0.90
N GLY B 40 -1.27 14.83 1.46
CA GLY B 40 -2.49 15.40 2.06
C GLY B 40 -2.18 16.26 3.26
N ASN B 41 -1.25 15.78 4.09
CA ASN B 41 -0.70 16.56 5.20
C ASN B 41 0.14 17.76 4.80
N MET B 42 1.09 17.56 3.89
CA MET B 42 1.88 18.68 3.37
C MET B 42 1.07 19.87 2.88
N GLN B 43 -0.06 19.57 2.25
CA GLN B 43 -0.98 20.62 1.78
C GLN B 43 -1.44 21.47 2.96
N SER B 44 -1.92 20.82 4.02
CA SER B 44 -2.33 21.58 5.23
C SER B 44 -1.18 22.29 5.95
N GLU B 45 0.00 21.65 5.98
CA GLU B 45 1.14 22.25 6.65
C GLU B 45 1.70 23.46 5.94
N SER B 46 1.84 23.37 4.62
CA SER B 46 2.68 24.32 3.90
C SER B 46 2.14 24.71 2.53
N THR B 47 0.95 24.24 2.17
CA THR B 47 0.54 24.29 0.75
C THR B 47 1.64 23.64 -0.11
N ILE B 48 2.24 22.57 0.43
CA ILE B 48 3.30 21.81 -0.27
C ILE B 48 4.43 22.69 -0.81
N ASN B 49 4.96 23.56 0.04
CA ASN B 49 5.92 24.56 -0.40
C ASN B 49 7.15 24.42 0.47
N PRO B 50 8.31 24.00 -0.12
CA PRO B 50 9.52 23.78 0.67
C PRO B 50 10.07 25.04 1.30
N GLY B 51 9.63 26.20 0.85
CA GLY B 51 10.23 27.44 1.36
C GLY B 51 9.41 28.20 2.37
N LEU B 52 8.29 27.60 2.83
CA LEU B 52 7.33 28.33 3.69
C LEU B 52 7.74 28.31 5.13
N TRP B 53 7.70 29.49 5.75
CA TRP B 53 7.95 29.63 7.18
C TRP B 53 6.63 29.85 7.89
N GLN B 54 6.55 29.28 9.09
CA GLN B 54 5.42 29.47 9.97
C GLN B 54 5.21 30.97 10.23
N ASN B 55 3.96 31.43 10.16
CA ASN B 55 3.60 32.87 10.24
C ASN B 55 4.19 33.73 9.14
N LEU B 56 4.73 33.10 8.08
CA LEU B 56 5.54 33.78 7.08
C LEU B 56 6.74 34.45 7.74
N ASP B 57 7.15 33.93 8.89
CA ASP B 57 8.18 34.55 9.72
C ASP B 57 9.58 34.14 9.32
N GLU B 58 10.00 34.65 8.17
CA GLU B 58 11.37 34.59 7.65
C GLU B 58 12.46 34.39 8.71
N GLY B 59 13.09 33.23 8.72
CA GLY B 59 14.31 33.03 9.50
C GLY B 59 14.16 32.83 10.99
N ASN B 60 12.93 32.81 11.45
CA ASN B 60 12.70 32.43 12.81
C ASN B 60 12.86 30.91 12.97
N THR B 61 14.07 30.48 13.35
CA THR B 61 14.43 29.05 13.47
C THR B 61 13.75 28.35 14.64
N SER B 62 13.01 29.09 15.44
CA SER B 62 12.31 28.47 16.56
C SER B 62 10.96 27.96 16.11
N LEU B 63 10.57 28.38 14.91
CA LEU B 63 9.23 28.14 14.40
C LEU B 63 9.27 27.10 13.27
N GLY B 64 8.12 26.87 12.64
CA GLY B 64 7.99 25.87 11.53
C GLY B 64 8.68 26.30 10.24
N PHE B 65 9.26 25.33 9.52
CA PHE B 65 9.79 25.59 8.17
C PHE B 65 9.60 24.36 7.29
N GLY B 66 9.32 24.59 6.01
CA GLY B 66 9.37 23.52 5.03
C GLY B 66 8.08 22.74 4.84
N LEU B 67 8.20 21.67 4.08
CA LEU B 67 7.06 20.95 3.53
C LEU B 67 6.11 20.42 4.62
N VAL B 68 6.70 19.78 5.63
CA VAL B 68 5.95 19.27 6.78
C VAL B 68 5.98 20.28 7.99
N GLN B 69 6.62 21.43 7.81
CA GLN B 69 6.80 22.42 8.89
C GLN B 69 7.54 21.82 10.10
N TRP B 70 8.78 21.39 9.87
CA TRP B 70 9.67 20.92 10.94
C TRP B 70 9.74 22.01 12.00
N THR B 71 9.53 21.63 13.24
CA THR B 71 9.36 22.60 14.32
C THR B 71 10.02 22.01 15.53
N PRO B 72 11.04 22.70 16.07
CA PRO B 72 11.61 23.95 15.57
C PRO B 72 12.43 23.76 14.28
N ALA B 73 12.33 24.72 13.36
CA ALA B 73 13.03 24.63 12.05
C ALA B 73 14.50 24.23 12.19
N SER B 74 15.09 24.53 13.35
CA SER B 74 16.46 24.15 13.66
C SER B 74 16.74 22.64 13.61
N ASN B 75 15.76 21.81 14.00
CA ASN B 75 15.91 20.33 13.91
C ASN B 75 16.38 19.93 12.50
N TYR B 76 15.75 20.51 11.47
CA TYR B 76 16.04 20.18 10.09
C TYR B 76 17.22 20.98 9.54
N ILE B 77 17.26 22.29 9.79
CA ILE B 77 18.27 23.16 9.20
C ILE B 77 19.71 22.74 9.52
N ASN B 78 19.93 22.33 10.76
CA ASN B 78 21.23 21.86 11.20
C ASN B 78 21.58 20.50 10.63
N TRP B 79 20.57 19.64 10.48
CA TRP B 79 20.74 18.38 9.76
C TRP B 79 21.26 18.66 8.36
N ALA B 80 20.61 19.58 7.64
CA ALA B 80 21.03 19.94 6.30
C ALA B 80 22.45 20.53 6.25
N ASN B 81 22.84 21.27 7.28
CA ASN B 81 24.20 21.75 7.37
C ASN B 81 25.18 20.60 7.65
N SER B 82 24.74 19.63 8.44
CA SER B 82 25.51 18.41 8.71
C SER B 82 25.78 17.59 7.45
N GLN B 83 24.84 17.61 6.51
CA GLN B 83 24.93 16.77 5.32
C GLN B 83 25.48 17.53 4.09
N GLY B 84 25.78 18.81 4.28
CA GLY B 84 26.25 19.63 3.17
C GLY B 84 25.20 19.77 2.10
N LEU B 85 23.97 20.05 2.54
CA LEU B 85 22.86 20.36 1.63
C LEU B 85 22.27 21.74 1.91
N PRO B 86 21.88 22.49 0.87
CA PRO B 86 21.21 23.77 1.12
C PRO B 86 19.81 23.49 1.69
N TYR B 87 19.44 24.20 2.76
CA TYR B 87 18.23 23.79 3.46
C TYR B 87 16.95 24.19 2.75
N LYS B 88 16.97 25.32 2.06
CA LYS B 88 15.76 25.88 1.43
C LYS B 88 15.72 25.27 0.04
N ASN B 89 15.35 24.00 0.02
CA ASN B 89 15.53 23.22 -1.19
C ASN B 89 14.62 22.02 -1.19
N MET B 90 13.95 21.74 -2.32
CA MET B 90 12.94 20.67 -2.37
C MET B 90 13.59 19.35 -2.05
N ASP B 91 14.68 19.04 -2.74
CA ASP B 91 15.37 17.75 -2.57
C ASP B 91 15.98 17.56 -1.16
N SER B 92 16.56 18.62 -0.58
CA SER B 92 17.10 18.55 0.79
C SER B 92 16.06 18.15 1.86
N GLU B 93 14.85 18.66 1.71
CA GLU B 93 13.78 18.34 2.65
C GLU B 93 13.29 16.91 2.39
N LEU B 94 13.25 16.47 1.13
CA LEU B 94 12.86 15.06 0.86
C LEU B 94 13.93 14.11 1.38
N LYS B 95 15.19 14.51 1.24
CA LYS B 95 16.29 13.75 1.88
C LYS B 95 16.14 13.62 3.40
N ARG B 96 15.67 14.67 4.07
CA ARG B 96 15.35 14.59 5.49
C ARG B 96 14.28 13.59 5.80
N ILE B 97 13.18 13.62 5.06
CA ILE B 97 12.11 12.66 5.28
C ILE B 97 12.62 11.24 5.08
N ILE B 98 13.39 11.00 4.04
CA ILE B 98 13.98 9.67 3.80
C ILE B 98 14.88 9.22 4.97
N TRP B 99 15.75 10.12 5.42
CA TRP B 99 16.63 9.95 6.59
C TRP B 99 15.81 9.55 7.79
N GLU B 100 14.74 10.29 8.04
CA GLU B 100 13.87 10.02 9.20
C GLU B 100 13.34 8.57 9.22
N VAL B 101 12.80 8.09 8.12
CA VAL B 101 12.44 6.69 7.94
C VAL B 101 13.64 5.78 8.27
N ASN B 102 14.73 5.96 7.55
CA ASN B 102 15.93 5.14 7.77
C ASN B 102 16.46 5.15 9.19
N ASN B 103 16.28 6.25 9.92
CA ASN B 103 16.87 6.48 11.24
C ASN B 103 15.88 6.48 12.40
N ASN B 104 14.68 5.96 12.16
CA ASN B 104 13.64 5.89 13.17
C ASN B 104 13.36 7.23 13.91
N ALA B 105 13.31 8.32 13.15
CA ALA B 105 13.10 9.63 13.75
C ALA B 105 11.66 10.13 13.58
N GLN B 106 11.34 11.16 14.37
CA GLN B 106 10.05 11.86 14.34
C GLN B 106 8.79 11.07 14.73
N TRP B 107 8.61 9.94 14.04
CA TRP B 107 7.43 9.09 14.08
C TRP B 107 7.24 8.42 15.46
N ILE B 108 6.01 8.53 15.98
CA ILE B 108 5.62 7.80 17.19
C ILE B 108 4.52 6.82 16.72
N ASN B 109 4.70 5.57 17.06
CA ASN B 109 3.78 4.51 16.58
C ASN B 109 2.44 4.48 17.34
N LEU B 110 1.50 5.35 16.94
CA LEU B 110 0.21 5.44 17.64
C LEU B 110 -0.95 4.73 16.90
N ARG B 111 -0.65 4.07 15.78
CA ARG B 111 -1.69 3.42 14.99
C ARG B 111 -1.26 2.06 14.46
N ASP B 112 -0.43 1.36 15.23
CA ASP B 112 -0.06 -0.04 14.91
C ASP B 112 0.67 -0.08 13.55
N MET B 113 1.53 0.92 13.31
CA MET B 113 2.30 1.03 12.07
C MET B 113 3.56 1.83 12.34
N THR B 114 4.72 1.24 12.01
CA THR B 114 5.99 1.96 12.03
C THR B 114 6.12 2.81 10.75
N PHE B 115 7.03 3.78 10.76
CA PHE B 115 7.33 4.59 9.55
C PHE B 115 7.80 3.73 8.36
N LYS B 116 8.63 2.72 8.60
CA LYS B 116 9.13 1.90 7.46
C LYS B 116 7.96 1.11 6.88
N GLU B 117 7.03 0.73 7.77
CA GLU B 117 5.81 0.08 7.38
C GLU B 117 4.98 1.02 6.56
N TYR B 118 4.86 2.26 7.05
CA TYR B 118 4.06 3.31 6.38
C TYR B 118 4.42 3.48 4.90
N ILE B 119 5.71 3.64 4.60
CA ILE B 119 6.08 3.97 3.23
C ILE B 119 5.78 2.83 2.25
N LYS B 120 5.61 1.61 2.76
CA LYS B 120 5.26 0.49 1.87
C LYS B 120 3.77 0.16 1.77
N SER B 121 2.94 0.98 2.42
CA SER B 121 1.55 0.60 2.66
C SER B 121 0.66 0.78 1.44
N THR B 122 -0.30 -0.13 1.30
CA THR B 122 -1.31 -0.05 0.27
C THR B 122 -2.70 0.24 0.84
N LYS B 123 -2.78 0.69 2.09
CA LYS B 123 -4.03 1.22 2.61
C LYS B 123 -4.47 2.39 1.75
N THR B 124 -5.65 2.92 1.99
CA THR B 124 -6.17 3.95 1.13
C THR B 124 -5.43 5.24 1.49
N PRO B 125 -5.31 6.15 0.52
CA PRO B 125 -4.67 7.41 0.86
C PRO B 125 -5.29 8.12 2.05
N ARG B 126 -6.62 8.11 2.15
CA ARG B 126 -7.30 8.77 3.24
C ARG B 126 -6.77 8.21 4.55
N GLU B 127 -6.79 6.89 4.70
CA GLU B 127 -6.35 6.24 5.96
C GLU B 127 -4.90 6.57 6.29
N LEU B 128 -4.04 6.54 5.28
CA LEU B 128 -2.59 6.80 5.47
C LEU B 128 -2.37 8.26 5.89
N ALA B 129 -3.19 9.15 5.34
CA ALA B 129 -3.11 10.56 5.73
C ALA B 129 -3.38 10.73 7.21
N MET B 130 -4.34 9.96 7.69
CA MET B 130 -4.76 10.12 9.08
C MET B 130 -3.77 9.42 10.01
N ILE B 131 -3.15 8.34 9.54
CA ILE B 131 -2.06 7.65 10.28
C ILE B 131 -0.82 8.56 10.34
N PHE B 132 -0.47 9.18 9.22
CA PHE B 132 0.65 10.12 9.17
C PHE B 132 0.36 11.33 10.08
N LEU B 133 -0.88 11.83 10.07
CA LEU B 133 -1.29 12.92 10.95
C LEU B 133 -1.14 12.54 12.44
N ALA B 134 -1.69 11.39 12.83
CA ALA B 134 -1.58 10.91 14.23
C ALA B 134 -0.17 10.55 14.63
N SER B 135 0.63 10.05 13.67
CA SER B 135 1.93 9.45 14.00
C SER B 135 3.10 10.37 13.78
N TYR B 136 3.08 11.09 12.66
CA TYR B 136 4.17 12.00 12.32
C TYR B 136 3.92 13.42 12.80
N GLU B 137 2.81 14.01 12.41
CA GLU B 137 2.56 15.44 12.65
C GLU B 137 2.17 15.71 14.08
N ARG B 138 1.25 14.91 14.62
CA ARG B 138 0.74 15.02 16.02
C ARG B 138 0.34 16.46 16.40
N PRO B 139 -0.58 17.07 15.62
CA PRO B 139 -0.86 18.50 15.85
C PRO B 139 -1.63 18.72 17.16
N ALA B 140 -1.58 19.94 17.69
CA ALA B 140 -2.31 20.26 18.91
C ALA B 140 -3.83 20.13 18.73
N ASN B 141 -4.30 20.25 17.48
CA ASN B 141 -5.69 20.08 17.07
C ASN B 141 -5.84 18.83 16.17
N PRO B 142 -6.30 17.69 16.74
CA PRO B 142 -6.30 16.38 16.09
C PRO B 142 -7.30 16.21 14.97
N ASN B 143 -8.37 17.01 14.95
CA ASN B 143 -9.49 16.73 14.06
C ASN B 143 -9.31 17.44 12.73
N GLN B 144 -8.62 16.80 11.82
CA GLN B 144 -8.29 17.41 10.54
C GLN B 144 -8.50 16.39 9.40
N PRO B 145 -9.74 15.91 9.22
CA PRO B 145 -10.13 14.97 8.12
C PRO B 145 -9.87 15.44 6.71
N GLU B 146 -9.84 16.75 6.49
CA GLU B 146 -9.54 17.31 5.18
C GLU B 146 -8.18 16.82 4.70
N ARG B 147 -7.28 16.48 5.63
CA ARG B 147 -5.98 15.94 5.20
C ARG B 147 -6.17 14.66 4.37
N GLY B 148 -7.16 13.83 4.76
CA GLY B 148 -7.49 12.61 4.01
C GLY B 148 -8.22 12.87 2.71
N ASP B 149 -9.06 13.90 2.69
CA ASP B 149 -9.73 14.33 1.46
C ASP B 149 -8.66 14.74 0.45
N GLN B 150 -7.70 15.49 0.96
CA GLN B 150 -6.59 16.04 0.17
C GLN B 150 -5.68 14.92 -0.40
N ALA B 151 -5.36 13.96 0.45
CA ALA B 151 -4.61 12.77 0.04
C ALA B 151 -5.33 12.06 -1.10
N GLU B 152 -6.67 11.89 -1.02
CA GLU B 152 -7.40 11.15 -2.09
C GLU B 152 -7.43 11.94 -3.41
N TYR B 153 -7.41 13.26 -3.28
CA TYR B 153 -7.35 14.17 -4.42
C TYR B 153 -6.07 14.02 -5.23
N TRP B 154 -4.92 14.01 -4.54
CA TRP B 154 -3.60 13.84 -5.16
C TRP B 154 -3.47 12.44 -5.71
N TYR B 155 -3.91 11.45 -4.96
CA TYR B 155 -3.86 10.09 -5.48
C TYR B 155 -4.62 10.00 -6.83
N LYS B 156 -5.74 10.73 -6.91
CA LYS B 156 -6.53 10.73 -8.14
C LYS B 156 -5.89 11.53 -9.29
N ASN B 157 -5.32 12.68 -8.96
CA ASN B 157 -4.91 13.59 -9.99
C ASN B 157 -3.43 13.61 -10.34
N LEU B 158 -2.65 12.78 -9.68
CA LEU B 158 -1.23 12.76 -10.01
C LEU B 158 -0.93 11.58 -10.91
N SER B 159 0.11 11.70 -11.71
CA SER B 159 0.49 10.68 -12.68
C SER B 159 1.81 10.04 -12.28
N LEU B 166 3.39 8.47 -20.90
CA LEU B 166 3.75 7.34 -21.77
C LEU B 166 3.71 7.60 -23.29
N GLN B 167 4.80 7.25 -23.97
CA GLN B 167 4.81 7.08 -25.43
C GLN B 167 4.16 5.78 -25.85
N LEU B 168 3.52 5.77 -27.02
CA LEU B 168 3.07 4.51 -27.59
C LEU B 168 4.26 3.84 -28.25
N ALA B 169 4.47 2.53 -28.00
CA ALA B 169 5.44 1.77 -28.79
C ALA B 169 4.98 1.62 -30.25
N GLN B 170 5.75 2.21 -31.14
CA GLN B 170 5.39 2.21 -32.56
C GLN B 170 6.25 1.17 -33.30
N PHE B 171 5.62 0.30 -34.11
CA PHE B 171 6.40 -0.58 -34.95
C PHE B 171 7.48 0.16 -35.74
N PRO B 172 8.76 -0.30 -35.62
CA PRO B 172 9.88 0.40 -36.30
C PRO B 172 9.82 0.61 -37.81
N MET B 173 9.19 -0.32 -38.55
CA MET B 173 9.20 -0.24 -40.03
C MET B 173 7.87 0.19 -40.67
N ASP B 174 8.03 0.87 -41.81
CA ASP B 174 7.02 1.37 -42.77
C ASP B 174 6.04 0.29 -43.27
N ILE B 175 6.54 -0.92 -43.29
CA ILE B 175 5.84 -2.03 -43.88
C ILE B 175 6.14 -3.26 -43.09
N ILE B 176 5.29 -4.24 -43.24
CA ILE B 176 5.51 -5.54 -42.62
C ILE B 176 5.42 -6.57 -43.71
N ASN B 177 6.56 -7.19 -43.97
CA ASN B 177 6.63 -8.21 -44.98
C ASN B 177 7.41 -9.33 -44.34
N ILE B 178 6.69 -10.28 -43.75
CA ILE B 178 7.32 -11.33 -42.94
C ILE B 178 7.97 -12.40 -43.80
N SER B 179 9.24 -12.68 -43.55
CA SER B 179 9.94 -13.74 -44.28
C SER B 179 10.12 -15.00 -43.43
N GLN B 180 10.04 -14.84 -42.11
CA GLN B 180 9.93 -15.99 -41.21
C GLN B 180 9.29 -15.57 -39.91
N GLY B 181 8.25 -16.29 -39.51
CA GLY B 181 7.48 -15.91 -38.33
C GLY B 181 7.98 -16.52 -37.06
N GLU B 182 7.14 -16.41 -36.06
CA GLU B 182 7.35 -17.01 -34.77
C GLU B 182 7.43 -18.52 -34.97
N ASN B 183 8.36 -19.20 -34.28
CA ASN B 183 8.52 -20.65 -34.45
C ASN B 183 8.75 -21.13 -35.88
N GLY B 184 9.24 -20.20 -36.72
CA GLY B 184 9.60 -20.51 -38.09
C GLY B 184 10.65 -21.61 -38.07
N SER B 185 10.49 -22.56 -38.98
CA SER B 185 11.28 -23.78 -38.89
C SER B 185 12.72 -23.59 -39.29
N PHE B 186 13.03 -22.61 -40.15
CA PHE B 186 14.42 -22.39 -40.60
C PHE B 186 15.40 -21.97 -39.51
N SER B 187 15.04 -20.96 -38.70
CA SER B 187 15.95 -20.49 -37.66
C SER B 187 15.24 -19.85 -36.45
N HIS B 188 13.91 -19.98 -36.37
CA HIS B 188 13.15 -19.47 -35.24
C HIS B 188 12.48 -20.55 -34.37
N LYS B 189 13.00 -21.79 -34.42
CA LYS B 189 12.33 -22.87 -33.66
C LYS B 189 12.31 -22.59 -32.18
N GLY B 190 11.14 -22.57 -31.57
CA GLY B 190 11.04 -22.32 -30.14
C GLY B 190 10.87 -20.86 -29.73
N THR B 191 10.97 -19.96 -30.71
CA THR B 191 11.22 -18.55 -30.39
C THR B 191 10.07 -17.69 -30.89
N LEU B 192 9.99 -16.45 -30.38
CA LEU B 192 9.01 -15.47 -30.84
C LEU B 192 9.62 -14.40 -31.72
N CYS B 193 10.77 -14.73 -32.31
CA CYS B 193 11.42 -13.86 -33.29
C CYS B 193 10.64 -13.77 -34.55
N ILE B 194 10.77 -12.64 -35.24
CA ILE B 194 10.20 -12.49 -36.59
C ILE B 194 11.24 -11.84 -37.50
N ASP B 195 11.38 -12.36 -38.71
CA ASP B 195 12.24 -11.77 -39.75
C ASP B 195 11.39 -10.98 -40.73
N PHE B 196 11.81 -9.72 -41.01
CA PHE B 196 11.07 -8.79 -41.86
C PHE B 196 11.93 -8.32 -43.01
N VAL B 197 11.35 -8.29 -44.22
CA VAL B 197 12.02 -7.69 -45.38
C VAL B 197 11.43 -6.31 -45.68
N GLY B 198 12.26 -5.37 -46.12
CA GLY B 198 11.77 -4.07 -46.51
C GLY B 198 11.43 -4.02 -47.98
N LYS B 199 11.06 -2.83 -48.47
CA LYS B 199 10.77 -2.67 -49.87
C LYS B 199 12.01 -2.89 -50.73
N THR B 200 13.18 -2.62 -50.14
CA THR B 200 14.46 -2.75 -50.81
C THR B 200 15.45 -3.35 -49.81
N GLU B 201 16.64 -3.70 -50.29
CA GLU B 201 17.76 -4.07 -49.42
C GLU B 201 18.18 -2.85 -48.60
N LYS B 202 18.80 -3.07 -47.44
CA LYS B 202 19.25 -1.97 -46.55
C LYS B 202 18.12 -0.98 -46.27
N TYR B 203 16.97 -1.51 -45.91
CA TYR B 203 15.80 -0.69 -45.74
C TYR B 203 15.69 -0.19 -44.27
N PRO B 204 15.42 1.13 -44.05
CA PRO B 204 15.44 1.61 -42.69
C PRO B 204 14.27 1.24 -41.78
N TYR B 205 14.57 1.34 -40.50
CA TYR B 205 13.55 1.25 -39.50
C TYR B 205 13.93 2.17 -38.35
N TYR B 206 12.91 2.56 -37.61
CA TYR B 206 12.95 3.75 -36.76
C TYR B 206 12.68 3.42 -35.32
N ALA B 207 13.27 4.17 -34.38
CA ALA B 207 12.94 4.05 -32.92
C ALA B 207 11.46 3.96 -32.53
N PRO B 208 11.06 2.87 -31.82
CA PRO B 208 9.65 2.71 -31.51
C PRO B 208 9.25 3.65 -30.39
N CYS B 209 10.24 4.11 -29.64
CA CYS B 209 10.02 4.96 -28.47
C CYS B 209 11.38 5.54 -28.15
N ASP B 210 11.46 6.51 -27.25
CA ASP B 210 12.77 6.96 -26.76
C ASP B 210 13.45 5.78 -26.12
N CYS B 211 14.70 5.54 -26.51
CA CYS B 211 15.37 4.33 -26.08
C CYS B 211 16.86 4.52 -26.06
N THR B 212 17.55 3.63 -25.32
CA THR B 212 19.00 3.64 -25.25
C THR B 212 19.61 2.31 -25.68
N CYS B 213 20.72 2.35 -26.37
CA CYS B 213 21.44 1.13 -26.76
C CYS B 213 22.18 0.56 -25.54
N VAL B 214 21.90 -0.71 -25.25
CA VAL B 214 22.35 -1.38 -24.02
C VAL B 214 23.35 -2.51 -24.27
N TRP B 215 23.45 -2.97 -25.51
CA TRP B 215 24.42 -3.98 -25.88
C TRP B 215 24.77 -3.88 -27.35
N ARG B 216 25.97 -4.29 -27.71
CA ARG B 216 26.35 -4.44 -29.10
C ARG B 216 27.10 -5.74 -29.27
N GLY B 217 26.66 -6.54 -30.23
CA GLY B 217 27.30 -7.80 -30.54
C GLY B 217 27.84 -7.68 -31.94
N ASP B 218 29.15 -7.49 -32.07
CA ASP B 218 29.78 -7.30 -33.37
C ASP B 218 29.83 -8.57 -34.22
N ALA B 219 30.13 -9.72 -33.59
CA ALA B 219 30.24 -10.99 -34.31
C ALA B 219 28.92 -11.47 -34.89
N SER B 220 27.85 -11.31 -34.12
CA SER B 220 26.50 -11.76 -34.52
C SER B 220 25.69 -10.61 -35.11
N ALA B 221 26.32 -9.43 -35.18
CA ALA B 221 25.79 -8.27 -35.87
C ALA B 221 24.42 -7.84 -35.32
N TYR B 222 24.38 -7.52 -34.04
CA TYR B 222 23.13 -7.05 -33.43
C TYR B 222 23.37 -5.94 -32.42
N LEU B 223 22.33 -5.13 -32.19
CA LEU B 223 22.36 -4.16 -31.12
C LEU B 223 21.10 -4.37 -30.31
N ALA B 224 21.22 -4.23 -29.00
CA ALA B 224 20.10 -4.35 -28.08
C ALA B 224 19.73 -2.97 -27.56
N TRP B 225 18.44 -2.71 -27.37
CA TRP B 225 17.93 -1.42 -26.99
C TRP B 225 16.96 -1.66 -25.83
N THR B 226 16.76 -0.63 -25.00
CA THR B 226 15.70 -0.66 -24.01
C THR B 226 14.98 0.70 -23.99
N SER B 227 13.67 0.68 -23.74
CA SER B 227 12.90 1.92 -23.60
C SER B 227 13.39 2.73 -22.40
N ASP B 228 13.35 4.04 -22.54
CA ASP B 228 13.87 4.93 -21.48
C ASP B 228 12.95 5.01 -20.27
N LYS B 229 11.68 4.76 -20.51
CA LYS B 229 10.63 4.79 -19.51
C LYS B 229 9.70 3.66 -19.87
N GLU B 230 8.73 3.39 -19.02
CA GLU B 230 7.60 2.53 -19.38
C GLU B 230 6.91 3.10 -20.62
N VAL B 231 6.47 2.19 -21.50
CA VAL B 231 5.73 2.54 -22.72
C VAL B 231 4.35 1.92 -22.76
N MET B 232 3.47 2.51 -23.56
CA MET B 232 2.15 1.97 -23.78
C MET B 232 2.25 0.98 -24.96
N CYS B 233 1.89 -0.27 -24.70
CA CYS B 233 1.94 -1.31 -25.72
C CYS B 233 0.66 -1.32 -26.54
N ALA B 234 0.68 -2.01 -27.69
CA ALA B 234 -0.49 -2.14 -28.52
C ALA B 234 -1.57 -3.02 -27.82
N ASP B 235 -1.09 -3.93 -26.95
CA ASP B 235 -1.84 -4.72 -25.97
C ASP B 235 -2.67 -3.89 -25.01
N GLY B 236 -2.26 -2.65 -24.84
CA GLY B 236 -2.78 -1.77 -23.80
C GLY B 236 -2.09 -2.02 -22.48
N SER B 237 -1.07 -2.89 -22.48
CA SER B 237 -0.19 -3.08 -21.32
C SER B 237 0.89 -2.00 -21.26
N VAL B 238 1.32 -1.66 -20.03
CA VAL B 238 2.30 -0.64 -19.79
C VAL B 238 3.49 -1.27 -19.10
N ARG B 239 4.62 -1.30 -19.79
CA ARG B 239 5.83 -1.93 -19.25
C ARG B 239 7.04 -1.33 -19.94
N TYR B 240 8.22 -1.48 -19.33
CA TYR B 240 9.47 -1.31 -20.03
C TYR B 240 9.62 -2.50 -21.02
N ILE B 241 10.31 -2.25 -22.12
CA ILE B 241 10.63 -3.28 -23.11
C ILE B 241 12.12 -3.20 -23.53
N THR B 242 12.68 -4.32 -23.94
CA THR B 242 14.05 -4.41 -24.45
C THR B 242 13.99 -5.23 -25.73
N TRP B 243 14.73 -4.85 -26.76
CA TRP B 243 14.66 -5.64 -27.99
C TRP B 243 16.03 -5.78 -28.65
N VAL B 244 16.11 -6.63 -29.66
CA VAL B 244 17.30 -6.67 -30.48
C VAL B 244 16.99 -6.54 -31.95
N ASN B 245 17.88 -5.85 -32.65
CA ASN B 245 17.83 -5.80 -34.10
C ASN B 245 19.06 -6.46 -34.61
N VAL B 246 18.87 -7.41 -35.51
CA VAL B 246 19.98 -8.20 -35.95
C VAL B 246 20.12 -8.10 -37.48
N HIS B 247 21.37 -8.16 -37.93
CA HIS B 247 21.75 -8.29 -39.35
C HIS B 247 22.09 -7.02 -40.09
N GLU B 248 21.94 -5.85 -39.46
CA GLU B 248 22.47 -4.64 -40.11
C GLU B 248 23.98 -4.73 -40.25
N SER B 249 24.52 -4.24 -41.38
CA SER B 249 25.95 -4.21 -41.62
C SER B 249 26.36 -2.99 -42.49
N PRO B 250 27.19 -2.08 -41.96
CA PRO B 250 27.78 -2.07 -40.62
C PRO B 250 26.75 -1.69 -39.54
N LEU B 251 27.10 -1.96 -38.28
CA LEU B 251 26.30 -1.56 -37.15
C LEU B 251 26.44 -0.07 -36.95
N PRO B 252 25.31 0.63 -36.82
CA PRO B 252 25.30 2.08 -36.79
C PRO B 252 25.74 2.72 -35.45
N PHE B 253 25.45 2.06 -34.33
CA PHE B 253 25.56 2.67 -33.02
C PHE B 253 26.40 1.89 -32.00
N ASP B 254 26.73 2.59 -30.91
CA ASP B 254 27.54 2.07 -29.80
C ASP B 254 26.66 2.05 -28.54
N VAL B 255 26.99 1.19 -27.58
CA VAL B 255 26.31 1.20 -26.29
C VAL B 255 26.29 2.61 -25.72
N GLY B 256 25.13 2.99 -25.18
CA GLY B 256 24.92 4.31 -24.61
C GLY B 256 24.23 5.31 -25.54
N LYS B 257 24.10 4.97 -26.83
CA LYS B 257 23.44 5.85 -27.80
C LYS B 257 21.97 6.02 -27.43
N LYS B 258 21.52 7.26 -27.44
CA LYS B 258 20.13 7.59 -27.25
C LYS B 258 19.47 7.99 -28.55
N LEU B 259 18.27 7.45 -28.74
CA LEU B 259 17.41 7.74 -29.84
C LEU B 259 16.09 8.27 -29.29
N LYS B 260 15.53 9.27 -29.97
CA LYS B 260 14.15 9.71 -29.70
C LYS B 260 13.24 8.84 -30.56
N LYS B 261 12.01 8.61 -30.11
CA LYS B 261 11.01 7.92 -30.94
C LYS B 261 11.04 8.50 -32.32
N GLY B 262 11.10 7.63 -33.33
CA GLY B 262 11.05 8.03 -34.74
C GLY B 262 12.38 8.28 -35.37
N ASP B 263 13.43 8.38 -34.54
CA ASP B 263 14.79 8.53 -35.02
C ASP B 263 15.22 7.23 -35.73
N LEU B 264 16.12 7.34 -36.71
CA LEU B 264 16.64 6.16 -37.43
C LEU B 264 17.39 5.25 -36.46
N MET B 265 16.99 3.96 -36.46
CA MET B 265 17.51 2.97 -35.50
C MET B 265 18.34 1.90 -36.18
N GLY B 266 18.05 1.60 -37.44
CA GLY B 266 18.83 0.62 -38.16
C GLY B 266 18.40 0.44 -39.61
N HIS B 267 19.02 -0.54 -40.24
CA HIS B 267 18.58 -1.03 -41.56
C HIS B 267 18.49 -2.54 -41.61
N THR B 268 17.64 -3.08 -42.49
CA THR B 268 17.78 -4.49 -42.85
C THR B 268 19.18 -4.73 -43.41
N GLY B 269 19.64 -5.97 -43.50
CA GLY B 269 20.98 -6.21 -44.01
C GLY B 269 21.45 -7.64 -44.01
N ILE B 270 22.72 -7.85 -44.37
CA ILE B 270 23.26 -9.22 -44.39
C ILE B 270 24.43 -9.44 -43.43
N GLY B 271 24.41 -8.73 -42.31
CA GLY B 271 25.37 -8.97 -41.23
C GLY B 271 25.34 -10.42 -40.75
N GLY B 276 20.72 -13.02 -47.80
CA GLY B 276 19.30 -12.85 -47.46
C GLY B 276 19.10 -11.61 -46.62
N ASP B 277 18.83 -10.48 -47.28
CA ASP B 277 18.71 -9.16 -46.65
C ASP B 277 17.42 -9.11 -45.88
N HIS B 278 17.53 -9.01 -44.56
CA HIS B 278 16.37 -8.82 -43.70
C HIS B 278 16.76 -8.15 -42.40
N TRP B 279 15.75 -8.01 -41.54
CA TRP B 279 15.92 -7.52 -40.17
C TRP B 279 15.31 -8.60 -39.28
N HIS B 280 16.10 -9.15 -38.36
CA HIS B 280 15.53 -10.05 -37.33
C HIS B 280 15.30 -9.31 -36.01
N PHE B 281 14.09 -9.45 -35.50
CA PHE B 281 13.54 -8.64 -34.42
C PHE B 281 12.98 -9.54 -33.31
N ASN B 282 13.24 -9.15 -32.06
CA ASN B 282 12.89 -9.99 -30.90
C ASN B 282 12.78 -9.03 -29.75
N VAL B 283 11.70 -9.12 -29.00
CA VAL B 283 11.44 -8.17 -27.90
C VAL B 283 11.05 -8.98 -26.65
N ILE B 284 11.55 -8.52 -25.50
CA ILE B 284 11.24 -9.11 -24.21
C ILE B 284 10.63 -8.06 -23.24
N ASP B 285 9.95 -8.56 -22.20
CA ASP B 285 9.48 -7.69 -21.12
C ASP B 285 10.63 -7.15 -20.31
N GLY B 286 10.54 -5.87 -19.90
CA GLY B 286 11.42 -5.37 -18.89
C GLY B 286 12.60 -4.53 -19.31
N LYS B 287 13.28 -4.00 -18.31
CA LYS B 287 14.35 -3.03 -18.54
C LYS B 287 15.73 -3.66 -18.52
N GLU B 288 15.79 -4.98 -18.40
CA GLU B 288 17.08 -5.65 -18.33
C GLU B 288 17.39 -6.49 -19.59
N TYR B 289 18.52 -6.21 -20.24
CA TYR B 289 19.05 -7.14 -21.26
C TYR B 289 19.66 -8.33 -20.52
N GLN B 290 19.29 -9.55 -20.92
CA GLN B 290 19.69 -10.76 -20.19
C GLN B 290 20.50 -11.76 -21.01
N GLY B 291 21.03 -11.31 -22.13
CA GLY B 291 21.85 -12.17 -22.98
C GLY B 291 20.96 -13.04 -23.83
N TRP B 292 21.47 -14.22 -24.20
CA TRP B 292 20.77 -15.09 -25.15
C TRP B 292 20.46 -16.49 -24.62
N THR B 293 19.67 -17.24 -25.39
CA THR B 293 19.30 -18.60 -25.05
C THR B 293 18.93 -19.37 -26.31
N LYS B 294 18.64 -20.65 -26.14
CA LYS B 294 18.37 -21.52 -27.29
C LYS B 294 17.14 -22.36 -27.03
N LYS B 295 16.25 -22.40 -28.01
CA LYS B 295 14.89 -22.90 -27.75
C LYS B 295 14.31 -23.92 -28.74
N PRO B 296 15.13 -24.60 -29.56
CA PRO B 296 16.58 -24.76 -29.71
C PRO B 296 17.28 -23.65 -30.52
N ASP B 297 16.49 -22.81 -31.20
CA ASP B 297 17.06 -21.76 -32.05
C ASP B 297 17.29 -20.56 -31.15
N SER B 298 18.05 -19.57 -31.65
CA SER B 298 18.64 -18.54 -30.78
C SER B 298 17.63 -17.43 -30.55
N CYS B 299 17.56 -16.93 -29.31
CA CYS B 299 16.67 -15.81 -29.03
C CYS B 299 17.12 -15.15 -27.75
N LEU B 300 16.47 -14.03 -27.41
CA LEU B 300 16.84 -13.34 -26.18
C LEU B 300 16.39 -14.18 -25.04
N ALA B 301 17.28 -14.31 -24.04
CA ALA B 301 16.90 -14.63 -22.65
C ALA B 301 15.91 -13.58 -22.01
N GLY B 302 15.04 -14.06 -21.15
CA GLY B 302 14.05 -13.21 -20.43
C GLY B 302 12.71 -13.67 -20.93
N THR B 303 11.72 -12.80 -20.86
CA THR B 303 10.37 -13.19 -21.29
C THR B 303 10.08 -12.63 -22.66
N GLU B 304 10.15 -13.48 -23.67
CA GLU B 304 9.80 -13.06 -25.02
C GLU B 304 8.35 -12.64 -25.05
N LEU B 305 8.08 -11.48 -25.64
CA LEU B 305 6.70 -11.02 -25.90
C LEU B 305 6.41 -11.12 -27.38
N HIS B 306 5.14 -11.13 -27.76
CA HIS B 306 4.77 -11.11 -29.19
C HIS B 306 4.95 -9.70 -29.75
N ILE B 307 5.72 -9.54 -30.84
CA ILE B 307 5.92 -8.23 -31.50
C ILE B 307 4.61 -7.44 -31.76
N TYR B 308 3.59 -8.19 -32.18
CA TYR B 308 2.26 -7.64 -32.50
C TYR B 308 1.41 -7.30 -31.27
N ASP B 309 1.88 -7.70 -30.10
CA ASP B 309 1.22 -7.25 -28.87
C ASP B 309 1.89 -5.98 -28.40
N VAL B 310 3.18 -5.89 -28.67
CA VAL B 310 3.95 -4.79 -28.12
C VAL B 310 3.80 -3.57 -29.00
N PHE B 311 4.04 -3.70 -30.30
CA PHE B 311 4.22 -2.51 -31.15
C PHE B 311 2.98 -2.25 -31.99
N ALA B 312 2.48 -1.01 -31.95
CA ALA B 312 1.25 -0.64 -32.67
C ALA B 312 1.61 -0.41 -34.15
N VAL B 313 0.67 -0.73 -35.06
CA VAL B 313 0.89 -0.68 -36.51
C VAL B 313 0.17 0.46 -37.25
N ASN B 314 -0.25 1.48 -36.51
CA ASN B 314 -0.68 2.75 -37.11
C ASN B 314 0.24 3.22 -38.23
N ASN B 315 -0.31 3.51 -39.40
CA ASN B 315 0.50 4.01 -40.53
C ASN B 315 1.51 3.02 -41.07
N VAL B 316 1.20 1.73 -40.93
CA VAL B 316 2.06 0.67 -41.45
C VAL B 316 1.28 -0.08 -42.54
N GLU B 317 1.94 -0.34 -43.68
CA GLU B 317 1.41 -1.15 -44.76
C GLU B 317 1.79 -2.63 -44.59
N ILE B 318 0.77 -3.49 -44.53
CA ILE B 318 1.02 -4.91 -44.27
C ILE B 318 0.88 -5.72 -45.57
N ILE B 319 2.00 -6.22 -46.06
CA ILE B 319 2.04 -7.03 -47.26
C ILE B 319 1.98 -8.52 -46.89
N ASN B 320 2.66 -8.93 -45.82
CA ASN B 320 2.62 -10.33 -45.33
C ASN B 320 3.08 -10.30 -43.84
N GLY B 321 2.38 -10.69 -42.80
CA GLY B 321 1.06 -10.41 -42.33
C GLY B 321 1.16 -11.59 -41.36
N ASN B 322 1.36 -12.76 -41.99
CA ASN B 322 1.30 -14.07 -41.35
C ASN B 322 0.07 -14.39 -40.49
N GLY B 323 -0.96 -13.58 -40.60
CA GLY B 323 -2.19 -13.85 -39.88
C GLY B 323 -2.15 -13.50 -38.41
N TYR B 324 -1.15 -12.71 -38.00
CA TYR B 324 -0.95 -12.27 -36.63
C TYR B 324 -1.88 -11.11 -36.20
N ASP B 325 -2.02 -10.91 -34.89
CA ASP B 325 -2.99 -9.93 -34.41
C ASP B 325 -2.35 -8.57 -34.44
N TRP B 326 -2.06 -8.04 -35.62
CA TRP B 326 -1.44 -6.71 -35.68
C TRP B 326 -2.51 -5.68 -35.35
N LYS B 327 -2.18 -4.80 -34.41
CA LYS B 327 -3.11 -3.83 -33.82
C LYS B 327 -2.63 -2.40 -33.95
N THR B 328 -3.61 -1.52 -34.15
CA THR B 328 -3.41 -0.11 -34.17
C THR B 328 -3.87 0.39 -32.77
N SER B 329 -3.41 1.55 -32.33
CA SER B 329 -3.81 2.11 -31.02
C SER B 329 -4.02 3.60 -31.10
N ASP B 330 -5.03 4.08 -30.36
CA ASP B 330 -5.46 5.48 -30.43
C ASP B 330 -4.69 6.33 -29.44
N TRP B 331 -3.89 5.66 -28.62
CA TRP B 331 -3.17 6.31 -27.52
C TRP B 331 -2.27 7.49 -27.92
N GLN B 332 -2.43 8.58 -27.18
CA GLN B 332 -1.73 9.82 -27.44
C GLN B 332 -0.49 9.94 -26.55
N ASP B 333 0.65 10.20 -27.17
CA ASP B 333 1.94 10.23 -26.48
C ASP B 333 2.06 11.34 -25.43
N GLY B 334 1.65 12.55 -25.79
CA GLY B 334 1.87 13.74 -24.94
C GLY B 334 3.19 13.75 -24.15
N MET C 1 6.48 -15.74 10.13
CA MET C 1 6.50 -17.14 9.68
C MET C 1 5.54 -17.42 8.53
N VAL C 2 6.12 -17.70 7.38
CA VAL C 2 5.39 -18.29 6.26
C VAL C 2 6.13 -19.53 5.73
N TYR C 3 5.38 -20.47 5.16
CA TYR C 3 5.95 -21.61 4.42
C TYR C 3 6.02 -21.31 2.93
N VAL C 4 7.22 -21.39 2.35
CA VAL C 4 7.47 -20.98 0.96
C VAL C 4 8.40 -22.00 0.34
N SER C 5 7.88 -22.81 -0.57
CA SER C 5 8.65 -23.93 -1.13
C SER C 5 7.97 -24.42 -2.39
N ASN C 6 8.62 -25.31 -3.12
CA ASN C 6 7.98 -25.90 -4.29
C ASN C 6 7.55 -27.34 -4.01
N LYS C 7 6.73 -27.44 -2.97
CA LYS C 7 6.32 -28.72 -2.42
C LYS C 7 4.93 -28.50 -1.84
N TYR C 8 4.08 -29.52 -1.86
CA TYR C 8 2.74 -29.40 -1.29
C TYR C 8 2.77 -29.31 0.22
N LEU C 9 2.04 -28.31 0.75
CA LEU C 9 1.95 -28.12 2.17
C LEU C 9 0.93 -29.05 2.84
N THR C 10 1.24 -29.45 4.07
CA THR C 10 0.31 -30.19 4.92
C THR C 10 -0.71 -29.18 5.46
N MET C 11 -1.82 -29.65 6.04
CA MET C 11 -2.82 -28.74 6.66
C MET C 11 -2.20 -27.82 7.71
N SER C 12 -1.22 -28.35 8.45
CA SER C 12 -0.65 -27.56 9.53
C SER C 12 0.13 -26.37 8.99
N GLU C 13 0.94 -26.61 7.94
CA GLU C 13 1.61 -25.53 7.20
C GLU C 13 0.65 -24.55 6.47
N MET C 14 -0.38 -25.07 5.81
CA MET C 14 -1.37 -24.17 5.15
C MET C 14 -2.01 -23.23 6.15
N LYS C 15 -2.24 -23.72 7.37
CA LYS C 15 -2.97 -22.96 8.39
C LYS C 15 -2.13 -21.79 8.86
N VAL C 16 -0.80 -21.99 8.91
CA VAL C 16 0.10 -20.88 9.20
C VAL C 16 -0.01 -19.79 8.08
N ASN C 17 0.17 -20.24 6.85
CA ASN C 17 0.04 -19.35 5.72
C ASN C 17 -1.33 -18.69 5.58
N ALA C 18 -2.39 -19.41 5.88
CA ALA C 18 -3.75 -18.86 5.72
C ALA C 18 -3.96 -17.79 6.75
N GLN C 19 -3.50 -18.05 7.97
CA GLN C 19 -3.62 -17.03 9.03
C GLN C 19 -2.84 -15.78 8.70
N TYR C 20 -1.67 -15.96 8.09
CA TYR C 20 -0.81 -14.83 7.72
C TYR C 20 -1.48 -13.96 6.66
N ILE C 21 -2.06 -14.60 5.65
CA ILE C 21 -2.82 -13.94 4.59
C ILE C 21 -4.02 -13.23 5.14
N LEU C 22 -4.73 -13.89 6.05
CA LEU C 22 -5.89 -13.27 6.69
C LEU C 22 -5.50 -11.97 7.40
N ASN C 23 -4.41 -12.04 8.18
CA ASN C 23 -3.96 -10.89 8.98
C ASN C 23 -3.56 -9.74 8.07
N TYR C 24 -2.86 -10.10 7.00
CA TYR C 24 -2.38 -9.13 6.02
C TYR C 24 -3.54 -8.48 5.28
N LEU C 25 -4.41 -9.26 4.68
CA LEU C 25 -5.48 -8.63 3.87
C LEU C 25 -6.56 -7.92 4.67
N SER C 26 -6.80 -8.38 5.89
CA SER C 26 -7.73 -7.63 6.77
C SER C 26 -7.30 -6.18 7.01
N SER C 27 -6.00 -5.93 7.04
CA SER C 27 -5.46 -4.58 7.21
C SER C 27 -5.58 -3.72 5.93
N ASN C 28 -5.86 -4.37 4.80
CA ASN C 28 -5.88 -3.71 3.49
C ASN C 28 -7.27 -3.59 2.91
N GLY C 29 -8.27 -3.69 3.79
CA GLY C 29 -9.64 -3.41 3.41
C GLY C 29 -10.54 -4.61 3.13
N TRP C 30 -9.99 -5.82 3.19
CA TRP C 30 -10.75 -7.01 2.78
C TRP C 30 -11.56 -7.59 3.94
N THR C 31 -12.71 -8.17 3.64
CA THR C 31 -13.54 -8.82 4.67
C THR C 31 -13.01 -10.21 4.93
N LYS C 32 -13.31 -10.74 6.10
CA LYS C 32 -12.89 -12.11 6.44
C LYS C 32 -13.49 -13.06 5.42
N GLN C 33 -14.74 -12.79 5.00
CA GLN C 33 -15.47 -13.71 4.14
C GLN C 33 -14.79 -13.81 2.79
N ALA C 34 -14.28 -12.68 2.33
CA ALA C 34 -13.64 -12.52 1.00
C ALA C 34 -12.29 -13.19 0.96
N ILE C 35 -11.53 -12.95 2.02
CA ILE C 35 -10.23 -13.57 2.21
C ILE C 35 -10.40 -15.06 2.20
N CYS C 36 -11.40 -15.54 2.95
CA CYS C 36 -11.59 -16.97 3.06
C CYS C 36 -12.08 -17.60 1.77
N GLY C 37 -12.99 -16.91 1.08
CA GLY C 37 -13.39 -17.32 -0.29
C GLY C 37 -12.18 -17.53 -1.18
N MET C 38 -11.20 -16.66 -1.05
CA MET C 38 -9.97 -16.77 -1.84
C MET C 38 -9.03 -17.87 -1.34
N LEU C 39 -8.87 -18.00 -0.04
CA LEU C 39 -8.08 -19.09 0.56
C LEU C 39 -8.60 -20.46 0.12
N GLY C 40 -9.92 -20.62 0.02
CA GLY C 40 -10.48 -21.92 -0.47
C GLY C 40 -9.98 -22.27 -1.86
N ASN C 41 -9.86 -21.25 -2.69
CA ASN C 41 -9.30 -21.35 -4.02
C ASN C 41 -7.82 -21.66 -3.96
N MET C 42 -7.06 -20.84 -3.24
CA MET C 42 -5.61 -21.04 -3.15
C MET C 42 -5.25 -22.44 -2.62
N GLN C 43 -6.01 -22.98 -1.66
CA GLN C 43 -5.72 -24.36 -1.16
C GLN C 43 -5.77 -25.37 -2.31
N SER C 44 -6.80 -25.24 -3.14
CA SER C 44 -6.91 -26.06 -4.37
C SER C 44 -5.82 -25.80 -5.38
N GLU C 45 -5.47 -24.53 -5.62
CA GLU C 45 -4.50 -24.16 -6.65
C GLU C 45 -3.09 -24.57 -6.24
N SER C 46 -2.76 -24.39 -4.97
CA SER C 46 -1.36 -24.38 -4.57
C SER C 46 -1.02 -24.90 -3.18
N THR C 47 -2.00 -25.47 -2.47
CA THR C 47 -1.93 -25.69 -1.03
C THR C 47 -1.44 -24.42 -0.31
N ILE C 48 -1.88 -23.27 -0.79
CA ILE C 48 -1.54 -21.97 -0.14
C ILE C 48 -0.01 -21.79 0.03
N ASN C 49 0.68 -22.12 -1.03
CA ASN C 49 2.11 -22.02 -1.01
C ASN C 49 2.60 -21.00 -2.05
N PRO C 50 3.16 -19.86 -1.58
CA PRO C 50 3.66 -18.84 -2.50
C PRO C 50 4.84 -19.31 -3.34
N GLY C 51 5.41 -20.46 -3.00
CA GLY C 51 6.64 -20.91 -3.65
C GLY C 51 6.45 -22.01 -4.68
N LEU C 52 5.21 -22.42 -4.88
CA LEU C 52 4.93 -23.61 -5.65
C LEU C 52 4.75 -23.34 -7.14
N TRP C 53 5.49 -24.10 -7.96
CA TRP C 53 5.28 -24.12 -9.39
C TRP C 53 4.29 -25.24 -9.69
N GLN C 54 3.42 -25.02 -10.70
CA GLN C 54 2.45 -26.00 -11.18
C GLN C 54 3.18 -27.31 -11.47
N ASN C 55 2.60 -28.42 -10.97
CA ASN C 55 3.19 -29.78 -11.08
C ASN C 55 4.62 -29.90 -10.53
N LEU C 56 5.00 -28.96 -9.66
CA LEU C 56 6.35 -28.91 -9.11
C LEU C 56 7.47 -28.64 -10.13
N ASP C 57 7.11 -28.21 -11.32
CA ASP C 57 8.16 -27.97 -12.32
C ASP C 57 8.84 -26.61 -12.12
N GLU C 58 9.80 -26.60 -11.21
CA GLU C 58 10.53 -25.39 -10.82
C GLU C 58 11.19 -24.74 -12.04
N GLY C 59 10.94 -23.44 -12.20
CA GLY C 59 11.54 -22.63 -13.26
C GLY C 59 10.77 -22.54 -14.55
N ASN C 60 9.73 -23.36 -14.69
CA ASN C 60 8.95 -23.34 -15.92
C ASN C 60 8.03 -22.15 -15.87
N THR C 61 8.45 -21.05 -16.50
CA THR C 61 7.74 -19.78 -16.40
C THR C 61 6.52 -19.62 -17.32
N SER C 62 6.20 -20.64 -18.12
CA SER C 62 4.97 -20.65 -18.90
C SER C 62 3.85 -21.37 -18.14
N LEU C 63 4.20 -22.03 -17.05
CA LEU C 63 3.18 -22.66 -16.19
C LEU C 63 2.88 -21.82 -14.97
N GLY C 64 2.05 -22.35 -14.06
CA GLY C 64 1.55 -21.53 -12.96
C GLY C 64 2.57 -21.44 -11.87
N PHE C 65 2.46 -20.38 -11.07
CA PHE C 65 3.29 -20.17 -9.92
C PHE C 65 2.53 -19.43 -8.80
N GLY C 66 2.84 -19.85 -7.57
CA GLY C 66 2.42 -19.10 -6.40
C GLY C 66 0.98 -19.34 -6.00
N LEU C 67 0.50 -18.49 -5.09
CA LEU C 67 -0.69 -18.80 -4.34
C LEU C 67 -1.92 -19.08 -5.18
N VAL C 68 -2.15 -18.25 -6.21
CA VAL C 68 -3.30 -18.43 -7.12
C VAL C 68 -2.88 -19.06 -8.45
N GLN C 69 -1.61 -19.43 -8.55
CA GLN C 69 -1.09 -20.07 -9.77
C GLN C 69 -1.22 -19.15 -10.98
N TRP C 70 -0.56 -17.98 -10.86
CA TRP C 70 -0.44 -17.05 -11.98
C TRP C 70 0.07 -17.80 -13.21
N THR C 71 -0.71 -17.77 -14.30
CA THR C 71 -0.35 -18.50 -15.51
C THR C 71 -0.47 -17.60 -16.72
N PRO C 72 0.64 -17.40 -17.46
CA PRO C 72 1.96 -17.95 -17.21
C PRO C 72 2.64 -17.25 -16.03
N ALA C 73 3.54 -17.94 -15.37
CA ALA C 73 4.17 -17.38 -14.18
C ALA C 73 4.90 -16.07 -14.51
N SER C 74 5.47 -15.99 -15.70
CA SER C 74 6.21 -14.79 -16.15
C SER C 74 5.45 -13.46 -15.95
N ASN C 75 4.13 -13.51 -16.08
CA ASN C 75 3.27 -12.34 -15.88
C ASN C 75 3.41 -11.71 -14.52
N TYR C 76 3.30 -12.55 -13.48
CA TYR C 76 3.52 -12.11 -12.11
C TYR C 76 5.01 -11.82 -11.82
N ILE C 77 5.89 -12.71 -12.27
CA ILE C 77 7.32 -12.58 -11.95
C ILE C 77 7.87 -11.28 -12.54
N ASN C 78 7.49 -10.97 -13.77
CA ASN C 78 7.92 -9.73 -14.36
C ASN C 78 7.33 -8.48 -13.67
N TRP C 79 6.08 -8.57 -13.19
CA TRP C 79 5.51 -7.48 -12.42
C TRP C 79 6.32 -7.26 -11.14
N ALA C 80 6.66 -8.37 -10.47
CA ALA C 80 7.43 -8.27 -9.24
C ALA C 80 8.74 -7.60 -9.58
N ASN C 81 9.41 -8.01 -10.68
CA ASN C 81 10.66 -7.36 -11.08
C ASN C 81 10.47 -5.87 -11.31
N SER C 82 9.43 -5.48 -12.04
CA SER C 82 9.12 -4.08 -12.32
C SER C 82 8.89 -3.27 -11.04
N GLN C 83 8.41 -3.94 -10.00
CA GLN C 83 8.17 -3.30 -8.68
C GLN C 83 9.37 -3.36 -7.72
N GLY C 84 10.41 -4.10 -8.08
CA GLY C 84 11.61 -4.29 -7.26
C GLY C 84 11.30 -5.18 -6.07
N LEU C 85 10.35 -6.09 -6.26
CA LEU C 85 9.93 -7.01 -5.22
C LEU C 85 10.45 -8.41 -5.53
N PRO C 86 10.84 -9.16 -4.48
CA PRO C 86 11.31 -10.50 -4.75
C PRO C 86 10.12 -11.38 -5.15
N TYR C 87 10.24 -12.15 -6.21
CA TYR C 87 9.06 -12.85 -6.72
C TYR C 87 8.55 -13.97 -5.83
N LYS C 88 9.48 -14.77 -5.30
CA LYS C 88 9.15 -15.94 -4.51
C LYS C 88 9.01 -15.45 -3.09
N ASN C 89 7.82 -14.96 -2.76
CA ASN C 89 7.63 -14.21 -1.53
C ASN C 89 6.15 -14.01 -1.35
N MET C 90 5.69 -14.38 -0.16
CA MET C 90 4.31 -14.25 0.21
C MET C 90 3.79 -12.83 0.05
N ASP C 91 4.51 -11.87 0.65
CA ASP C 91 4.07 -10.48 0.64
C ASP C 91 3.99 -9.94 -0.76
N SER C 92 4.96 -10.33 -1.58
CA SER C 92 5.01 -9.85 -2.96
C SER C 92 3.76 -10.33 -3.73
N GLU C 93 3.32 -11.54 -3.40
CA GLU C 93 2.18 -12.13 -4.08
C GLU C 93 0.85 -11.52 -3.61
N LEU C 94 0.75 -11.23 -2.31
CA LEU C 94 -0.42 -10.55 -1.80
C LEU C 94 -0.46 -9.11 -2.33
N LYS C 95 0.73 -8.52 -2.47
CA LYS C 95 0.89 -7.20 -3.13
CA LYS C 95 0.84 -7.20 -3.12
C LYS C 95 0.38 -7.21 -4.58
N ARG C 96 0.65 -8.31 -5.28
CA ARG C 96 0.16 -8.45 -6.66
C ARG C 96 -1.35 -8.53 -6.73
N ILE C 97 -1.97 -9.30 -5.84
CA ILE C 97 -3.43 -9.38 -5.83
C ILE C 97 -4.05 -7.99 -5.53
N ILE C 98 -3.51 -7.31 -4.52
CA ILE C 98 -3.93 -5.92 -4.20
C ILE C 98 -3.83 -5.01 -5.45
N TRP C 99 -2.69 -5.09 -6.12
CA TRP C 99 -2.48 -4.34 -7.37
C TRP C 99 -3.53 -4.68 -8.43
N GLU C 100 -3.90 -5.94 -8.52
CA GLU C 100 -4.95 -6.40 -9.46
C GLU C 100 -6.33 -5.74 -9.15
N VAL C 101 -6.72 -5.73 -7.89
CA VAL C 101 -7.94 -5.05 -7.45
C VAL C 101 -7.83 -3.56 -7.81
N ASN C 102 -6.69 -2.94 -7.49
CA ASN C 102 -6.49 -1.49 -7.72
C ASN C 102 -6.39 -1.10 -9.19
N ASN C 103 -5.89 -2.00 -10.05
CA ASN C 103 -5.69 -1.66 -11.48
C ASN C 103 -6.58 -2.48 -12.44
N ASN C 104 -7.73 -2.94 -11.93
CA ASN C 104 -8.72 -3.79 -12.64
CA ASN C 104 -8.70 -3.64 -12.73
C ASN C 104 -8.10 -4.77 -13.62
N ALA C 105 -7.23 -5.58 -13.06
CA ALA C 105 -6.56 -6.63 -13.77
C ALA C 105 -7.13 -7.98 -13.31
N GLN C 106 -6.95 -9.00 -14.19
CA GLN C 106 -7.31 -10.43 -13.99
C GLN C 106 -8.80 -10.79 -13.89
N TRP C 107 -9.50 -10.17 -12.96
CA TRP C 107 -10.94 -10.39 -12.77
C TRP C 107 -11.78 -10.02 -14.00
N ILE C 108 -12.74 -10.90 -14.32
CA ILE C 108 -13.81 -10.63 -15.32
C ILE C 108 -15.14 -10.82 -14.62
N ASN C 109 -16.05 -9.84 -14.71
CA ASN C 109 -17.32 -9.89 -13.98
C ASN C 109 -18.34 -10.83 -14.66
N LEU C 110 -18.35 -12.09 -14.20
CA LEU C 110 -19.28 -13.11 -14.68
C LEU C 110 -20.35 -13.45 -13.68
N ARG C 111 -20.23 -12.89 -12.46
CA ARG C 111 -21.26 -13.17 -11.44
C ARG C 111 -21.90 -11.92 -10.85
N ASP C 112 -21.98 -10.84 -11.64
CA ASP C 112 -22.59 -9.55 -11.17
C ASP C 112 -21.89 -9.10 -9.91
N MET C 113 -20.57 -9.09 -9.98
CA MET C 113 -19.73 -8.65 -8.88
C MET C 113 -18.35 -8.26 -9.39
N THR C 114 -17.96 -7.02 -9.10
CA THR C 114 -16.65 -6.50 -9.48
C THR C 114 -15.65 -6.97 -8.43
N PHE C 115 -14.36 -6.87 -8.75
CA PHE C 115 -13.33 -7.30 -7.82
C PHE C 115 -13.37 -6.40 -6.60
N LYS C 116 -13.60 -5.10 -6.78
CA LYS C 116 -13.66 -4.20 -5.60
C LYS C 116 -14.86 -4.49 -4.71
N GLU C 117 -15.94 -4.96 -5.32
CA GLU C 117 -17.11 -5.37 -4.60
C GLU C 117 -16.79 -6.64 -3.84
N TYR C 118 -16.12 -7.57 -4.54
CA TYR C 118 -15.73 -8.85 -3.93
C TYR C 118 -15.01 -8.64 -2.59
N ILE C 119 -13.95 -7.82 -2.56
CA ILE C 119 -13.16 -7.76 -1.32
C ILE C 119 -13.87 -7.15 -0.11
N LYS C 120 -15.02 -6.53 -0.37
CA LYS C 120 -15.83 -5.88 0.66
C LYS C 120 -17.12 -6.66 0.94
N SER C 121 -17.27 -7.82 0.31
CA SER C 121 -18.51 -8.55 0.39
C SER C 121 -18.58 -9.36 1.68
N THR C 122 -19.80 -9.47 2.23
CA THR C 122 -20.05 -10.28 3.44
C THR C 122 -21.02 -11.44 3.13
N LYS C 123 -21.03 -11.86 1.88
CA LYS C 123 -21.67 -13.10 1.47
C LYS C 123 -20.91 -14.28 2.15
N THR C 124 -21.42 -15.50 2.06
CA THR C 124 -20.76 -16.61 2.72
C THR C 124 -19.40 -16.86 2.06
N PRO C 125 -18.43 -17.37 2.85
CA PRO C 125 -17.15 -17.83 2.26
C PRO C 125 -17.36 -18.85 1.12
N ARG C 126 -18.35 -19.75 1.24
CA ARG C 126 -18.73 -20.67 0.12
C ARG C 126 -19.15 -19.95 -1.17
N GLU C 127 -20.16 -19.08 -1.05
CA GLU C 127 -20.63 -18.22 -2.14
C GLU C 127 -19.46 -17.50 -2.78
N LEU C 128 -18.66 -16.86 -1.93
CA LEU C 128 -17.53 -16.07 -2.44
C LEU C 128 -16.43 -16.91 -3.11
N ALA C 129 -16.11 -18.09 -2.55
CA ALA C 129 -15.17 -19.03 -3.18
C ALA C 129 -15.61 -19.31 -4.62
N MET C 130 -16.91 -19.54 -4.76
CA MET C 130 -17.47 -19.91 -6.04
C MET C 130 -17.52 -18.76 -7.03
N ILE C 131 -17.75 -17.56 -6.53
CA ILE C 131 -17.64 -16.34 -7.38
C ILE C 131 -16.20 -16.06 -7.88
N PHE C 132 -15.25 -16.20 -6.95
CA PHE C 132 -13.84 -15.96 -7.20
C PHE C 132 -13.37 -16.99 -8.25
N LEU C 133 -13.78 -18.25 -8.07
CA LEU C 133 -13.47 -19.28 -9.07
C LEU C 133 -13.96 -18.85 -10.46
N ALA C 134 -15.22 -18.43 -10.54
CA ALA C 134 -15.80 -18.11 -11.84
C ALA C 134 -15.15 -16.90 -12.53
N SER C 135 -14.76 -15.90 -11.73
CA SER C 135 -14.33 -14.59 -12.25
C SER C 135 -12.83 -14.33 -12.28
N TYR C 136 -12.12 -14.85 -11.29
CA TYR C 136 -10.69 -14.62 -11.19
C TYR C 136 -9.93 -15.76 -11.89
N GLU C 137 -10.27 -16.99 -11.52
CA GLU C 137 -9.58 -18.20 -11.97
C GLU C 137 -10.03 -18.70 -13.34
N ARG C 138 -11.35 -18.81 -13.49
CA ARG C 138 -11.97 -19.16 -14.77
C ARG C 138 -11.44 -20.46 -15.35
N PRO C 139 -11.55 -21.56 -14.56
CA PRO C 139 -10.97 -22.85 -14.90
C PRO C 139 -11.70 -23.58 -16.03
N ALA C 140 -10.95 -24.36 -16.79
CA ALA C 140 -11.53 -25.35 -17.73
C ALA C 140 -12.55 -26.28 -17.05
N ASN C 141 -12.25 -26.79 -15.85
CA ASN C 141 -13.24 -27.54 -15.05
C ASN C 141 -13.85 -26.68 -13.95
N PRO C 142 -15.13 -26.29 -14.11
CA PRO C 142 -15.77 -25.35 -13.18
C PRO C 142 -16.44 -26.01 -11.96
N ASN C 143 -16.56 -27.34 -11.94
CA ASN C 143 -17.23 -28.04 -10.84
CA ASN C 143 -17.23 -28.02 -10.81
C ASN C 143 -16.22 -28.42 -9.76
N GLN C 144 -15.95 -27.47 -8.89
CA GLN C 144 -14.99 -27.63 -7.83
C GLN C 144 -15.56 -27.14 -6.49
N PRO C 145 -16.69 -27.74 -6.02
CA PRO C 145 -17.35 -27.28 -4.77
C PRO C 145 -16.51 -27.36 -3.50
N GLU C 146 -15.45 -28.17 -3.54
CA GLU C 146 -14.55 -28.24 -2.40
C GLU C 146 -13.85 -26.93 -2.16
N ARG C 147 -13.72 -26.10 -3.19
CA ARG C 147 -13.17 -24.74 -2.97
C ARG C 147 -14.06 -23.96 -1.98
N GLY C 148 -15.36 -24.19 -2.05
CA GLY C 148 -16.34 -23.61 -1.12
C GLY C 148 -16.29 -24.20 0.30
N ASP C 149 -16.16 -25.52 0.37
CA ASP C 149 -15.97 -26.27 1.62
C ASP C 149 -14.71 -25.73 2.31
N GLN C 150 -13.63 -25.66 1.53
CA GLN C 150 -12.34 -25.18 2.09
C GLN C 150 -12.45 -23.78 2.66
N ALA C 151 -13.19 -22.91 1.97
CA ALA C 151 -13.40 -21.53 2.40
C ALA C 151 -14.15 -21.47 3.73
N GLU C 152 -15.22 -22.25 3.85
CA GLU C 152 -15.92 -22.28 5.11
C GLU C 152 -15.01 -22.82 6.23
N TYR C 153 -14.20 -23.84 5.95
CA TYR C 153 -13.27 -24.36 6.96
C TYR C 153 -12.32 -23.28 7.48
N TRP C 154 -11.65 -22.60 6.57
CA TRP C 154 -10.76 -21.51 6.94
C TRP C 154 -11.51 -20.44 7.73
N TYR C 155 -12.75 -20.14 7.36
CA TYR C 155 -13.54 -19.14 8.12
C TYR C 155 -13.74 -19.48 9.63
N LYS C 156 -14.08 -20.73 9.92
CA LYS C 156 -14.31 -21.22 11.29
C LYS C 156 -13.00 -21.46 12.07
N ASN C 157 -11.93 -21.77 11.35
CA ASN C 157 -10.65 -22.19 11.96
C ASN C 157 -9.60 -21.11 12.19
N LEU C 158 -9.72 -20.00 11.48
CA LEU C 158 -8.75 -18.90 11.59
C LEU C 158 -9.31 -17.79 12.45
N SER C 159 -8.42 -16.89 12.87
CA SER C 159 -8.77 -15.90 13.90
C SER C 159 -8.63 -14.47 13.42
N LEU C 166 -9.95 -11.03 21.14
CA LEU C 166 -10.39 -9.87 21.94
C LEU C 166 -10.15 -10.03 23.45
N GLN C 167 -9.57 -8.99 24.04
CA GLN C 167 -9.43 -8.89 25.50
C GLN C 167 -10.71 -8.28 26.04
N LEU C 168 -11.10 -8.65 27.26
CA LEU C 168 -12.26 -8.02 27.84
C LEU C 168 -11.74 -6.72 28.47
N ALA C 169 -12.46 -5.61 28.32
CA ALA C 169 -12.08 -4.35 29.01
C ALA C 169 -12.39 -4.49 30.48
N GLN C 170 -11.35 -4.46 31.30
CA GLN C 170 -11.49 -4.59 32.76
C GLN C 170 -11.48 -3.22 33.43
N PHE C 171 -12.39 -2.98 34.39
CA PHE C 171 -12.38 -1.70 35.10
C PHE C 171 -11.05 -1.52 35.80
N PRO C 172 -10.37 -0.37 35.58
CA PRO C 172 -9.02 -0.15 36.13
C PRO C 172 -8.76 -0.27 37.60
N MET C 173 -9.76 -0.02 38.47
CA MET C 173 -9.51 0.01 39.95
C MET C 173 -10.10 -1.24 40.62
N ASP C 174 -9.56 -1.63 41.77
CA ASP C 174 -10.15 -2.81 42.43
C ASP C 174 -11.34 -2.43 43.33
N ILE C 175 -11.71 -1.15 43.29
CA ILE C 175 -12.67 -0.58 44.19
C ILE C 175 -13.45 0.45 43.40
N ILE C 176 -14.77 0.50 43.59
CA ILE C 176 -15.62 1.59 43.05
C ILE C 176 -16.26 2.31 44.20
N ASN C 177 -15.82 3.53 44.40
CA ASN C 177 -16.39 4.40 45.39
C ASN C 177 -16.46 5.72 44.65
N ILE C 178 -17.65 6.02 44.12
CA ILE C 178 -17.83 7.18 43.28
C ILE C 178 -18.03 8.44 44.14
N SER C 179 -17.24 9.48 43.86
CA SER C 179 -17.41 10.77 44.53
C SER C 179 -18.23 11.78 43.71
N GLN C 180 -18.31 11.59 42.40
CA GLN C 180 -19.26 12.34 41.57
C GLN C 180 -19.54 11.51 40.33
N GLY C 181 -20.81 11.38 39.99
CA GLY C 181 -21.18 10.52 38.89
C GLY C 181 -21.37 11.31 37.64
N GLU C 182 -22.00 10.66 36.68
CA GLU C 182 -22.39 11.24 35.41
C GLU C 182 -23.34 12.38 35.69
N ASN C 183 -23.20 13.45 34.92
CA ASN C 183 -24.13 14.60 35.06
C ASN C 183 -24.15 15.17 36.44
N GLY C 184 -23.03 14.93 37.15
CA GLY C 184 -22.75 15.41 38.50
C GLY C 184 -22.82 16.93 38.43
N SER C 185 -23.52 17.53 39.40
CA SER C 185 -23.81 18.96 39.29
C SER C 185 -22.64 19.83 39.61
N PHE C 186 -21.66 19.28 40.33
CA PHE C 186 -20.49 20.08 40.68
C PHE C 186 -19.59 20.41 39.50
N SER C 187 -19.21 19.41 38.72
CA SER C 187 -18.30 19.66 37.59
C SER C 187 -18.48 18.63 36.45
N HIS C 188 -19.60 17.91 36.47
CA HIS C 188 -19.84 16.90 35.47
C HIS C 188 -21.13 17.17 34.67
N LYS C 189 -21.58 18.44 34.61
CA LYS C 189 -22.91 18.73 34.03
C LYS C 189 -22.91 18.45 32.57
N GLY C 190 -23.79 17.57 32.11
CA GLY C 190 -23.88 17.24 30.71
C GLY C 190 -22.95 16.13 30.27
N THR C 191 -22.15 15.60 31.19
CA THR C 191 -21.05 14.68 30.84
C THR C 191 -21.23 13.30 31.42
N LEU C 192 -20.55 12.32 30.83
CA LEU C 192 -20.53 10.95 31.37
C LEU C 192 -19.22 10.62 32.12
N CYS C 193 -18.52 11.65 32.60
CA CYS C 193 -17.33 11.47 33.42
C CYS C 193 -17.72 10.88 34.79
N ILE C 194 -16.88 10.05 35.36
CA ILE C 194 -17.08 9.63 36.75
C ILE C 194 -15.78 9.88 37.53
N ASP C 195 -15.94 10.46 38.72
CA ASP C 195 -14.87 10.60 39.69
C ASP C 195 -14.91 9.45 40.68
N PHE C 196 -13.75 8.81 40.83
CA PHE C 196 -13.61 7.68 41.75
C PHE C 196 -12.54 7.99 42.79
N VAL C 197 -12.79 7.58 44.04
CA VAL C 197 -11.79 7.70 45.12
C VAL C 197 -11.22 6.30 45.48
N GLY C 198 -9.98 6.27 45.98
CA GLY C 198 -9.33 5.00 46.36
C GLY C 198 -9.46 4.66 47.82
N LYS C 199 -8.89 3.54 48.27
CA LYS C 199 -8.88 3.26 49.71
C LYS C 199 -8.12 4.35 50.45
N THR C 200 -7.16 4.93 49.74
CA THR C 200 -6.30 5.98 50.25
C THR C 200 -6.07 6.98 49.14
N GLU C 201 -5.27 7.99 49.47
CA GLU C 201 -4.76 8.93 48.52
C GLU C 201 -3.79 8.18 47.62
N LYS C 202 -3.49 8.78 46.47
CA LYS C 202 -2.50 8.24 45.52
C LYS C 202 -2.66 6.75 45.27
N TYR C 203 -3.91 6.36 45.07
CA TYR C 203 -4.33 4.96 44.95
C TYR C 203 -4.26 4.47 43.51
N PRO C 204 -3.62 3.32 43.28
CA PRO C 204 -3.42 2.86 41.92
C PRO C 204 -4.62 2.35 41.12
N TYR C 205 -4.48 2.48 39.80
CA TYR C 205 -5.34 1.82 38.83
C TYR C 205 -4.56 1.31 37.65
N TYR C 206 -5.16 0.33 36.98
CA TYR C 206 -4.43 -0.55 36.04
C TYR C 206 -4.99 -0.56 34.64
N ALA C 207 -4.15 -0.86 33.65
CA ALA C 207 -4.61 -0.98 32.23
C ALA C 207 -5.80 -1.92 32.02
N PRO C 208 -6.89 -1.39 31.45
CA PRO C 208 -8.11 -2.18 31.28
C PRO C 208 -7.92 -3.21 30.17
N CYS C 209 -6.88 -3.01 29.38
CA CYS C 209 -6.61 -3.81 28.17
C CYS C 209 -5.26 -3.30 27.64
N ASP C 210 -4.66 -4.02 26.69
CA ASP C 210 -3.45 -3.52 26.00
C ASP C 210 -3.76 -2.17 25.37
N CYS C 211 -2.94 -1.19 25.69
CA CYS C 211 -3.25 0.16 25.21
C CYS C 211 -1.97 1.00 25.02
N THR C 212 -2.12 2.14 24.35
CA THR C 212 -1.00 3.04 24.07
C THR C 212 -1.42 4.47 24.47
N CYS C 213 -0.52 5.22 25.08
CA CYS C 213 -0.74 6.64 25.41
C CYS C 213 -0.67 7.54 24.17
N VAL C 214 -1.76 8.28 23.94
CA VAL C 214 -1.94 9.03 22.69
C VAL C 214 -2.02 10.55 22.88
N TRP C 215 -2.02 11.00 24.14
CA TRP C 215 -1.98 12.40 24.47
C TRP C 215 -1.67 12.60 25.95
N ARG C 216 -0.94 13.67 26.25
CA ARG C 216 -0.55 14.06 27.59
C ARG C 216 -0.87 15.56 27.73
N GLY C 217 -1.62 15.91 28.78
CA GLY C 217 -1.98 17.29 29.06
C GLY C 217 -1.33 17.73 30.35
N ASP C 218 -0.19 18.40 30.26
CA ASP C 218 0.56 18.78 31.45
C ASP C 218 -0.19 19.80 32.29
N ALA C 219 -0.75 20.82 31.63
CA ALA C 219 -1.45 21.90 32.30
C ALA C 219 -2.64 21.43 33.15
N SER C 220 -3.37 20.45 32.62
CA SER C 220 -4.60 19.97 33.26
C SER C 220 -4.44 18.58 33.86
N ALA C 221 -3.21 18.07 33.81
CA ALA C 221 -2.87 16.81 34.46
C ALA C 221 -3.64 15.58 33.92
N TYR C 222 -3.60 15.36 32.62
CA TYR C 222 -4.22 14.12 32.15
C TYR C 222 -3.38 13.42 31.12
N LEU C 223 -3.70 12.13 30.96
CA LEU C 223 -3.18 11.28 29.90
C LEU C 223 -4.32 10.61 29.21
N ALA C 224 -4.31 10.62 27.87
CA ALA C 224 -5.26 9.88 27.06
C ALA C 224 -4.65 8.61 26.47
N TRP C 225 -5.49 7.59 26.30
CA TRP C 225 -5.03 6.25 25.99
C TRP C 225 -5.99 5.74 24.98
N THR C 226 -5.56 4.82 24.12
CA THR C 226 -6.50 4.12 23.29
C THR C 226 -6.14 2.66 23.27
N SER C 227 -7.15 1.80 23.16
CA SER C 227 -6.92 0.37 23.07
C SER C 227 -6.17 0.01 21.78
N ASP C 228 -5.29 -0.99 21.88
CA ASP C 228 -4.38 -1.34 20.78
C ASP C 228 -5.12 -2.05 19.67
N LYS C 229 -6.18 -2.73 20.06
CA LYS C 229 -7.09 -3.47 19.17
C LYS C 229 -8.50 -3.24 19.68
N GLU C 230 -9.47 -3.69 18.88
CA GLU C 230 -10.84 -3.84 19.34
C GLU C 230 -10.86 -4.69 20.62
N VAL C 231 -11.80 -4.34 21.48
CA VAL C 231 -11.90 -4.91 22.80
C VAL C 231 -13.34 -5.36 23.01
N MET C 232 -13.53 -6.40 23.81
CA MET C 232 -14.85 -6.82 24.23
C MET C 232 -15.30 -6.01 25.45
N CYS C 233 -16.45 -5.35 25.30
CA CYS C 233 -17.02 -4.54 26.39
C CYS C 233 -17.95 -5.32 27.33
N ALA C 234 -18.10 -4.81 28.55
CA ALA C 234 -19.04 -5.40 29.51
C ALA C 234 -20.47 -5.54 28.96
N ASP C 235 -20.88 -4.64 28.05
CA ASP C 235 -22.25 -4.71 27.51
C ASP C 235 -22.33 -5.65 26.32
N GLY C 236 -21.22 -6.32 26.01
CA GLY C 236 -21.21 -7.29 24.92
C GLY C 236 -20.93 -6.70 23.55
N SER C 237 -20.63 -5.39 23.52
CA SER C 237 -20.25 -4.74 22.28
CA SER C 237 -20.23 -4.72 22.28
C SER C 237 -18.73 -4.87 22.06
N VAL C 238 -18.32 -4.83 20.79
CA VAL C 238 -16.90 -4.94 20.44
C VAL C 238 -16.45 -3.70 19.68
N ARG C 239 -15.50 -2.98 20.24
CA ARG C 239 -15.08 -1.73 19.61
C ARG C 239 -13.68 -1.35 20.11
N TYR C 240 -13.02 -0.45 19.38
CA TYR C 240 -11.91 0.29 19.96
C TYR C 240 -12.48 1.26 20.98
N ILE C 241 -11.72 1.53 22.04
CA ILE C 241 -12.09 2.58 23.00
C ILE C 241 -10.93 3.55 23.27
N THR C 242 -11.28 4.78 23.63
CA THR C 242 -10.30 5.78 24.03
C THR C 242 -10.77 6.46 25.30
N TRP C 243 -9.85 6.70 26.20
CA TRP C 243 -10.23 7.30 27.46
C TRP C 243 -9.20 8.28 27.95
N VAL C 244 -9.55 9.01 28.98
CA VAL C 244 -8.62 9.93 29.60
C VAL C 244 -8.66 9.70 31.09
N ASN C 245 -7.50 9.78 31.72
CA ASN C 245 -7.39 9.75 33.18
C ASN C 245 -6.88 11.07 33.66
N VAL C 246 -7.56 11.63 34.66
CA VAL C 246 -7.20 12.97 35.07
C VAL C 246 -6.87 13.02 36.56
N HIS C 247 -5.89 13.86 36.89
CA HIS C 247 -5.59 14.30 38.27
C HIS C 247 -4.46 13.57 39.00
N GLU C 248 -3.81 12.62 38.34
CA GLU C 248 -2.61 12.08 38.93
C GLU C 248 -1.50 13.16 38.91
N SER C 249 -0.70 13.17 39.97
CA SER C 249 0.45 14.09 40.07
C SER C 249 1.59 13.40 40.82
N PRO C 250 2.79 13.27 40.21
CA PRO C 250 3.09 13.64 38.81
C PRO C 250 2.55 12.64 37.79
N LEU C 251 2.41 13.09 36.54
CA LEU C 251 2.00 12.19 35.46
C LEU C 251 3.11 11.18 35.16
N PRO C 252 2.75 9.89 35.02
CA PRO C 252 3.76 8.83 34.99
C PRO C 252 4.35 8.42 33.62
N PHE C 253 3.69 8.77 32.52
CA PHE C 253 4.05 8.24 31.18
C PHE C 253 3.98 9.32 30.11
N ASP C 254 4.54 9.02 28.92
CA ASP C 254 4.64 9.96 27.80
C ASP C 254 3.84 9.38 26.64
N VAL C 255 3.46 10.21 25.67
CA VAL C 255 2.83 9.71 24.45
C VAL C 255 3.76 8.66 23.83
N GLY C 256 3.16 7.58 23.35
CA GLY C 256 3.90 6.47 22.81
C GLY C 256 3.97 5.27 23.73
N LYS C 257 3.93 5.52 25.04
CA LYS C 257 4.02 4.45 26.06
C LYS C 257 2.98 3.33 25.83
N LYS C 258 3.43 2.08 25.81
CA LYS C 258 2.53 0.94 25.79
C LYS C 258 2.42 0.23 27.13
N LEU C 259 1.18 -0.09 27.49
CA LEU C 259 0.87 -0.90 28.66
C LEU C 259 0.19 -2.18 28.20
N LYS C 260 0.45 -3.27 28.92
CA LYS C 260 -0.28 -4.52 28.76
C LYS C 260 -1.43 -4.49 29.75
N LYS C 261 -2.53 -5.17 29.43
CA LYS C 261 -3.67 -5.29 30.35
C LYS C 261 -3.19 -5.58 31.73
N GLY C 262 -3.62 -4.76 32.70
CA GLY C 262 -3.29 -4.97 34.10
C GLY C 262 -1.98 -4.38 34.60
N ASP C 263 -1.18 -3.77 33.71
CA ASP C 263 -0.04 -3.00 34.15
C ASP C 263 -0.54 -1.70 34.78
N LEU C 264 0.26 -1.15 35.68
CA LEU C 264 -0.03 0.11 36.39
C LEU C 264 -0.17 1.20 35.36
N MET C 265 -1.26 1.96 35.46
CA MET C 265 -1.62 2.97 34.46
C MET C 265 -1.69 4.38 35.06
N GLY C 266 -1.96 4.48 36.35
CA GLY C 266 -1.98 5.77 37.01
C GLY C 266 -2.38 5.66 38.48
N HIS C 267 -2.56 6.79 39.15
CA HIS C 267 -3.05 6.80 40.53
C HIS C 267 -3.96 7.97 40.69
N THR C 268 -4.86 7.90 41.68
CA THR C 268 -5.63 9.08 42.11
C THR C 268 -4.69 10.22 42.52
N GLY C 269 -5.18 11.46 42.56
CA GLY C 269 -4.31 12.58 42.87
C GLY C 269 -5.04 13.91 42.89
N ILE C 270 -4.27 14.98 42.97
CA ILE C 270 -4.83 16.33 42.99
C ILE C 270 -4.12 17.20 41.98
N GLY C 271 -3.64 16.60 40.89
CA GLY C 271 -3.12 17.36 39.77
C GLY C 271 -4.16 18.34 39.24
N GLY C 276 -9.34 17.58 46.67
CA GLY C 276 -9.82 16.23 46.93
C GLY C 276 -9.18 15.18 46.03
N ASP C 277 -8.34 14.32 46.61
CA ASP C 277 -7.65 13.25 45.87
C ASP C 277 -8.68 12.34 45.23
N HIS C 278 -8.59 12.18 43.92
CA HIS C 278 -9.50 11.34 43.17
C HIS C 278 -8.94 11.09 41.78
N TRP C 279 -9.66 10.27 41.02
CA TRP C 279 -9.35 9.92 39.64
C TRP C 279 -10.59 10.24 38.84
N HIS C 280 -10.47 11.08 37.82
CA HIS C 280 -11.61 11.38 36.96
C HIS C 280 -11.46 10.60 35.65
N PHE C 281 -12.52 9.90 35.22
CA PHE C 281 -12.45 8.93 34.16
C PHE C 281 -13.55 9.24 33.13
N ASN C 282 -13.25 9.07 31.84
CA ASN C 282 -14.17 9.44 30.78
C ASN C 282 -13.71 8.59 29.61
N VAL C 283 -14.65 7.85 29.03
CA VAL C 283 -14.38 6.98 27.89
C VAL C 283 -15.28 7.36 26.71
N ILE C 284 -14.69 7.31 25.52
CA ILE C 284 -15.42 7.50 24.25
C ILE C 284 -15.24 6.28 23.36
N ASP C 285 -16.10 6.20 22.38
CA ASP C 285 -16.06 5.20 21.34
C ASP C 285 -14.96 5.54 20.35
N GLY C 286 -14.25 4.50 19.92
CA GLY C 286 -13.34 4.62 18.78
C GLY C 286 -11.86 4.72 19.11
N LYS C 287 -11.07 4.81 18.06
CA LYS C 287 -9.62 4.76 18.22
C LYS C 287 -8.98 6.13 18.00
N GLU C 288 -9.81 7.17 18.03
CA GLU C 288 -9.34 8.54 17.79
C GLU C 288 -9.57 9.45 18.98
N TYR C 289 -8.50 10.04 19.52
CA TYR C 289 -8.62 11.11 20.51
C TYR C 289 -8.98 12.40 19.76
N GLN C 290 -10.02 13.09 20.22
CA GLN C 290 -10.58 14.20 19.47
C GLN C 290 -10.53 15.52 20.22
N GLY C 291 -9.77 15.57 21.31
CA GLY C 291 -9.70 16.78 22.12
C GLY C 291 -10.83 16.88 23.13
N TRP C 292 -11.12 18.10 23.56
CA TRP C 292 -12.15 18.29 24.60
C TRP C 292 -13.33 19.11 24.08
N THR C 293 -14.39 19.15 24.91
CA THR C 293 -15.61 19.89 24.63
C THR C 293 -16.26 20.24 25.97
N LYS C 294 -17.35 20.99 25.94
CA LYS C 294 -18.07 21.37 27.16
C LYS C 294 -19.57 21.28 26.98
N LYS C 295 -20.26 20.73 27.99
CA LYS C 295 -21.67 20.35 27.89
C LYS C 295 -22.62 20.79 29.02
N PRO C 296 -22.33 21.85 29.80
CA PRO C 296 -21.29 22.91 29.79
C PRO C 296 -20.00 22.59 30.55
N ASP C 297 -19.91 21.43 31.20
CA ASP C 297 -18.66 21.07 31.91
C ASP C 297 -17.76 20.30 30.97
N SER C 298 -16.46 20.27 31.24
CA SER C 298 -15.47 19.69 30.34
C SER C 298 -15.45 18.15 30.29
N CYS C 299 -15.38 17.62 29.08
CA CYS C 299 -15.26 16.19 28.86
C CYS C 299 -14.61 15.99 27.49
N LEU C 300 -14.31 14.74 27.15
CA LEU C 300 -13.74 14.45 25.83
C LEU C 300 -14.74 14.73 24.76
N ALA C 301 -14.24 15.23 23.62
CA ALA C 301 -15.02 15.31 22.40
C ALA C 301 -15.22 13.89 21.82
N GLY C 302 -16.23 13.74 20.97
CA GLY C 302 -16.55 12.43 20.43
C GLY C 302 -17.74 11.86 21.17
N THR C 303 -17.91 10.55 21.07
CA THR C 303 -19.12 9.92 21.61
C THR C 303 -18.84 9.35 22.96
N GLU C 304 -19.35 10.02 23.98
CA GLU C 304 -19.14 9.49 25.33
C GLU C 304 -19.87 8.19 25.48
N LEU C 305 -19.21 7.21 26.11
CA LEU C 305 -19.86 5.95 26.46
C LEU C 305 -19.94 5.91 27.99
N HIS C 306 -20.89 5.13 28.50
CA HIS C 306 -21.02 4.90 29.94
C HIS C 306 -19.92 3.93 30.33
N ILE C 307 -19.22 4.25 31.43
CA ILE C 307 -18.09 3.48 31.98
C ILE C 307 -18.53 2.08 32.38
N TYR C 308 -19.73 2.00 32.96
CA TYR C 308 -20.33 0.73 33.41
C TYR C 308 -20.79 -0.23 32.29
N ASP C 309 -20.84 0.30 31.07
CA ASP C 309 -21.15 -0.49 29.85
C ASP C 309 -19.87 -0.99 29.22
N VAL C 310 -18.82 -0.19 29.30
CA VAL C 310 -17.57 -0.53 28.67
C VAL C 310 -16.82 -1.51 29.56
N PHE C 311 -16.63 -1.12 30.81
CA PHE C 311 -15.69 -1.82 31.67
C PHE C 311 -16.35 -2.82 32.58
N ALA C 312 -15.81 -4.04 32.53
CA ALA C 312 -16.25 -5.15 33.38
C ALA C 312 -15.72 -5.00 34.84
N VAL C 313 -16.52 -5.38 35.83
CA VAL C 313 -16.18 -5.19 37.24
C VAL C 313 -15.90 -6.50 37.98
N ASN C 314 -15.50 -7.51 37.19
CA ASN C 314 -15.03 -8.78 37.75
C ASN C 314 -14.01 -8.47 38.80
N ASN C 315 -14.20 -9.01 40.00
CA ASN C 315 -13.22 -8.87 41.06
C ASN C 315 -13.03 -7.45 41.58
N VAL C 316 -14.06 -6.62 41.41
CA VAL C 316 -14.03 -5.26 41.95
C VAL C 316 -15.02 -5.19 43.13
N GLU C 317 -14.59 -4.58 44.25
CA GLU C 317 -15.46 -4.27 45.39
C GLU C 317 -16.12 -2.89 45.22
N ILE C 318 -17.45 -2.87 45.32
CA ILE C 318 -18.23 -1.66 45.01
C ILE C 318 -18.75 -1.08 46.28
N ILE C 319 -18.16 0.05 46.64
CA ILE C 319 -18.46 0.70 47.91
C ILE C 319 -19.60 1.68 47.67
N ASN C 320 -19.48 2.53 46.63
CA ASN C 320 -20.58 3.45 46.25
C ASN C 320 -20.72 3.43 44.73
N GLY C 321 -21.76 2.74 44.24
CA GLY C 321 -21.81 2.42 42.81
C GLY C 321 -22.78 3.36 42.13
N ASN C 322 -23.38 4.23 42.95
CA ASN C 322 -24.36 5.21 42.46
C ASN C 322 -25.60 4.64 41.76
N GLY C 323 -25.89 3.36 41.95
CA GLY C 323 -27.05 2.74 41.32
C GLY C 323 -26.89 2.39 39.86
N TYR C 324 -25.66 2.53 39.34
CA TYR C 324 -25.40 2.20 37.92
C TYR C 324 -25.35 0.68 37.65
N ASP C 325 -25.42 0.32 36.38
CA ASP C 325 -25.49 -1.04 35.91
C ASP C 325 -24.08 -1.59 35.74
N TRP C 326 -23.35 -1.75 36.85
CA TRP C 326 -22.04 -2.41 36.85
C TRP C 326 -22.22 -3.90 36.57
N LYS C 327 -21.39 -4.42 35.69
CA LYS C 327 -21.55 -5.77 35.17
C LYS C 327 -20.26 -6.54 35.08
N THR C 328 -20.30 -7.81 35.44
CA THR C 328 -19.19 -8.70 35.18
C THR C 328 -19.34 -9.29 33.79
N SER C 329 -18.27 -9.82 33.24
CA SER C 329 -18.38 -10.61 32.03
C SER C 329 -17.53 -11.87 32.10
N ASP C 330 -18.14 -12.98 31.69
CA ASP C 330 -17.47 -14.29 31.61
C ASP C 330 -16.63 -14.46 30.34
N TRP C 331 -16.37 -13.36 29.61
CA TRP C 331 -15.46 -13.36 28.45
C TRP C 331 -14.02 -13.73 28.77
N GLN C 332 -13.46 -14.65 27.99
CA GLN C 332 -12.08 -15.06 28.22
C GLN C 332 -11.19 -14.41 27.17
N ASP C 333 -10.15 -13.70 27.61
CA ASP C 333 -9.22 -13.06 26.67
C ASP C 333 -8.48 -14.12 25.80
N GLY C 334 -8.30 -15.32 26.35
CA GLY C 334 -7.63 -16.48 25.71
C GLY C 334 -7.53 -16.51 24.19
N MET D 1 44.84 -1.50 9.78
CA MET D 1 44.70 -2.86 9.22
C MET D 1 43.82 -2.79 7.97
N VAL D 2 44.43 -2.96 6.79
CA VAL D 2 43.68 -3.32 5.56
C VAL D 2 44.42 -4.47 4.86
N TYR D 3 43.69 -5.27 4.10
CA TYR D 3 44.31 -6.41 3.37
C TYR D 3 44.51 -6.05 1.92
N VAL D 4 45.74 -6.16 1.44
CA VAL D 4 46.02 -5.81 0.05
C VAL D 4 46.94 -6.87 -0.51
N SER D 5 46.39 -7.77 -1.30
CA SER D 5 47.17 -8.92 -1.76
C SER D 5 46.56 -9.58 -2.98
N ASN D 6 47.36 -10.42 -3.63
CA ASN D 6 46.92 -11.19 -4.78
C ASN D 6 46.34 -12.53 -4.31
N LYS D 7 45.27 -12.46 -3.53
CA LYS D 7 44.63 -13.64 -2.99
C LYS D 7 43.17 -13.31 -2.83
N TYR D 8 42.35 -14.33 -2.66
CA TYR D 8 40.94 -14.12 -2.35
C TYR D 8 40.78 -14.02 -0.84
N LEU D 9 40.00 -13.02 -0.40
CA LEU D 9 39.74 -12.81 1.01
C LEU D 9 38.57 -13.60 1.57
N THR D 10 38.68 -13.94 2.85
CA THR D 10 37.62 -14.49 3.68
C THR D 10 36.56 -13.44 3.98
N MET D 11 35.39 -13.87 4.44
CA MET D 11 34.33 -12.92 4.80
C MET D 11 34.83 -11.96 5.88
N SER D 12 35.68 -12.45 6.78
CA SER D 12 36.19 -11.65 7.87
C SER D 12 37.19 -10.58 7.37
N GLU D 13 38.05 -10.95 6.41
CA GLU D 13 38.97 -9.97 5.80
C GLU D 13 38.20 -8.97 4.91
N MET D 14 37.17 -9.45 4.22
CA MET D 14 36.33 -8.57 3.42
C MET D 14 35.68 -7.49 4.28
N LYS D 15 35.17 -7.87 5.44
CA LYS D 15 34.52 -6.92 6.36
C LYS D 15 35.47 -5.83 6.79
N VAL D 16 36.76 -6.14 6.94
CA VAL D 16 37.69 -5.12 7.38
C VAL D 16 37.89 -4.11 6.26
N ASN D 17 38.15 -4.62 5.06
CA ASN D 17 38.30 -3.74 3.90
C ASN D 17 37.03 -2.96 3.59
N ALA D 18 35.89 -3.63 3.64
CA ALA D 18 34.61 -2.98 3.27
C ALA D 18 34.28 -1.83 4.21
N GLN D 19 34.51 -2.04 5.50
CA GLN D 19 34.29 -0.98 6.51
C GLN D 19 35.27 0.18 6.31
N TYR D 20 36.50 -0.11 5.90
CA TYR D 20 37.49 0.92 5.56
C TYR D 20 37.04 1.78 4.36
N ILE D 21 36.60 1.11 3.31
CA ILE D 21 35.96 1.77 2.17
C ILE D 21 34.73 2.58 2.59
N LEU D 22 33.85 2.01 3.39
CA LEU D 22 32.65 2.74 3.79
C LEU D 22 33.10 4.02 4.49
N ASN D 23 34.02 3.88 5.44
CA ASN D 23 34.56 5.06 6.19
C ASN D 23 35.19 6.09 5.29
N TYR D 24 35.91 5.63 4.27
CA TYR D 24 36.65 6.54 3.41
C TYR D 24 35.65 7.31 2.56
N LEU D 25 34.79 6.57 1.86
CA LEU D 25 33.84 7.19 0.92
C LEU D 25 32.73 8.01 1.55
N SER D 26 32.35 7.64 2.76
CA SER D 26 31.37 8.39 3.53
C SER D 26 31.89 9.79 3.86
N SER D 27 33.19 9.93 4.05
CA SER D 27 33.78 11.27 4.26
C SER D 27 33.89 12.06 2.96
N ASN D 28 33.85 11.34 1.82
CA ASN D 28 33.89 11.95 0.49
C ASN D 28 32.52 12.02 -0.17
N GLY D 29 31.49 12.12 0.67
CA GLY D 29 30.17 12.50 0.21
C GLY D 29 29.23 11.45 -0.35
N TRP D 30 29.67 10.18 -0.40
CA TRP D 30 28.85 9.07 -0.89
C TRP D 30 27.89 8.62 0.18
N THR D 31 26.69 8.20 -0.23
CA THR D 31 25.70 7.76 0.74
C THR D 31 26.11 6.36 1.11
N LYS D 32 25.69 5.88 2.26
CA LYS D 32 25.95 4.48 2.58
C LYS D 32 25.28 3.52 1.56
N GLN D 33 24.09 3.87 1.05
CA GLN D 33 23.40 2.99 0.10
C GLN D 33 24.25 2.83 -1.16
N ALA D 34 24.79 3.96 -1.64
CA ALA D 34 25.62 3.99 -2.85
C ALA D 34 26.96 3.26 -2.66
N ILE D 35 27.54 3.38 -1.49
CA ILE D 35 28.79 2.68 -1.18
C ILE D 35 28.54 1.17 -1.13
N CYS D 36 27.48 0.77 -0.45
CA CYS D 36 27.20 -0.65 -0.33
C CYS D 36 26.78 -1.27 -1.69
N GLY D 37 26.13 -0.50 -2.54
CA GLY D 37 25.88 -0.93 -3.94
C GLY D 37 27.19 -1.28 -4.67
N MET D 38 28.19 -0.45 -4.49
CA MET D 38 29.50 -0.69 -5.09
C MET D 38 30.22 -1.85 -4.38
N LEU D 39 30.13 -1.91 -3.06
CA LEU D 39 30.74 -3.04 -2.30
C LEU D 39 30.25 -4.41 -2.74
N GLY D 40 28.95 -4.51 -3.05
CA GLY D 40 28.35 -5.75 -3.60
C GLY D 40 29.02 -6.18 -4.89
N ASN D 41 29.35 -5.20 -5.73
CA ASN D 41 30.11 -5.47 -6.93
C ASN D 41 31.58 -5.86 -6.68
N MET D 42 32.27 -5.03 -5.92
CA MET D 42 33.65 -5.27 -5.54
C MET D 42 33.81 -6.67 -4.97
N GLN D 43 32.80 -7.17 -4.26
CA GLN D 43 32.95 -8.50 -3.69
C GLN D 43 33.07 -9.53 -4.81
N SER D 44 32.17 -9.44 -5.81
CA SER D 44 32.24 -10.33 -6.97
C SER D 44 33.51 -10.17 -7.82
N GLU D 45 33.98 -8.95 -7.96
CA GLU D 45 35.13 -8.67 -8.82
C GLU D 45 36.44 -9.17 -8.22
N SER D 46 36.64 -8.90 -6.92
CA SER D 46 37.96 -9.05 -6.37
C SER D 46 37.96 -9.52 -4.97
N THR D 47 36.79 -9.94 -4.45
CA THR D 47 36.65 -10.18 -3.00
C THR D 47 37.14 -8.96 -2.23
N ILE D 48 36.81 -7.77 -2.74
CA ILE D 48 37.17 -6.50 -2.09
C ILE D 48 38.68 -6.41 -1.72
N ASN D 49 39.53 -6.78 -2.65
CA ASN D 49 40.94 -6.81 -2.38
C ASN D 49 41.66 -5.95 -3.37
N PRO D 50 42.27 -4.86 -2.88
CA PRO D 50 42.90 -3.89 -3.75
C PRO D 50 44.11 -4.47 -4.51
N GLY D 51 44.62 -5.60 -4.04
CA GLY D 51 45.85 -6.16 -4.58
C GLY D 51 45.67 -7.31 -5.52
N LEU D 52 44.43 -7.56 -5.90
CA LEU D 52 44.11 -8.75 -6.68
C LEU D 52 44.32 -8.57 -8.17
N TRP D 53 45.00 -9.56 -8.75
CA TRP D 53 45.11 -9.61 -10.21
C TRP D 53 44.15 -10.65 -10.79
N GLN D 54 43.61 -10.35 -11.96
CA GLN D 54 42.75 -11.30 -12.68
C GLN D 54 43.55 -12.58 -12.96
N ASN D 55 42.92 -13.74 -12.81
CA ASN D 55 43.61 -15.05 -12.90
C ASN D 55 44.78 -15.21 -11.92
N LEU D 56 44.98 -14.22 -11.04
CA LEU D 56 46.15 -14.20 -10.14
C LEU D 56 47.47 -13.95 -10.91
N ASP D 57 47.33 -13.52 -12.17
CA ASP D 57 48.46 -13.27 -13.05
C ASP D 57 49.08 -11.93 -12.69
N GLU D 58 49.88 -11.93 -11.63
CA GLU D 58 50.48 -10.72 -11.11
C GLU D 58 51.35 -10.04 -12.15
N GLY D 59 51.05 -8.78 -12.39
CA GLY D 59 51.88 -7.96 -13.24
C GLY D 59 51.39 -7.99 -14.67
N ASN D 60 50.45 -8.87 -14.99
CA ASN D 60 49.90 -8.85 -16.34
C ASN D 60 49.04 -7.60 -16.53
N THR D 61 49.68 -6.53 -17.01
CA THR D 61 49.07 -5.19 -17.15
C THR D 61 47.87 -5.08 -18.12
N SER D 62 47.69 -6.07 -18.98
CA SER D 62 46.56 -6.10 -19.92
C SER D 62 45.27 -6.66 -19.31
N LEU D 63 45.38 -7.21 -18.10
CA LEU D 63 44.22 -7.83 -17.47
C LEU D 63 43.67 -6.97 -16.32
N GLY D 64 42.69 -7.51 -15.61
CA GLY D 64 42.08 -6.79 -14.49
C GLY D 64 42.98 -6.67 -13.28
N PHE D 65 42.87 -5.54 -12.60
CA PHE D 65 43.53 -5.38 -11.32
C PHE D 65 42.64 -4.58 -10.36
N GLY D 66 42.63 -4.97 -9.09
CA GLY D 66 42.17 -4.08 -8.01
C GLY D 66 40.72 -4.31 -7.68
N LEU D 67 40.15 -3.35 -6.95
CA LEU D 67 38.85 -3.54 -6.31
C LEU D 67 37.74 -3.84 -7.31
N VAL D 68 37.71 -3.09 -8.42
CA VAL D 68 36.68 -3.24 -9.41
C VAL D 68 37.22 -3.98 -10.65
N GLN D 69 38.47 -4.46 -10.54
CA GLN D 69 39.17 -5.13 -11.63
C GLN D 69 39.15 -4.26 -12.85
N TRP D 70 39.83 -3.10 -12.73
CA TRP D 70 40.05 -2.17 -13.84
C TRP D 70 40.71 -2.96 -14.92
N THR D 71 40.13 -2.91 -16.09
CA THR D 71 40.59 -3.77 -17.18
C THR D 71 40.67 -2.99 -18.46
N PRO D 72 41.87 -2.91 -19.09
CA PRO D 72 43.17 -3.38 -18.60
C PRO D 72 43.66 -2.60 -17.39
N ALA D 73 44.46 -3.26 -16.56
CA ALA D 73 45.05 -2.67 -15.36
C ALA D 73 45.85 -1.39 -15.67
N SER D 74 46.60 -1.42 -16.77
CA SER D 74 47.33 -0.25 -17.26
C SER D 74 46.58 1.08 -17.14
N ASN D 75 45.28 1.09 -17.41
CA ASN D 75 44.51 2.35 -17.34
C ASN D 75 44.55 3.04 -15.97
N TYR D 76 44.60 2.25 -14.90
CA TYR D 76 44.59 2.80 -13.54
C TYR D 76 46.05 2.99 -13.12
N ILE D 77 46.91 2.06 -13.51
CA ILE D 77 48.30 2.08 -13.05
C ILE D 77 48.99 3.34 -13.55
N ASN D 78 48.76 3.66 -14.82
CA ASN D 78 49.28 4.87 -15.47
C ASN D 78 48.77 6.18 -14.86
N TRP D 79 47.50 6.16 -14.45
CA TRP D 79 46.85 7.26 -13.74
C TRP D 79 47.50 7.47 -12.38
N ALA D 80 47.75 6.36 -11.66
CA ALA D 80 48.32 6.45 -10.32
C ALA D 80 49.67 7.16 -10.33
N ASN D 81 50.57 6.69 -11.19
CA ASN D 81 51.89 7.31 -11.36
C ASN D 81 51.89 8.81 -11.73
N SER D 82 50.86 9.27 -12.43
CA SER D 82 50.75 10.69 -12.78
C SER D 82 50.22 11.56 -11.63
N GLN D 83 49.51 10.94 -10.70
CA GLN D 83 49.02 11.59 -9.49
C GLN D 83 50.02 11.44 -8.34
N GLY D 84 51.13 10.76 -8.62
CA GLY D 84 52.16 10.54 -7.60
C GLY D 84 51.67 9.59 -6.54
N LEU D 85 50.86 8.63 -6.96
CA LEU D 85 50.22 7.71 -6.02
C LEU D 85 50.79 6.31 -6.24
N PRO D 86 51.07 5.56 -5.15
CA PRO D 86 51.45 4.15 -5.38
C PRO D 86 50.23 3.39 -5.86
N TYR D 87 50.39 2.52 -6.87
CA TYR D 87 49.20 1.88 -7.47
C TYR D 87 48.61 0.77 -6.61
N LYS D 88 49.47 0.00 -5.96
CA LYS D 88 49.02 -1.16 -5.20
C LYS D 88 48.63 -0.71 -3.81
N ASN D 89 47.48 -0.05 -3.74
CA ASN D 89 47.14 0.72 -2.56
C ASN D 89 45.63 0.96 -2.48
N MET D 90 45.05 0.66 -1.33
CA MET D 90 43.62 0.89 -1.07
C MET D 90 43.21 2.34 -1.40
N ASP D 91 43.87 3.31 -0.77
CA ASP D 91 43.53 4.73 -0.95
C ASP D 91 43.66 5.13 -2.43
N SER D 92 44.76 4.75 -3.08
CA SER D 92 44.94 5.12 -4.47
C SER D 92 43.79 4.62 -5.38
N GLU D 93 43.33 3.40 -5.15
CA GLU D 93 42.16 2.91 -5.91
C GLU D 93 40.87 3.63 -5.54
N LEU D 94 40.70 3.99 -4.27
CA LEU D 94 39.49 4.74 -3.91
C LEU D 94 39.52 6.10 -4.58
N LYS D 95 40.71 6.71 -4.66
CA LYS D 95 40.89 8.01 -5.29
C LYS D 95 40.68 7.94 -6.80
N ARG D 96 40.95 6.80 -7.38
CA ARG D 96 40.62 6.59 -8.78
C ARG D 96 39.12 6.57 -9.00
N ILE D 97 38.38 5.83 -8.15
CA ILE D 97 36.93 5.84 -8.23
C ILE D 97 36.40 7.27 -8.04
N ILE D 98 36.92 8.00 -7.07
CA ILE D 98 36.46 9.42 -6.94
C ILE D 98 36.78 10.26 -8.22
N TRP D 99 38.00 10.12 -8.71
CA TRP D 99 38.44 10.75 -9.98
C TRP D 99 37.54 10.40 -11.14
N GLU D 100 37.09 9.15 -11.20
CA GLU D 100 36.16 8.74 -12.27
C GLU D 100 34.78 9.48 -12.25
N VAL D 101 34.21 9.63 -11.05
CA VAL D 101 33.03 10.47 -10.85
C VAL D 101 33.29 11.92 -11.31
N ASN D 102 34.39 12.52 -10.86
CA ASN D 102 34.69 13.93 -11.19
C ASN D 102 35.05 14.24 -12.65
N ASN D 103 35.26 13.21 -13.47
CA ASN D 103 35.75 13.39 -14.81
C ASN D 103 34.93 12.58 -15.79
N ASN D 104 33.71 12.24 -15.39
CA ASN D 104 32.89 11.25 -16.11
C ASN D 104 33.65 10.13 -16.83
N ALA D 105 34.50 9.40 -16.10
CA ALA D 105 35.15 8.22 -16.69
C ALA D 105 34.31 6.97 -16.42
N GLN D 106 34.50 5.98 -17.30
CA GLN D 106 33.97 4.62 -17.22
C GLN D 106 32.47 4.42 -17.33
N TRP D 107 31.72 5.16 -16.51
CA TRP D 107 30.26 5.04 -16.43
C TRP D 107 29.54 5.32 -17.78
N ILE D 108 28.59 4.45 -18.13
CA ILE D 108 27.65 4.73 -19.22
C ILE D 108 26.22 4.76 -18.61
N ASN D 109 25.49 5.83 -18.93
CA ASN D 109 24.18 6.02 -18.35
C ASN D 109 23.13 5.13 -18.98
N LEU D 110 23.02 3.91 -18.44
CA LEU D 110 22.13 2.86 -18.98
C LEU D 110 20.87 2.62 -18.12
N ARG D 111 20.72 3.36 -17.02
CA ARG D 111 19.58 3.16 -16.12
CA ARG D 111 19.59 3.18 -16.11
C ARG D 111 19.04 4.50 -15.61
N ASP D 112 19.14 5.54 -16.43
CA ASP D 112 18.56 6.86 -16.10
C ASP D 112 19.16 7.39 -14.79
N MET D 113 20.49 7.40 -14.76
CA MET D 113 21.24 7.85 -13.59
C MET D 113 22.70 8.02 -13.98
N THR D 114 23.23 9.21 -13.74
CA THR D 114 24.66 9.50 -13.95
C THR D 114 25.47 8.98 -12.76
N PHE D 115 26.80 8.96 -12.93
CA PHE D 115 27.69 8.61 -11.82
C PHE D 115 27.51 9.61 -10.66
N LYS D 116 27.47 10.91 -10.98
CA LYS D 116 27.33 11.91 -9.89
C LYS D 116 26.01 11.75 -9.13
N GLU D 117 24.92 11.36 -9.81
CA GLU D 117 23.63 11.02 -9.19
C GLU D 117 23.77 9.77 -8.35
N TYR D 118 24.59 8.84 -8.83
CA TYR D 118 24.69 7.52 -8.20
C TYR D 118 25.16 7.67 -6.78
N ILE D 119 26.25 8.42 -6.62
CA ILE D 119 26.94 8.53 -5.35
C ILE D 119 26.10 9.23 -4.28
N LYS D 120 25.07 9.98 -4.70
CA LYS D 120 24.15 10.70 -3.78
C LYS D 120 22.86 9.94 -3.49
N SER D 121 22.70 8.77 -4.12
CA SER D 121 21.41 8.10 -4.17
C SER D 121 21.04 7.39 -2.89
N THR D 122 19.75 7.45 -2.57
CA THR D 122 19.19 6.69 -1.47
C THR D 122 18.23 5.56 -1.91
N LYS D 123 18.40 5.08 -3.14
CA LYS D 123 17.79 3.82 -3.56
C LYS D 123 18.28 2.65 -2.68
N THR D 124 17.63 1.48 -2.75
CA THR D 124 18.07 0.37 -1.93
C THR D 124 19.45 -0.08 -2.40
N PRO D 125 20.31 -0.56 -1.48
CA PRO D 125 21.59 -1.08 -1.92
C PRO D 125 21.49 -2.08 -3.05
N ARG D 126 20.50 -2.97 -3.03
CA ARG D 126 20.26 -3.93 -4.09
C ARG D 126 20.11 -3.22 -5.45
N GLU D 127 19.23 -2.23 -5.52
CA GLU D 127 18.97 -1.51 -6.79
C GLU D 127 20.24 -0.84 -7.30
N LEU D 128 20.96 -0.20 -6.37
CA LEU D 128 22.20 0.53 -6.72
C LEU D 128 23.25 -0.47 -7.21
N ALA D 129 23.34 -1.62 -6.55
CA ALA D 129 24.24 -2.68 -7.04
C ALA D 129 24.00 -3.03 -8.48
N MET D 130 22.73 -3.13 -8.85
CA MET D 130 22.32 -3.52 -10.17
C MET D 130 22.49 -2.38 -11.19
N ILE D 131 22.39 -1.13 -10.74
CA ILE D 131 22.61 0.06 -11.61
C ILE D 131 24.12 0.22 -11.84
N PHE D 132 24.92 0.00 -10.77
CA PHE D 132 26.40 0.04 -10.85
C PHE D 132 26.88 -1.07 -11.76
N LEU D 133 26.32 -2.26 -11.59
CA LEU D 133 26.67 -3.39 -12.52
C LEU D 133 26.44 -3.02 -14.01
N ALA D 134 25.26 -2.51 -14.31
CA ALA D 134 24.87 -2.18 -15.70
C ALA D 134 25.58 -0.95 -16.27
N SER D 135 25.93 0.01 -15.41
CA SER D 135 26.53 1.27 -15.82
C SER D 135 28.06 1.35 -15.80
N TYR D 136 28.66 0.87 -14.70
CA TYR D 136 30.09 0.94 -14.53
C TYR D 136 30.76 -0.34 -15.04
N GLU D 137 30.24 -1.48 -14.62
CA GLU D 137 30.96 -2.75 -14.83
C GLU D 137 30.72 -3.34 -16.20
N ARG D 138 29.46 -3.41 -16.61
CA ARG D 138 29.07 -3.87 -17.97
C ARG D 138 29.75 -5.18 -18.37
N PRO D 139 29.49 -6.25 -17.62
CA PRO D 139 30.21 -7.51 -17.79
C PRO D 139 29.69 -8.28 -19.00
N ALA D 140 30.44 -9.27 -19.48
CA ALA D 140 30.00 -10.11 -20.61
C ALA D 140 28.72 -10.91 -20.24
N ASN D 141 28.63 -11.38 -18.99
CA ASN D 141 27.38 -11.96 -18.48
C ASN D 141 26.71 -10.97 -17.54
N PRO D 142 25.48 -10.53 -17.88
CA PRO D 142 24.78 -9.45 -17.20
C PRO D 142 23.98 -9.93 -15.99
N ASN D 143 23.71 -11.23 -15.92
CA ASN D 143 22.79 -11.78 -14.94
C ASN D 143 23.52 -12.16 -13.68
N GLN D 144 23.79 -11.17 -12.82
CA GLN D 144 24.53 -11.40 -11.59
C GLN D 144 23.78 -10.71 -10.43
N PRO D 145 22.55 -11.18 -10.12
CA PRO D 145 21.80 -10.58 -9.03
C PRO D 145 22.45 -10.77 -7.65
N GLU D 146 23.39 -11.70 -7.51
CA GLU D 146 24.08 -11.88 -6.22
C GLU D 146 24.80 -10.59 -5.77
N ARG D 147 25.17 -9.76 -6.75
CA ARG D 147 25.74 -8.45 -6.42
C ARG D 147 24.80 -7.60 -5.54
N GLY D 148 23.48 -7.66 -5.79
CA GLY D 148 22.48 -6.96 -4.95
C GLY D 148 22.37 -7.48 -3.51
N ASP D 149 22.45 -8.80 -3.40
CA ASP D 149 22.37 -9.52 -2.12
C ASP D 149 23.58 -9.11 -1.31
N GLN D 150 24.73 -9.08 -1.97
CA GLN D 150 25.99 -8.74 -1.28
C GLN D 150 25.88 -7.27 -0.82
N ALA D 151 25.36 -6.41 -1.68
CA ALA D 151 25.18 -5.00 -1.32
C ALA D 151 24.33 -4.88 -0.04
N GLU D 152 23.23 -5.65 0.04
CA GLU D 152 22.30 -5.54 1.20
C GLU D 152 22.95 -6.09 2.43
N TYR D 153 23.70 -7.17 2.27
CA TYR D 153 24.54 -7.72 3.37
C TYR D 153 25.52 -6.65 3.93
N TRP D 154 26.28 -5.95 3.09
CA TRP D 154 27.17 -4.93 3.65
C TRP D 154 26.41 -3.76 4.29
N TYR D 155 25.27 -3.37 3.69
CA TYR D 155 24.45 -2.30 4.24
C TYR D 155 23.98 -2.69 5.63
N LYS D 156 23.61 -3.96 5.80
CA LYS D 156 23.14 -4.39 7.10
CA LYS D 156 23.15 -4.49 7.08
C LYS D 156 24.29 -4.50 8.10
N ASN D 157 25.41 -5.07 7.68
CA ASN D 157 26.48 -5.41 8.63
C ASN D 157 27.66 -4.44 8.81
N LEU D 158 27.70 -3.35 8.07
CA LEU D 158 28.75 -2.36 8.28
C LEU D 158 28.26 -1.22 9.19
N SER D 159 29.15 -0.66 10.00
CA SER D 159 28.79 0.37 11.00
C SER D 159 28.84 1.78 10.47
N GLY D 160 28.12 2.69 11.14
CA GLY D 160 28.18 4.13 10.84
C GLY D 160 29.49 4.59 10.21
N LEU D 166 25.45 4.21 16.68
CA LEU D 166 25.56 5.50 17.35
C LEU D 166 25.98 5.33 18.78
N GLN D 167 26.74 6.30 19.31
CA GLN D 167 26.94 6.36 20.77
C GLN D 167 25.79 7.12 21.39
N LEU D 168 25.41 6.71 22.60
CA LEU D 168 24.45 7.48 23.38
C LEU D 168 25.18 8.62 24.10
N ALA D 169 24.58 9.80 24.11
CA ALA D 169 25.17 10.92 24.87
C ALA D 169 24.90 10.69 26.36
N GLN D 170 25.95 10.39 27.12
CA GLN D 170 25.88 10.18 28.57
C GLN D 170 26.18 11.46 29.35
N PHE D 171 25.39 11.71 30.39
CA PHE D 171 25.61 12.89 31.23
C PHE D 171 27.03 12.87 31.85
N PRO D 172 27.79 13.97 31.73
CA PRO D 172 29.20 13.96 32.15
C PRO D 172 29.45 13.60 33.63
N MET D 173 28.55 13.95 34.53
CA MET D 173 28.86 13.78 35.95
C MET D 173 28.09 12.62 36.57
N ASP D 174 28.64 11.99 37.59
CA ASP D 174 27.93 10.84 38.22
C ASP D 174 26.93 11.27 39.26
N ILE D 175 26.84 12.58 39.45
CA ILE D 175 25.87 13.19 40.36
C ILE D 175 25.20 14.39 39.66
N ILE D 176 23.92 14.58 39.96
CA ILE D 176 23.24 15.80 39.53
C ILE D 176 22.76 16.54 40.76
N ASN D 177 23.38 17.69 40.99
CA ASN D 177 23.05 18.56 42.10
C ASN D 177 23.11 19.99 41.61
N ILE D 178 21.93 20.54 41.36
CA ILE D 178 21.83 21.78 40.62
C ILE D 178 21.83 22.96 41.58
N SER D 179 22.73 23.91 41.34
CA SER D 179 22.76 25.15 42.14
C SER D 179 22.04 26.32 41.48
N GLN D 180 21.93 26.30 40.15
CA GLN D 180 21.11 27.27 39.44
C GLN D 180 20.72 26.63 38.12
N GLY D 181 19.41 26.52 37.88
CA GLY D 181 18.88 25.83 36.67
C GLY D 181 18.60 26.72 35.47
N GLU D 182 17.83 26.19 34.52
CA GLU D 182 17.44 26.91 33.32
C GLU D 182 16.62 28.11 33.70
N ASN D 183 16.84 29.25 33.03
CA ASN D 183 16.10 30.49 33.35
C ASN D 183 16.25 30.98 34.79
N GLY D 184 17.34 30.53 35.45
CA GLY D 184 17.71 30.91 36.81
C GLY D 184 17.92 32.41 36.93
N SER D 185 17.47 32.99 38.06
CA SER D 185 17.46 34.47 38.14
C SER D 185 18.77 35.16 38.41
N PHE D 186 19.77 34.50 38.99
CA PHE D 186 21.06 35.19 39.11
C PHE D 186 21.68 35.53 37.75
N SER D 187 21.88 34.51 36.91
CA SER D 187 22.70 34.66 35.69
C SER D 187 22.32 33.74 34.53
N HIS D 188 21.16 33.10 34.63
CA HIS D 188 20.69 32.19 33.58
C HIS D 188 19.39 32.64 32.88
N LYS D 189 18.99 33.89 33.04
CA LYS D 189 17.72 34.35 32.46
CA LYS D 189 17.73 34.36 32.47
C LYS D 189 17.70 34.21 30.94
N GLY D 190 16.72 33.47 30.43
CA GLY D 190 16.54 33.26 28.98
C GLY D 190 17.43 32.17 28.38
N THR D 191 18.19 31.49 29.24
CA THR D 191 19.13 30.45 28.81
C THR D 191 18.70 29.08 29.30
N LEU D 192 19.23 28.05 28.67
CA LEU D 192 19.06 26.68 29.13
C LEU D 192 20.33 26.19 29.86
N CYS D 193 21.09 27.12 30.44
CA CYS D 193 22.30 26.74 31.21
C CYS D 193 21.92 26.16 32.55
N ILE D 194 22.78 25.30 33.05
CA ILE D 194 22.59 24.77 34.39
C ILE D 194 23.95 24.76 35.02
N ASP D 195 24.04 25.25 36.25
CA ASP D 195 25.21 25.11 37.09
C ASP D 195 25.06 23.86 37.95
N PHE D 196 26.08 23.02 37.93
CA PHE D 196 26.08 21.79 38.69
C PHE D 196 27.20 21.81 39.69
N VAL D 197 26.95 21.25 40.86
CA VAL D 197 28.04 21.11 41.82
C VAL D 197 28.31 19.65 41.98
N GLY D 198 29.56 19.30 42.28
CA GLY D 198 29.90 17.92 42.55
C GLY D 198 29.72 17.54 44.02
N LYS D 199 30.21 16.36 44.40
CA LYS D 199 30.28 15.97 45.82
C LYS D 199 31.26 16.86 46.58
N THR D 200 32.38 17.20 45.94
CA THR D 200 33.43 18.03 46.52
C THR D 200 33.84 19.15 45.54
N GLU D 201 34.64 20.11 46.00
CA GLU D 201 35.32 21.05 45.09
C GLU D 201 36.13 20.31 44.03
N LYS D 202 36.37 20.99 42.89
CA LYS D 202 37.01 20.38 41.71
C LYS D 202 36.70 18.89 41.53
N TYR D 203 35.42 18.64 41.25
CA TYR D 203 34.89 17.29 41.09
C TYR D 203 34.88 17.02 39.59
N PRO D 204 35.25 15.80 39.15
CA PRO D 204 35.42 15.54 37.73
C PRO D 204 34.13 15.25 36.98
N TYR D 205 34.16 15.44 35.67
CA TYR D 205 33.11 15.03 34.71
C TYR D 205 33.76 14.56 33.40
N TYR D 206 33.06 13.72 32.65
CA TYR D 206 33.71 12.97 31.59
C TYR D 206 33.01 13.22 30.26
N ALA D 207 33.68 12.84 29.17
CA ALA D 207 33.17 13.03 27.83
C ALA D 207 31.92 12.23 27.59
N PRO D 208 30.83 12.91 27.15
CA PRO D 208 29.51 12.26 26.97
C PRO D 208 29.47 11.35 25.75
N CYS D 209 30.44 11.59 24.87
CA CYS D 209 30.60 10.92 23.58
C CYS D 209 31.96 11.31 22.99
N ASP D 210 32.33 10.70 21.86
CA ASP D 210 33.56 11.05 21.18
C ASP D 210 33.44 12.50 20.76
N CYS D 211 34.46 13.31 21.05
CA CYS D 211 34.31 14.74 20.72
C CYS D 211 35.65 15.43 20.56
N THR D 212 35.61 16.67 20.07
CA THR D 212 36.80 17.47 19.89
C THR D 212 36.62 18.87 20.48
N CYS D 213 37.72 19.45 20.93
CA CYS D 213 37.68 20.78 21.47
C CYS D 213 37.84 21.78 20.33
N VAL D 214 36.88 22.68 20.23
CA VAL D 214 36.74 23.57 19.06
C VAL D 214 36.87 25.07 19.39
N TRP D 215 36.90 25.40 20.68
CA TRP D 215 37.20 26.76 21.15
C TRP D 215 37.70 26.81 22.59
N ARG D 216 38.56 27.76 22.90
CA ARG D 216 39.03 27.98 24.27
CA ARG D 216 39.02 27.98 24.26
C ARG D 216 38.97 29.48 24.62
N GLY D 217 38.21 29.82 25.67
CA GLY D 217 38.13 31.18 26.17
C GLY D 217 38.84 31.24 27.52
N ASP D 218 39.97 31.93 27.56
CA ASP D 218 40.77 32.01 28.79
C ASP D 218 40.19 33.04 29.79
N ALA D 219 39.74 34.19 29.30
CA ALA D 219 39.19 35.24 30.20
C ALA D 219 37.73 35.02 30.61
N SER D 220 37.21 33.82 30.36
CA SER D 220 35.89 33.43 30.83
C SER D 220 35.90 31.95 31.21
N ALA D 221 37.07 31.35 31.08
CA ALA D 221 37.33 29.99 31.53
C ALA D 221 36.29 29.03 31.01
N TYR D 222 36.13 28.97 29.70
CA TYR D 222 35.34 27.90 29.10
C TYR D 222 36.12 27.17 28.01
N LEU D 223 35.70 25.93 27.75
CA LEU D 223 36.15 25.16 26.60
C LEU D 223 34.89 24.76 25.89
N ALA D 224 34.86 24.90 24.58
CA ALA D 224 33.74 24.41 23.81
C ALA D 224 34.11 23.13 23.07
N TRP D 225 33.13 22.22 23.02
CA TRP D 225 33.30 20.92 22.48
C TRP D 225 32.21 20.59 21.49
N THR D 226 32.56 19.76 20.49
CA THR D 226 31.57 19.32 19.47
C THR D 226 31.64 17.80 19.30
N SER D 227 30.51 17.10 19.27
CA SER D 227 30.59 15.65 19.01
C SER D 227 31.24 15.32 17.66
N ASP D 228 32.11 14.30 17.62
CA ASP D 228 32.73 13.86 16.34
C ASP D 228 31.72 13.46 15.28
N LYS D 229 30.66 12.80 15.74
CA LYS D 229 29.61 12.22 14.90
C LYS D 229 28.26 12.53 15.50
N GLU D 230 27.21 12.24 14.75
CA GLU D 230 25.87 12.31 15.33
C GLU D 230 25.77 11.37 16.56
N VAL D 231 24.97 11.76 17.54
CA VAL D 231 24.82 10.89 18.71
C VAL D 231 23.35 10.61 18.99
N MET D 232 23.07 9.56 19.74
CA MET D 232 21.73 9.25 20.19
C MET D 232 21.48 9.99 21.48
N CYS D 233 20.44 10.80 21.48
CA CYS D 233 20.13 11.57 22.68
C CYS D 233 19.22 10.77 23.60
N ALA D 234 19.12 11.19 24.85
CA ALA D 234 18.18 10.56 25.79
C ALA D 234 16.72 10.70 25.35
N ASP D 235 16.38 11.73 24.57
CA ASP D 235 14.98 11.89 24.13
C ASP D 235 14.66 11.09 22.86
N GLY D 236 15.63 10.32 22.39
CA GLY D 236 15.46 9.48 21.22
C GLY D 236 15.95 10.07 19.91
N SER D 237 16.33 11.34 19.94
CA SER D 237 16.72 12.02 18.69
C SER D 237 18.20 11.84 18.37
N VAL D 238 18.48 11.89 17.07
CA VAL D 238 19.83 11.77 16.54
C VAL D 238 20.24 13.10 15.88
N ARG D 239 21.38 13.63 16.32
CA ARG D 239 21.88 14.94 15.90
C ARG D 239 23.34 15.12 16.35
N TYR D 240 24.07 16.05 15.73
CA TYR D 240 25.37 16.43 16.31
C TYR D 240 25.08 17.37 17.46
N ILE D 241 25.99 17.46 18.41
CA ILE D 241 25.78 18.46 19.51
C ILE D 241 27.06 19.20 19.77
N THR D 242 26.93 20.47 20.18
CA THR D 242 28.07 21.16 20.81
C THR D 242 27.74 21.82 22.14
N TRP D 243 28.70 21.83 23.05
CA TRP D 243 28.42 22.31 24.36
C TRP D 243 29.62 23.10 24.86
N VAL D 244 29.43 23.76 26.00
CA VAL D 244 30.51 24.45 26.64
C VAL D 244 30.61 24.02 28.10
N ASN D 245 31.83 23.84 28.56
CA ASN D 245 32.07 23.67 29.98
C ASN D 245 32.81 24.90 30.47
N VAL D 246 32.30 25.51 31.54
CA VAL D 246 32.92 26.72 32.08
C VAL D 246 33.13 26.65 33.59
N HIS D 247 34.21 27.29 34.04
CA HIS D 247 34.53 27.53 35.45
C HIS D 247 35.64 26.63 35.99
N GLU D 248 36.15 25.74 35.16
CA GLU D 248 37.34 24.99 35.53
C GLU D 248 38.57 25.91 35.61
N SER D 249 39.47 25.59 36.53
CA SER D 249 40.76 26.27 36.65
C SER D 249 41.86 25.29 37.09
N PRO D 250 42.96 25.19 36.32
CA PRO D 250 43.17 25.75 34.95
C PRO D 250 42.32 25.04 33.89
N LEU D 251 42.14 25.66 32.73
CA LEU D 251 41.49 24.96 31.63
C LEU D 251 42.38 23.78 31.20
N PRO D 252 41.80 22.58 31.11
CA PRO D 252 42.62 21.36 30.91
C PRO D 252 43.31 21.21 29.56
N PHE D 253 42.64 21.66 28.49
CA PHE D 253 42.98 21.27 27.13
C PHE D 253 43.03 22.46 26.19
N ASP D 254 43.56 22.22 25.00
CA ASP D 254 43.63 23.26 23.96
C ASP D 254 42.77 22.90 22.76
N VAL D 255 42.55 23.89 21.91
CA VAL D 255 41.74 23.69 20.71
C VAL D 255 42.35 22.56 19.87
N GLY D 256 41.48 21.64 19.45
CA GLY D 256 41.89 20.46 18.73
C GLY D 256 41.89 19.15 19.49
N LYS D 257 41.89 19.23 20.82
CA LYS D 257 41.93 18.05 21.69
C LYS D 257 40.84 17.03 21.35
N LYS D 258 41.18 15.75 21.25
CA LYS D 258 40.16 14.74 21.00
C LYS D 258 39.97 13.88 22.23
N LEU D 259 38.72 13.75 22.66
CA LEU D 259 38.38 12.84 23.75
C LEU D 259 37.52 11.71 23.21
N LYS D 260 37.73 10.52 23.76
CA LYS D 260 36.85 9.40 23.50
C LYS D 260 35.78 9.45 24.59
N LYS D 261 34.59 8.92 24.28
CA LYS D 261 33.52 8.83 25.27
C LYS D 261 34.02 8.27 26.60
N GLY D 262 33.72 8.96 27.69
CA GLY D 262 34.14 8.51 28.99
C GLY D 262 35.48 9.01 29.47
N ASP D 263 36.27 9.61 28.58
CA ASP D 263 37.56 10.20 28.95
C ASP D 263 37.31 11.42 29.81
N LEU D 264 38.22 11.67 30.77
CA LEU D 264 38.12 12.85 31.63
C LEU D 264 38.07 14.16 30.84
N MET D 265 37.04 14.98 31.09
CA MET D 265 36.77 16.18 30.30
C MET D 265 36.99 17.49 31.08
N GLY D 266 36.69 17.45 32.35
CA GLY D 266 37.00 18.58 33.17
C GLY D 266 36.70 18.36 34.63
N HIS D 267 36.69 19.47 35.37
CA HIS D 267 36.42 19.49 36.79
C HIS D 267 35.60 20.75 37.12
N THR D 268 34.72 20.68 38.12
CA THR D 268 34.09 21.91 38.68
C THR D 268 35.19 22.91 39.10
N GLY D 269 34.87 24.17 39.32
CA GLY D 269 35.95 25.08 39.74
C GLY D 269 35.51 26.49 40.03
N ILE D 270 36.51 27.39 40.18
CA ILE D 270 36.32 28.81 40.50
C ILE D 270 36.79 29.74 39.36
N GLY D 271 37.10 29.15 38.20
CA GLY D 271 37.58 29.91 37.03
C GLY D 271 36.59 30.92 36.47
N GLY D 272 37.12 32.07 36.06
CA GLY D 272 36.30 33.13 35.45
C GLY D 272 35.36 33.80 36.45
N GLY D 276 31.54 30.55 43.88
CA GLY D 276 31.73 29.26 44.54
C GLY D 276 31.92 28.14 43.53
N ASP D 277 32.44 27.01 43.97
CA ASP D 277 32.88 25.92 43.06
C ASP D 277 31.73 25.27 42.26
N HIS D 278 31.81 25.28 40.92
CA HIS D 278 30.78 24.58 40.13
C HIS D 278 31.14 24.38 38.67
N TRP D 279 30.26 23.68 37.96
CA TRP D 279 30.41 23.48 36.52
C TRP D 279 29.18 24.06 35.82
N HIS D 280 29.39 25.03 34.92
CA HIS D 280 28.33 25.63 34.12
C HIS D 280 28.30 24.90 32.78
N PHE D 281 27.15 24.35 32.44
CA PHE D 281 26.98 23.52 31.24
C PHE D 281 25.89 24.10 30.37
N ASN D 282 26.12 24.09 29.06
CA ASN D 282 25.17 24.60 28.10
C ASN D 282 25.36 23.82 26.80
N VAL D 283 24.29 23.31 26.20
CA VAL D 283 24.46 22.49 24.97
C VAL D 283 23.58 23.07 23.88
N ILE D 284 24.07 23.03 22.64
CA ILE D 284 23.28 23.48 21.50
C ILE D 284 23.20 22.36 20.44
N ASP D 285 22.21 22.49 19.54
CA ASP D 285 22.03 21.60 18.39
C ASP D 285 23.13 21.85 17.34
N GLY D 286 23.59 20.79 16.71
CA GLY D 286 24.54 20.87 15.59
C GLY D 286 26.05 20.77 15.80
N LYS D 287 26.77 20.89 14.69
CA LYS D 287 28.21 20.73 14.70
C LYS D 287 28.99 22.06 14.67
N GLU D 288 28.28 23.17 14.85
CA GLU D 288 28.85 24.51 14.70
C GLU D 288 28.81 25.40 15.97
N TYR D 289 29.96 25.57 16.58
CA TYR D 289 30.14 26.55 17.64
C TYR D 289 30.05 27.96 17.06
N GLN D 290 29.27 28.83 17.71
CA GLN D 290 28.97 30.14 17.16
C GLN D 290 29.11 31.22 18.22
N GLY D 291 30.03 31.00 19.15
CA GLY D 291 30.25 31.96 20.23
C GLY D 291 29.04 32.16 21.08
N TRP D 292 28.87 33.38 21.54
CA TRP D 292 27.98 33.64 22.66
C TRP D 292 26.91 34.68 22.37
N THR D 293 25.84 34.63 23.16
CA THR D 293 24.82 35.65 23.11
C THR D 293 24.32 36.03 24.50
N LYS D 294 23.44 37.03 24.52
CA LYS D 294 22.72 37.44 25.71
C LYS D 294 21.29 37.06 25.46
N LYS D 295 20.47 36.99 26.50
CA LYS D 295 19.09 36.56 26.30
C LYS D 295 18.08 36.86 27.42
N PRO D 296 18.34 37.79 28.38
CA PRO D 296 19.38 38.80 28.70
C PRO D 296 20.66 38.27 29.37
N ASP D 297 20.67 36.99 29.76
CA ASP D 297 21.88 36.44 30.38
C ASP D 297 22.67 35.64 29.37
N SER D 298 23.92 35.36 29.73
CA SER D 298 24.93 34.83 28.83
C SER D 298 24.67 33.37 28.49
N CYS D 299 24.75 33.04 27.21
CA CYS D 299 24.68 31.63 26.81
C CYS D 299 25.32 31.45 25.45
N LEU D 300 25.44 30.21 25.01
CA LEU D 300 25.95 29.95 23.68
C LEU D 300 24.95 30.38 22.61
N ALA D 301 25.46 30.91 21.51
CA ALA D 301 24.62 31.29 20.38
C ALA D 301 24.22 30.04 19.60
N GLY D 302 23.12 30.16 18.87
CA GLY D 302 22.58 29.03 18.12
C GLY D 302 21.40 28.46 18.84
N THR D 303 21.04 27.21 18.55
CA THR D 303 19.81 26.66 19.13
C THR D 303 20.07 25.90 20.44
N GLU D 304 19.71 26.50 21.57
CA GLU D 304 19.87 25.80 22.87
C GLU D 304 18.95 24.59 23.04
N LEU D 305 19.48 23.49 23.59
CA LEU D 305 18.68 22.28 23.85
C LEU D 305 18.65 22.02 25.34
N HIS D 306 17.64 21.32 25.81
CA HIS D 306 17.62 20.99 27.22
C HIS D 306 18.64 19.89 27.52
N ILE D 307 19.47 20.12 28.53
CA ILE D 307 20.50 19.16 28.87
C ILE D 307 19.87 17.77 29.15
N TYR D 308 18.68 17.78 29.75
CA TYR D 308 18.03 16.54 30.17
C TYR D 308 17.32 15.77 29.06
N ASP D 309 17.11 16.46 27.96
CA ASP D 309 16.71 15.84 26.71
C ASP D 309 17.90 15.28 25.94
N VAL D 310 19.05 15.91 26.06
CA VAL D 310 20.24 15.45 25.32
C VAL D 310 20.96 14.26 26.01
N PHE D 311 21.25 14.40 27.30
CA PHE D 311 22.14 13.46 28.00
C PHE D 311 21.37 12.51 28.89
N ALA D 312 21.67 11.19 28.78
CA ALA D 312 21.08 10.13 29.61
C ALA D 312 21.76 10.08 30.98
N VAL D 313 20.99 9.78 32.02
CA VAL D 313 21.52 9.76 33.35
C VAL D 313 21.56 8.33 33.91
N ASN D 314 21.78 7.33 33.04
CA ASN D 314 22.15 6.00 33.49
C ASN D 314 23.27 6.10 34.55
N ASN D 315 23.11 5.39 35.66
CA ASN D 315 24.12 5.33 36.72
C ASN D 315 24.56 6.72 37.28
N VAL D 316 23.61 7.66 37.37
CA VAL D 316 23.80 9.01 37.95
C VAL D 316 22.95 9.10 39.23
N GLU D 317 23.55 9.61 40.29
CA GLU D 317 22.82 9.88 41.52
C GLU D 317 22.19 11.25 41.41
N ILE D 318 20.85 11.31 41.40
CA ILE D 318 20.17 12.59 41.36
C ILE D 318 19.86 13.13 42.75
N ILE D 319 20.54 14.20 43.12
CA ILE D 319 20.34 14.74 44.47
C ILE D 319 19.45 15.98 44.46
N ASN D 320 19.59 16.79 43.41
CA ASN D 320 18.77 17.98 43.17
C ASN D 320 18.96 18.20 41.68
N GLY D 321 18.24 17.61 40.72
CA GLY D 321 16.84 17.46 40.64
C GLY D 321 16.36 18.63 39.77
N ASN D 322 15.93 19.65 40.48
CA ASN D 322 15.15 20.75 39.91
C ASN D 322 13.87 20.29 39.17
N GLY D 323 13.51 19.02 39.33
CA GLY D 323 12.26 18.48 38.78
C GLY D 323 12.24 18.29 37.26
N TYR D 324 13.38 18.49 36.62
CA TYR D 324 13.47 18.33 35.17
C TYR D 324 13.20 16.88 34.83
N ASP D 325 12.92 16.61 33.56
CA ASP D 325 12.65 15.23 33.10
C ASP D 325 13.96 14.46 32.82
N TRP D 326 14.75 14.22 33.85
CA TRP D 326 15.97 13.42 33.71
C TRP D 326 15.57 11.97 33.38
N LYS D 327 16.27 11.38 32.44
CA LYS D 327 15.96 10.02 32.02
C LYS D 327 17.15 9.21 31.60
N THR D 328 16.97 7.90 31.78
CA THR D 328 17.89 6.87 31.35
C THR D 328 17.50 6.45 29.92
N SER D 329 18.41 5.76 29.25
CA SER D 329 18.14 5.23 27.93
C SER D 329 18.71 3.83 27.87
N ASP D 330 18.04 2.92 27.19
CA ASP D 330 18.68 1.64 27.04
C ASP D 330 19.34 1.51 25.67
N TRP D 331 19.85 2.63 25.15
CA TRP D 331 20.61 2.57 23.91
C TRP D 331 21.96 1.92 24.18
N GLN D 332 22.33 1.00 23.30
CA GLN D 332 23.63 0.35 23.43
C GLN D 332 24.59 0.92 22.36
N ASP D 333 25.78 1.33 22.80
CA ASP D 333 26.79 1.98 21.93
C ASP D 333 27.32 1.10 20.81
N GLY D 334 27.73 1.73 19.72
CA GLY D 334 28.25 1.01 18.55
C GLY D 334 27.12 0.26 17.86
ZN ZN E . -24.72 -28.77 -35.42
ZN ZN F . 15.56 -14.33 -37.57
ZN ZN G . -14.30 14.73 37.44
ZN ZN H . 25.88 29.41 35.20
#